data_3NFB
#
_entry.id   3NFB
#
_cell.length_a   88.300
_cell.length_b   97.100
_cell.length_c   102.200
_cell.angle_alpha   90.00
_cell.angle_beta   108.70
_cell.angle_gamma   90.00
#
_symmetry.space_group_name_H-M   'P 1 21 1'
#
loop_
_entity.id
_entity.type
_entity.pdbx_description
1 polymer 'Beta-peptidyl aminopeptidase'
2 non-polymer GLYCEROL
3 non-polymer '(2S,4S)-2-[(R)-{[(2R)-2-amino-2-phenylacetyl]amino}(carboxy)methyl]-5,5-dimethyl-1,3-thiazolidine-4-carboxylic acid'
4 non-polymer 'SULFATE ION'
5 water water
#
_entity_poly.entity_id   1
_entity_poly.type   'polypeptide(L)'
_entity_poly.pdbx_seq_one_letter_code
;GPRARDLGVPFEGTPGALNAITDVAGVEVGHTTVISGDGAMVIGKGPYRTGVTIIHPLGKTSLDGVAAGRAVINGTGEWT
GMHLVDEVGQFLGPIALTGTGNVGLVHQSMMDWSVGKVPEEALFSRLLPVVAETLDNRLNDVFGHGLTRDHVFAALDGAK
GGPVAEGNVGGGTGMIAYTFKGGIGTSSRVVSAGDTRYTVGVLVQANHGDRNDLRIAGVQIGKEIKGAWPEVNGIVAAGP
DAGKPQDKNSLLIVIATDAPLMPHQLERMARRAALGVGRNGSTAGALSGEFALAFSTSHVIPLGGKPRLPAIINDTDSET
MNALFRGVVQATEEALVNQLVASETMTGANNAKVYGIPHDQLARIMKARFPRR
;
_entity_poly.pdbx_strand_id   A,B,C,D
#
# COMPACT_ATOMS: atom_id res chain seq x y z
N GLY A 1 12.72 35.16 17.49
CA GLY A 1 12.29 35.44 18.84
C GLY A 1 12.21 34.18 19.69
N PRO A 2 11.30 34.17 20.67
CA PRO A 2 11.10 33.00 21.54
C PRO A 2 10.66 31.77 20.77
N ARG A 3 11.13 30.59 21.20
CA ARG A 3 10.57 29.32 20.74
C ARG A 3 9.65 28.73 21.82
N ALA A 4 9.04 27.57 21.56
CA ALA A 4 7.99 27.09 22.47
C ALA A 4 8.48 26.92 23.91
N ARG A 5 9.66 26.33 24.08
CA ARG A 5 10.23 26.11 25.41
C ARG A 5 10.42 27.44 26.16
N ASP A 6 10.71 28.50 25.41
CA ASP A 6 10.97 29.82 25.99
C ASP A 6 9.71 30.46 26.58
N LEU A 7 8.54 30.00 26.13
CA LEU A 7 7.27 30.49 26.65
C LEU A 7 6.69 29.56 27.71
N GLY A 8 7.49 28.62 28.17
CA GLY A 8 7.09 27.75 29.26
C GLY A 8 6.38 26.47 28.85
N VAL A 9 6.31 26.18 27.55
CA VAL A 9 5.77 24.89 27.11
C VAL A 9 6.74 23.74 27.43
N PRO A 10 6.28 22.75 28.19
CA PRO A 10 7.12 21.59 28.49
C PRO A 10 7.01 20.51 27.42
N PHE A 11 8.10 19.78 27.19
CA PHE A 11 8.10 18.64 26.28
C PHE A 11 8.95 17.53 26.89
N GLU A 12 8.71 16.30 26.45
CA GLU A 12 9.49 15.15 26.91
C GLU A 12 10.71 14.91 26.01
N GLY A 13 11.74 14.28 26.54
CA GLY A 13 12.92 13.89 25.77
C GLY A 13 14.03 14.93 25.79
N THR A 14 15.12 14.63 25.08
CA THR A 14 16.29 15.51 25.04
C THR A 14 16.52 16.07 23.62
N PRO A 15 16.33 17.39 23.44
CA PRO A 15 16.55 17.96 22.12
C PRO A 15 18.03 18.02 21.78
N GLY A 16 18.34 18.06 20.49
CA GLY A 16 19.70 18.34 20.04
C GLY A 16 20.16 19.76 20.35
N ALA A 17 21.40 20.07 20.03
CA ALA A 17 22.00 21.37 20.32
C ALA A 17 21.23 22.53 19.71
N LEU A 18 20.85 22.37 18.44
CA LEU A 18 20.12 23.38 17.70
C LEU A 18 18.61 23.25 17.92
N ASN A 19 18.19 22.09 18.42
CA ASN A 19 16.76 21.72 18.44
C ASN A 19 16.14 21.95 17.05
N ALA A 20 16.73 21.31 16.04
CA ALA A 20 16.30 21.52 14.65
C ALA A 20 16.72 20.34 13.80
N ILE A 21 16.18 20.25 12.59
CA ILE A 21 16.50 19.14 11.69
C ILE A 21 17.99 19.10 11.35
N THR A 22 18.63 20.28 11.36
CA THR A 22 20.06 20.39 11.08
C THR A 22 20.96 19.87 12.20
N ASP A 23 20.36 19.42 13.29
CA ASP A 23 21.11 18.65 14.31
C ASP A 23 21.61 17.33 13.74
N VAL A 24 20.98 16.89 12.64
CA VAL A 24 21.49 15.78 11.85
C VAL A 24 22.58 16.31 10.91
N ALA A 25 23.82 15.89 11.14
CA ALA A 25 24.97 16.51 10.47
C ALA A 25 24.90 16.40 8.96
N GLY A 26 25.22 17.49 8.27
CA GLY A 26 25.27 17.50 6.82
C GLY A 26 23.98 17.95 6.13
N VAL A 27 22.86 17.88 6.83
CA VAL A 27 21.60 18.40 6.29
C VAL A 27 21.68 19.92 6.15
N GLU A 28 21.23 20.45 5.01
CA GLU A 28 21.17 21.90 4.77
C GLU A 28 19.75 22.37 4.44
N VAL A 29 19.35 23.51 5.01
CA VAL A 29 18.02 24.09 4.77
C VAL A 29 18.13 25.51 4.24
N GLY A 30 17.32 25.82 3.23
CA GLY A 30 17.28 27.17 2.68
C GLY A 30 15.86 27.62 2.43
N HIS A 31 15.59 28.92 2.57
CA HIS A 31 14.25 29.46 2.30
C HIS A 31 14.33 30.61 1.29
N THR A 32 13.34 30.71 0.41
CA THR A 32 13.06 31.97 -0.26
C THR A 32 11.65 32.40 0.11
N THR A 33 11.52 33.60 0.66
CA THR A 33 10.26 34.11 1.16
C THR A 33 9.78 35.26 0.27
N VAL A 34 8.55 35.13 -0.25
CA VAL A 34 8.02 36.12 -1.20
C VAL A 34 6.82 36.84 -0.62
N ILE A 35 7.03 38.07 -0.19
CA ILE A 35 5.98 38.87 0.42
C ILE A 35 5.95 40.21 -0.31
N SER A 36 4.91 40.43 -1.10
CA SER A 36 4.78 41.71 -1.82
C SER A 36 3.32 42.03 -2.16
N GLY A 37 3.00 43.32 -2.21
CA GLY A 37 1.65 43.74 -2.51
C GLY A 37 0.74 43.76 -1.29
N ASP A 38 -0.36 44.51 -1.39
CA ASP A 38 -1.34 44.62 -0.33
C ASP A 38 -2.72 44.82 -0.97
N GLY A 39 -3.77 44.47 -0.24
CA GLY A 39 -5.13 44.75 -0.67
C GLY A 39 -5.75 43.72 -1.60
N ALA A 40 -6.68 44.18 -2.42
CA ALA A 40 -7.50 43.29 -3.24
C ALA A 40 -6.66 42.44 -4.20
N MET A 41 -6.99 41.16 -4.26
CA MET A 41 -6.27 40.23 -5.13
C MET A 41 -6.78 40.26 -6.57
N VAL A 42 -5.83 40.31 -7.51
CA VAL A 42 -6.12 40.12 -8.93
C VAL A 42 -5.21 39.01 -9.43
N ILE A 43 -5.79 37.96 -9.99
CA ILE A 43 -4.99 36.81 -10.40
C ILE A 43 -3.93 37.21 -11.42
N GLY A 44 -2.67 36.99 -11.05
CA GLY A 44 -1.55 37.37 -11.90
C GLY A 44 -0.86 38.63 -11.42
N LYS A 45 -1.41 39.26 -10.39
CA LYS A 45 -0.87 40.53 -9.91
C LYS A 45 -0.61 40.54 -8.41
N GLY A 46 -0.91 39.44 -7.72
CA GLY A 46 -0.79 39.40 -6.27
C GLY A 46 -2.00 39.97 -5.56
N PRO A 47 -1.87 40.27 -4.25
CA PRO A 47 -0.64 40.18 -3.46
C PRO A 47 -0.09 38.76 -3.33
N TYR A 48 1.21 38.66 -3.09
CA TYR A 48 1.89 37.37 -2.93
C TYR A 48 2.35 37.17 -1.50
N ARG A 49 2.06 35.99 -0.96
CA ARG A 49 2.57 35.53 0.33
C ARG A 49 2.88 34.06 0.16
N THR A 50 4.02 33.77 -0.45
CA THR A 50 4.38 32.40 -0.80
C THR A 50 5.90 32.24 -0.72
N GLY A 51 6.42 31.10 -1.18
CA GLY A 51 7.86 30.87 -1.12
C GLY A 51 8.21 29.41 -1.32
N VAL A 52 9.47 29.08 -1.07
CA VAL A 52 9.90 27.70 -1.17
C VAL A 52 10.96 27.39 -0.11
N THR A 53 10.89 26.19 0.46
CA THR A 53 11.89 25.71 1.41
C THR A 53 12.61 24.53 0.78
N ILE A 54 13.94 24.49 0.89
CA ILE A 54 14.75 23.45 0.30
C ILE A 54 15.48 22.70 1.43
N ILE A 55 15.48 21.38 1.36
CA ILE A 55 16.27 20.58 2.31
C ILE A 55 17.21 19.67 1.50
N HIS A 56 18.52 19.89 1.61
CA HIS A 56 19.50 19.00 0.99
C HIS A 56 19.88 17.94 2.01
N PRO A 57 19.48 16.68 1.79
CA PRO A 57 19.75 15.64 2.80
C PRO A 57 21.24 15.45 3.08
N LEU A 58 22.08 15.62 2.07
CA LEU A 58 23.53 15.39 2.20
C LEU A 58 24.30 16.63 1.76
N GLY A 59 23.62 17.77 1.71
CA GLY A 59 24.27 19.00 1.28
C GLY A 59 24.11 19.27 -0.20
N LYS A 60 24.24 20.54 -0.57
CA LYS A 60 23.92 20.98 -1.94
C LYS A 60 24.83 20.42 -3.03
N THR A 61 26.02 19.96 -2.67
CA THR A 61 26.94 19.45 -3.69
C THR A 61 26.86 17.94 -3.93
N SER A 62 26.07 17.26 -3.12
CA SER A 62 25.96 15.79 -3.23
C SER A 62 25.21 15.34 -4.48
N LEU A 63 25.76 14.34 -5.17
CA LEU A 63 25.06 13.67 -6.27
C LEU A 63 24.46 12.33 -5.83
N ASP A 64 24.64 11.98 -4.55
CA ASP A 64 24.25 10.65 -4.08
C ASP A 64 22.80 10.60 -3.59
N GLY A 65 22.30 9.38 -3.45
CA GLY A 65 20.95 9.20 -2.92
C GLY A 65 20.97 8.88 -1.43
N VAL A 66 19.84 9.10 -0.76
CA VAL A 66 19.69 8.72 0.64
C VAL A 66 18.62 7.64 0.75
N ALA A 67 18.82 6.68 1.64
CA ALA A 67 17.75 5.71 1.91
C ALA A 67 16.53 6.47 2.44
N ALA A 68 15.33 6.08 2.01
CA ALA A 68 14.13 6.84 2.35
C ALA A 68 12.87 5.98 2.41
N GLY A 69 11.89 6.42 3.20
CA GLY A 69 10.57 5.78 3.23
C GLY A 69 9.49 6.77 3.62
N ARG A 70 8.24 6.54 3.20
CA ARG A 70 7.20 7.55 3.44
C ARG A 70 5.96 6.97 4.11
N ALA A 71 5.09 7.87 4.57
CA ALA A 71 3.80 7.49 5.13
C ALA A 71 2.74 8.53 4.76
N VAL A 72 1.49 8.12 4.67
CA VAL A 72 0.39 9.04 4.34
C VAL A 72 -0.64 9.03 5.46
N ILE A 73 -0.97 10.20 5.99
CA ILE A 73 -2.06 10.31 6.94
C ILE A 73 -3.36 10.57 6.17
N ASN A 74 -3.33 11.53 5.25
CA ASN A 74 -4.46 11.80 4.34
C ASN A 74 -3.87 12.35 3.03
N GLY A 75 -4.06 11.64 1.91
CA GLY A 75 -3.28 11.92 0.71
C GLY A 75 -3.86 12.92 -0.29
N THR A 76 -4.71 13.85 0.17
CA THR A 76 -5.22 14.90 -0.72
C THR A 76 -4.20 16.03 -0.91
N GLY A 77 -3.19 15.77 -1.73
CA GLY A 77 -2.12 16.73 -1.96
C GLY A 77 -1.11 16.18 -2.93
N GLU A 78 -0.04 16.94 -3.21
CA GLU A 78 1.00 16.47 -4.12
C GLU A 78 2.34 16.37 -3.39
N TRP A 79 3.07 15.33 -3.74
CA TRP A 79 4.45 15.15 -3.27
C TRP A 79 5.13 14.28 -4.33
N THR A 80 5.95 14.91 -5.17
CA THR A 80 6.57 14.19 -6.29
C THR A 80 7.81 13.42 -5.81
N GLY A 81 8.25 12.45 -6.61
CA GLY A 81 9.40 11.63 -6.25
C GLY A 81 9.01 10.48 -5.35
N MET A 82 7.72 10.38 -5.00
CA MET A 82 7.31 9.37 -4.03
C MET A 82 7.09 7.96 -4.60
N HIS A 83 6.71 7.83 -5.86
CA HIS A 83 6.68 6.50 -6.48
C HIS A 83 8.11 5.92 -6.47
N LEU A 84 9.09 6.78 -6.78
CA LEU A 84 10.50 6.38 -6.76
C LEU A 84 10.90 5.83 -5.38
N VAL A 85 10.62 6.61 -4.34
CA VAL A 85 10.88 6.20 -2.96
C VAL A 85 10.21 4.86 -2.60
N ASP A 86 8.93 4.72 -2.94
CA ASP A 86 8.22 3.48 -2.70
C ASP A 86 8.87 2.31 -3.42
N GLU A 87 9.38 2.54 -4.62
CA GLU A 87 9.93 1.44 -5.41
C GLU A 87 11.35 1.05 -4.99
N VAL A 88 12.27 2.01 -5.05
CA VAL A 88 13.69 1.70 -4.84
C VAL A 88 14.29 2.13 -3.49
N GLY A 89 13.46 2.71 -2.62
CA GLY A 89 13.86 3.06 -1.28
C GLY A 89 14.91 4.16 -1.14
N GLN A 90 14.97 5.06 -2.12
CA GLN A 90 15.89 6.17 -2.06
C GLN A 90 15.39 7.30 -2.95
N PHE A 91 15.90 8.50 -2.73
CA PHE A 91 15.68 9.59 -3.68
C PHE A 91 16.97 10.39 -3.86
N LEU A 92 17.11 10.99 -5.04
CA LEU A 92 18.23 11.85 -5.37
C LEU A 92 17.80 13.30 -5.26
N GLY A 93 18.77 14.19 -4.98
CA GLY A 93 18.50 15.61 -5.01
C GLY A 93 17.78 16.10 -3.77
N PRO A 94 17.40 17.39 -3.77
CA PRO A 94 16.83 18.08 -2.61
C PRO A 94 15.33 17.80 -2.45
N ILE A 95 14.80 18.07 -1.27
CA ILE A 95 13.36 18.13 -1.05
C ILE A 95 12.91 19.60 -1.14
N ALA A 96 11.89 19.89 -1.94
CA ALA A 96 11.31 21.23 -1.96
C ALA A 96 9.91 21.22 -1.36
N LEU A 97 9.65 22.13 -0.43
CA LEU A 97 8.30 22.30 0.15
C LEU A 97 7.81 23.68 -0.29
N THR A 98 6.58 23.76 -0.79
CA THR A 98 6.15 25.02 -1.39
C THR A 98 4.62 25.16 -1.38
N GLY A 99 4.10 26.24 -1.96
CA GLY A 99 2.67 26.41 -2.14
C GLY A 99 2.17 25.66 -3.37
N THR A 100 0.92 25.20 -3.33
CA THR A 100 0.37 24.36 -4.38
C THR A 100 0.54 24.93 -5.79
N GLY A 101 0.35 26.25 -5.92
CA GLY A 101 0.40 26.87 -7.23
C GLY A 101 1.80 26.87 -7.84
N ASN A 102 2.80 26.53 -7.04
CA ASN A 102 4.20 26.64 -7.46
C ASN A 102 4.85 25.33 -7.87
N VAL A 103 4.12 24.22 -7.75
CA VAL A 103 4.72 22.88 -7.88
C VAL A 103 5.45 22.66 -9.19
N GLY A 104 4.79 22.96 -10.32
CA GLY A 104 5.39 22.74 -11.62
C GLY A 104 6.62 23.62 -11.89
N LEU A 105 6.55 24.89 -11.51
CA LEU A 105 7.68 25.81 -11.64
C LEU A 105 8.89 25.32 -10.83
N VAL A 106 8.66 24.88 -9.61
CA VAL A 106 9.74 24.39 -8.75
C VAL A 106 10.36 23.12 -9.36
N HIS A 107 9.50 22.23 -9.82
CA HIS A 107 9.91 20.97 -10.43
C HIS A 107 10.86 21.20 -11.63
N GLN A 108 10.44 22.04 -12.57
CA GLN A 108 11.29 22.35 -13.72
C GLN A 108 12.56 23.14 -13.33
N SER A 109 12.44 24.05 -12.36
CA SER A 109 13.59 24.82 -11.91
C SER A 109 14.67 23.92 -11.30
N MET A 110 14.25 22.86 -10.63
CA MET A 110 15.21 21.92 -10.05
C MET A 110 15.98 21.18 -11.13
N MET A 111 15.29 20.82 -12.22
CA MET A 111 15.99 20.26 -13.38
C MET A 111 16.98 21.27 -13.96
N ASP A 112 16.52 22.48 -14.24
CA ASP A 112 17.39 23.55 -14.78
C ASP A 112 18.62 23.76 -13.91
N TRP A 113 18.42 23.75 -12.59
CA TRP A 113 19.51 23.95 -11.64
C TRP A 113 20.64 22.93 -11.82
N SER A 114 20.29 21.69 -12.19
CA SER A 114 21.28 20.64 -12.36
C SER A 114 22.13 20.82 -13.63
N VAL A 115 21.57 21.46 -14.64
CA VAL A 115 22.29 21.67 -15.89
C VAL A 115 23.49 22.57 -15.63
N GLY A 116 24.69 22.07 -15.94
CA GLY A 116 25.91 22.81 -15.69
C GLY A 116 26.61 22.46 -14.39
N LYS A 117 25.89 21.85 -13.46
CA LYS A 117 26.44 21.46 -12.15
C LYS A 117 26.68 19.97 -12.07
N VAL A 118 25.99 19.23 -12.93
CA VAL A 118 26.02 17.79 -12.89
C VAL A 118 26.56 17.26 -14.21
N PRO A 119 27.55 16.35 -14.14
CA PRO A 119 28.09 15.75 -15.37
C PRO A 119 26.96 15.26 -16.27
N GLU A 120 27.04 15.56 -17.56
CA GLU A 120 26.02 15.14 -18.51
C GLU A 120 25.67 13.67 -18.29
N GLU A 121 26.66 12.88 -17.92
CA GLU A 121 26.48 11.46 -17.67
C GLU A 121 25.45 11.20 -16.56
N ALA A 122 25.43 12.08 -15.58
CA ALA A 122 24.59 11.88 -14.40
C ALA A 122 23.28 12.66 -14.42
N LEU A 123 23.03 13.40 -15.49
CA LEU A 123 21.84 14.25 -15.56
C LEU A 123 20.53 13.48 -15.39
N PHE A 124 20.46 12.26 -15.93
CA PHE A 124 19.21 11.51 -15.85
C PHE A 124 18.77 11.28 -14.40
N SER A 125 19.73 11.27 -13.47
CA SER A 125 19.43 11.04 -12.06
C SER A 125 18.78 12.26 -11.41
N ARG A 126 18.70 13.36 -12.16
CA ARG A 126 18.12 14.61 -11.64
C ARG A 126 16.70 14.83 -12.18
N LEU A 127 16.15 13.81 -12.82
CA LEU A 127 14.88 13.94 -13.54
C LEU A 127 13.61 13.60 -12.77
N LEU A 128 13.75 13.19 -11.51
CA LEU A 128 12.60 12.94 -10.63
C LEU A 128 12.67 13.77 -9.33
N PRO A 129 12.74 15.10 -9.47
CA PRO A 129 12.83 15.94 -8.28
C PRO A 129 11.66 15.77 -7.32
N VAL A 130 11.95 16.07 -6.05
CA VAL A 130 11.01 15.84 -4.97
C VAL A 130 10.42 17.16 -4.54
N VAL A 131 9.13 17.34 -4.80
CA VAL A 131 8.46 18.61 -4.56
C VAL A 131 7.08 18.37 -3.94
N ALA A 132 6.76 19.10 -2.87
CA ALA A 132 5.53 18.87 -2.12
C ALA A 132 4.86 20.19 -1.76
N GLU A 133 3.55 20.19 -1.56
CA GLU A 133 2.79 21.43 -1.38
C GLU A 133 1.74 21.41 -0.26
N THR A 134 1.46 22.60 0.27
CA THR A 134 0.21 22.89 0.96
C THR A 134 -0.35 24.18 0.34
N LEU A 135 -1.63 24.46 0.53
CA LEU A 135 -2.30 25.54 -0.21
C LEU A 135 -2.39 26.85 0.59
N ASP A 136 -1.77 27.90 0.07
CA ASP A 136 -1.81 29.21 0.72
C ASP A 136 -2.90 30.12 0.13
N ASN A 137 -4.11 29.59 -0.02
CA ASN A 137 -5.14 30.27 -0.81
C ASN A 137 -5.82 31.47 -0.15
N ARG A 138 -5.74 31.56 1.18
CA ARG A 138 -6.38 32.68 1.86
C ARG A 138 -5.52 33.95 1.84
N LEU A 139 -4.20 33.77 1.83
CA LEU A 139 -3.27 34.89 1.94
C LEU A 139 -2.50 35.20 0.66
N ASN A 140 -2.52 34.29 -0.30
CA ASN A 140 -1.66 34.37 -1.49
C ASN A 140 -2.42 34.26 -2.82
N ASP A 141 -1.91 34.95 -3.84
CA ASP A 141 -2.39 34.80 -5.22
C ASP A 141 -1.81 33.53 -5.82
N VAL A 142 -2.48 32.41 -5.52
CA VAL A 142 -2.01 31.05 -5.84
C VAL A 142 -1.61 30.83 -7.30
N PHE A 143 -2.49 31.23 -8.22
CA PHE A 143 -2.30 31.00 -9.66
C PHE A 143 -1.48 32.09 -10.36
N GLY A 144 -1.04 33.10 -9.61
CA GLY A 144 -0.54 34.33 -10.20
C GLY A 144 0.94 34.40 -10.54
N HIS A 145 1.63 33.26 -10.47
CA HIS A 145 3.04 33.17 -10.85
C HIS A 145 3.93 34.10 -10.03
N GLY A 146 3.72 34.12 -8.71
CA GLY A 146 4.52 34.97 -7.83
C GLY A 146 5.91 34.42 -7.59
N LEU A 147 6.07 33.10 -7.70
CA LEU A 147 7.36 32.46 -7.50
C LEU A 147 8.12 32.32 -8.83
N THR A 148 9.40 32.73 -8.84
CA THR A 148 10.19 32.66 -10.06
C THR A 148 11.30 31.61 -9.98
N ARG A 149 11.86 31.27 -11.14
CA ARG A 149 12.99 30.35 -11.17
C ARG A 149 14.15 30.88 -10.32
N ASP A 150 14.38 32.19 -10.37
CA ASP A 150 15.43 32.80 -9.55
C ASP A 150 15.22 32.60 -8.05
N HIS A 151 13.97 32.68 -7.60
CA HIS A 151 13.62 32.40 -6.20
C HIS A 151 14.03 30.99 -5.81
N VAL A 152 13.77 30.03 -6.70
CA VAL A 152 14.10 28.64 -6.42
C VAL A 152 15.63 28.43 -6.38
N PHE A 153 16.33 29.00 -7.36
CA PHE A 153 17.79 28.93 -7.38
C PHE A 153 18.38 29.49 -6.10
N ALA A 154 17.84 30.61 -5.63
CA ALA A 154 18.34 31.26 -4.43
C ALA A 154 18.24 30.37 -3.20
N ALA A 155 17.11 29.66 -3.05
CA ALA A 155 16.94 28.74 -1.92
C ALA A 155 17.85 27.53 -2.06
N LEU A 156 17.99 27.01 -3.28
CA LEU A 156 18.87 25.87 -3.51
C LEU A 156 20.32 26.21 -3.18
N ASP A 157 20.76 27.39 -3.62
CA ASP A 157 22.16 27.81 -3.48
C ASP A 157 22.47 28.40 -2.10
N GLY A 158 21.46 28.94 -1.43
CA GLY A 158 21.66 29.61 -0.16
C GLY A 158 21.48 28.71 1.05
N ALA A 159 21.07 27.47 0.81
CA ALA A 159 20.81 26.53 1.90
C ALA A 159 22.07 26.29 2.73
N LYS A 160 21.89 26.07 4.03
CA LYS A 160 23.02 25.82 4.94
C LYS A 160 22.61 25.06 6.20
N GLY A 161 23.62 24.57 6.93
CA GLY A 161 23.37 23.94 8.23
C GLY A 161 23.21 25.05 9.28
N GLY A 162 23.29 24.68 10.56
CA GLY A 162 23.08 25.63 11.63
C GLY A 162 21.60 25.93 11.85
N PRO A 163 21.30 26.96 12.66
CA PRO A 163 19.91 27.26 12.98
C PRO A 163 19.02 27.49 11.74
N VAL A 164 17.80 26.98 11.84
CA VAL A 164 16.81 27.04 10.76
C VAL A 164 15.79 28.08 11.13
N ALA A 165 15.56 29.03 10.22
CA ALA A 165 14.52 30.02 10.46
C ALA A 165 13.15 29.37 10.43
N GLU A 166 12.30 29.78 11.37
CA GLU A 166 10.93 29.23 11.48
C GLU A 166 9.88 30.31 11.25
N GLY A 167 8.62 29.91 11.12
CA GLY A 167 7.52 30.85 11.02
C GLY A 167 7.08 31.14 9.60
N ASN A 168 6.85 32.42 9.30
CA ASN A 168 6.35 32.81 7.99
C ASN A 168 7.48 32.92 6.96
N VAL A 169 8.12 31.80 6.63
CA VAL A 169 9.26 31.82 5.73
C VAL A 169 9.15 30.67 4.73
N GLY A 170 9.83 30.81 3.61
CA GLY A 170 9.89 29.75 2.61
C GLY A 170 8.50 29.27 2.19
N GLY A 171 8.35 27.94 2.10
CA GLY A 171 7.07 27.35 1.73
C GLY A 171 5.95 27.63 2.71
N GLY A 172 6.31 27.96 3.96
CA GLY A 172 5.32 28.19 4.99
C GLY A 172 4.75 29.60 5.04
N THR A 173 5.33 30.50 4.26
CA THR A 173 5.01 31.94 4.33
C THR A 173 3.51 32.29 4.45
N GLY A 174 2.70 31.74 3.56
CA GLY A 174 1.29 32.10 3.47
C GLY A 174 0.32 31.12 4.10
N MET A 175 0.84 30.24 4.96
CA MET A 175 0.03 29.14 5.50
C MET A 175 -0.75 29.48 6.80
N ILE A 176 -1.72 28.61 7.13
CA ILE A 176 -2.62 28.77 8.28
C ILE A 176 -2.78 27.43 9.01
N ALA A 177 -2.49 27.40 10.31
CA ALA A 177 -2.60 26.15 11.11
C ALA A 177 -3.37 26.33 12.42
N TYR A 178 -4.30 25.43 12.69
CA TYR A 178 -5.18 25.52 13.85
C TYR A 178 -5.90 26.88 13.97
N THR A 179 -6.27 27.45 12.82
CA THR A 179 -6.94 28.77 12.76
C THR A 179 -6.06 29.93 13.24
N PHE A 180 -4.79 29.64 13.48
CA PHE A 180 -3.79 30.68 13.76
C PHE A 180 -2.85 30.74 12.56
N LYS A 181 -1.81 31.57 12.63
CA LYS A 181 -0.87 31.63 11.52
C LYS A 181 -0.04 30.33 11.42
N GLY A 182 0.01 29.74 10.23
CA GLY A 182 0.83 28.56 9.98
C GLY A 182 2.22 28.91 9.48
N GLY A 183 2.97 27.92 8.99
CA GLY A 183 4.35 28.17 8.58
C GLY A 183 5.30 27.01 8.79
N ILE A 184 6.59 27.33 9.00
CA ILE A 184 7.62 26.31 9.21
C ILE A 184 7.94 26.13 10.70
N GLY A 185 8.11 24.88 11.12
CA GLY A 185 8.58 24.59 12.46
C GLY A 185 9.60 23.46 12.43
N THR A 186 10.48 23.40 13.43
CA THR A 186 11.49 22.32 13.46
C THR A 186 11.86 21.97 14.91
N SER A 187 12.33 20.74 15.10
CA SER A 187 12.75 20.28 16.42
C SER A 187 13.61 19.04 16.22
N SER A 188 14.34 18.62 17.25
CA SER A 188 15.09 17.36 17.18
C SER A 188 15.11 16.61 18.52
N ARG A 189 15.45 15.33 18.47
CA ARG A 189 15.71 14.54 19.68
C ARG A 189 16.99 13.74 19.54
N VAL A 190 17.80 13.73 20.60
CA VAL A 190 18.94 12.82 20.68
C VAL A 190 18.46 11.62 21.51
N VAL A 191 18.49 10.43 20.92
CA VAL A 191 17.94 9.24 21.58
C VAL A 191 19.03 8.26 21.97
N SER A 192 18.79 7.49 23.02
CA SER A 192 19.74 6.49 23.50
C SER A 192 19.27 5.06 23.22
N ALA A 193 20.14 4.29 22.58
CA ALA A 193 19.92 2.86 22.39
C ALA A 193 21.10 2.10 23.00
N GLY A 194 21.02 1.85 24.30
CA GLY A 194 22.15 1.27 25.01
C GLY A 194 23.27 2.29 25.12
N ASP A 195 24.42 1.96 24.52
CA ASP A 195 25.56 2.85 24.53
C ASP A 195 25.61 3.72 23.27
N THR A 196 24.70 3.47 22.35
CA THR A 196 24.67 4.21 21.08
C THR A 196 23.71 5.39 21.15
N ARG A 197 24.09 6.50 20.53
CA ARG A 197 23.18 7.64 20.43
CA ARG A 197 23.22 7.67 20.44
C ARG A 197 22.93 8.02 18.98
N TYR A 198 21.68 8.37 18.68
CA TYR A 198 21.30 8.79 17.34
C TYR A 198 20.51 10.08 17.46
N THR A 199 20.44 10.83 16.37
CA THR A 199 19.67 12.06 16.33
C THR A 199 18.50 11.88 15.35
N VAL A 200 17.32 12.31 15.78
CA VAL A 200 16.15 12.39 14.91
C VAL A 200 15.75 13.85 14.77
N GLY A 201 15.75 14.35 13.54
CA GLY A 201 15.40 15.73 13.26
C GLY A 201 14.12 15.80 12.47
N VAL A 202 13.25 16.74 12.86
CA VAL A 202 11.97 16.95 12.16
C VAL A 202 11.77 18.40 11.70
N LEU A 203 11.31 18.56 10.47
CA LEU A 203 10.86 19.86 9.97
C LEU A 203 9.43 19.75 9.43
N VAL A 204 8.56 20.69 9.80
CA VAL A 204 7.20 20.70 9.28
C VAL A 204 6.85 21.97 8.49
N GLN A 205 6.01 21.80 7.48
CA GLN A 205 5.29 22.91 6.85
C GLN A 205 3.81 22.73 7.20
N ALA A 206 3.30 23.54 8.13
CA ALA A 206 2.00 23.32 8.77
C ALA A 206 0.90 24.23 8.22
N ASN A 207 -0.19 23.61 7.76
CA ASN A 207 -1.31 24.32 7.16
C ASN A 207 -2.60 23.58 7.52
N HIS A 208 -2.63 23.02 8.73
CA HIS A 208 -3.64 22.03 9.11
C HIS A 208 -4.33 22.38 10.41
N GLY A 209 -5.45 21.71 10.68
CA GLY A 209 -6.06 21.72 12.00
C GLY A 209 -7.02 22.86 12.31
N ASP A 210 -7.82 22.67 13.36
CA ASP A 210 -8.75 23.67 13.86
C ASP A 210 -8.39 24.09 15.27
N ARG A 211 -8.57 25.38 15.57
CA ARG A 211 -8.33 25.91 16.92
C ARG A 211 -9.06 25.12 18.00
N ASN A 212 -10.29 24.69 17.71
CA ASN A 212 -11.10 23.98 18.71
C ASN A 212 -10.49 22.63 19.13
N ASP A 213 -9.66 22.04 18.29
CA ASP A 213 -9.02 20.76 18.59
C ASP A 213 -7.61 20.88 19.18
N LEU A 214 -6.97 22.03 19.00
CA LEU A 214 -5.55 22.19 19.37
C LEU A 214 -5.23 21.83 20.83
N ARG A 215 -4.22 20.99 21.03
CA ARG A 215 -3.67 20.76 22.35
C ARG A 215 -2.20 21.14 22.33
N ILE A 216 -1.76 21.87 23.35
CA ILE A 216 -0.33 22.13 23.53
C ILE A 216 0.07 21.60 24.89
N ALA A 217 1.02 20.66 24.90
CA ALA A 217 1.39 19.95 26.14
C ALA A 217 0.16 19.33 26.79
N GLY A 218 -0.75 18.81 25.97
CA GLY A 218 -1.95 18.17 26.47
C GLY A 218 -3.10 19.10 26.81
N VAL A 219 -2.83 20.39 26.87
CA VAL A 219 -3.86 21.36 27.23
C VAL A 219 -4.69 21.79 26.02
N GLN A 220 -6.00 21.59 26.11
N GLN A 220 -6.00 21.58 26.10
CA GLN A 220 -6.92 22.02 25.05
CA GLN A 220 -6.90 22.01 25.03
C GLN A 220 -7.07 23.53 25.13
C GLN A 220 -7.07 23.52 25.13
N ILE A 221 -6.27 24.24 24.34
CA ILE A 221 -6.01 25.65 24.59
C ILE A 221 -6.81 26.66 23.77
N GLY A 222 -7.51 26.21 22.75
CA GLY A 222 -8.26 27.10 21.88
C GLY A 222 -9.27 27.97 22.61
N LYS A 223 -10.00 27.37 23.54
CA LYS A 223 -11.03 28.08 24.29
C LYS A 223 -10.44 28.94 25.41
N GLU A 224 -9.20 28.67 25.77
CA GLU A 224 -8.50 29.42 26.82
C GLU A 224 -7.93 30.73 26.29
N ILE A 225 -7.58 30.76 25.00
CA ILE A 225 -7.11 31.98 24.37
C ILE A 225 -8.30 32.88 24.07
N LYS A 226 -8.16 34.17 24.38
CA LYS A 226 -9.19 35.15 24.08
C LYS A 226 -8.82 35.96 22.84
N GLY A 227 -9.75 36.07 21.90
CA GLY A 227 -9.51 36.82 20.68
C GLY A 227 -8.59 36.10 19.71
N ALA A 228 -7.95 36.87 18.83
CA ALA A 228 -7.01 36.34 17.83
C ALA A 228 -7.64 35.44 16.78
N TRP A 229 -8.93 35.61 16.50
CA TRP A 229 -9.57 34.89 15.41
C TRP A 229 -9.29 35.57 14.07
N PRO A 230 -9.28 34.81 12.97
CA PRO A 230 -9.00 35.45 11.68
C PRO A 230 -10.09 36.43 11.24
N GLU A 231 -9.73 37.35 10.36
CA GLU A 231 -10.65 38.35 9.85
C GLU A 231 -10.58 38.38 8.31
N VAL A 232 -11.72 38.25 7.65
CA VAL A 232 -11.75 38.39 6.19
C VAL A 232 -12.82 39.38 5.77
N ASN A 233 -12.42 40.33 4.92
CA ASN A 233 -13.28 41.45 4.56
C ASN A 233 -13.70 42.27 5.78
N GLY A 234 -12.78 42.41 6.73
CA GLY A 234 -12.98 43.27 7.89
C GLY A 234 -13.69 42.61 9.07
N ILE A 235 -14.39 41.52 8.80
CA ILE A 235 -15.19 40.87 9.84
C ILE A 235 -14.54 39.57 10.33
N VAL A 236 -14.73 39.28 11.61
CA VAL A 236 -14.25 38.04 12.22
C VAL A 236 -14.80 36.84 11.44
N ALA A 237 -13.90 35.95 11.00
CA ALA A 237 -14.26 34.88 10.08
C ALA A 237 -14.44 33.52 10.74
N ALA A 238 -14.19 33.45 12.04
CA ALA A 238 -14.36 32.20 12.77
C ALA A 238 -14.47 32.45 14.26
N GLY A 239 -14.92 31.43 14.98
CA GLY A 239 -15.07 31.53 16.42
C GLY A 239 -16.44 32.04 16.80
N PRO A 240 -16.69 32.18 18.12
CA PRO A 240 -17.98 32.60 18.67
C PRO A 240 -18.45 33.95 18.14
N ASP A 241 -17.52 34.83 17.74
CA ASP A 241 -17.89 36.15 17.26
C ASP A 241 -17.85 36.29 15.73
N ALA A 242 -17.89 35.17 15.03
CA ALA A 242 -17.88 35.21 13.57
C ALA A 242 -19.05 36.03 13.07
N GLY A 243 -18.80 36.89 12.09
CA GLY A 243 -19.83 37.73 11.52
C GLY A 243 -19.73 39.19 11.94
N LYS A 244 -19.24 39.41 13.16
CA LYS A 244 -19.07 40.75 13.69
C LYS A 244 -17.70 41.32 13.33
N PRO A 245 -17.56 42.65 13.39
CA PRO A 245 -16.26 43.31 13.20
C PRO A 245 -15.32 43.04 14.37
N SER A 250 -3.62 20.77 5.62
CA SER A 250 -2.50 20.06 5.02
C SER A 250 -1.24 20.23 5.86
N LEU A 251 -0.35 19.25 5.78
CA LEU A 251 0.83 19.20 6.66
C LEU A 251 1.90 18.34 6.02
N LEU A 252 3.09 18.91 5.85
CA LEU A 252 4.23 18.18 5.29
C LEU A 252 5.25 17.96 6.41
N ILE A 253 5.64 16.70 6.62
CA ILE A 253 6.56 16.35 7.72
C ILE A 253 7.80 15.69 7.15
N VAL A 254 8.97 16.27 7.40
CA VAL A 254 10.22 15.70 6.91
C VAL A 254 11.05 15.26 8.10
N ILE A 255 11.45 13.99 8.09
CA ILE A 255 12.20 13.38 9.19
C ILE A 255 13.59 12.99 8.72
N ALA A 256 14.62 13.50 9.39
CA ALA A 256 15.98 13.08 9.09
C ALA A 256 16.55 12.33 10.28
N THR A 257 17.35 11.31 10.01
CA THR A 257 18.07 10.65 11.08
C THR A 257 19.45 10.16 10.64
N ASP A 258 20.40 10.15 11.58
CA ASP A 258 21.69 9.58 11.27
C ASP A 258 21.75 8.08 11.59
N ALA A 259 20.64 7.51 12.06
CA ALA A 259 20.61 6.07 12.28
C ALA A 259 20.66 5.38 10.92
N PRO A 260 21.44 4.30 10.82
CA PRO A 260 21.62 3.55 9.56
C PRO A 260 20.46 2.59 9.28
N LEU A 261 19.33 3.15 8.85
CA LEU A 261 18.12 2.37 8.65
C LEU A 261 17.91 2.01 7.18
N MET A 262 17.36 0.82 6.93
CA MET A 262 16.97 0.39 5.59
C MET A 262 15.65 1.07 5.21
N PRO A 263 15.32 1.09 3.92
CA PRO A 263 14.12 1.80 3.46
C PRO A 263 12.82 1.37 4.17
N HIS A 264 12.60 0.08 4.38
CA HIS A 264 11.36 -0.36 5.04
C HIS A 264 11.33 0.12 6.50
N GLN A 265 12.50 0.30 7.08
CA GLN A 265 12.60 0.77 8.47
C GLN A 265 12.27 2.26 8.55
N LEU A 266 12.61 3.01 7.49
CA LEU A 266 12.28 4.43 7.42
C LEU A 266 10.78 4.67 7.17
N GLU A 267 10.12 3.75 6.47
CA GLU A 267 8.65 3.77 6.41
C GLU A 267 8.05 3.69 7.83
N ARG A 268 8.61 2.83 8.68
CA ARG A 268 8.14 2.72 10.05
C ARG A 268 8.32 4.05 10.79
N MET A 269 9.48 4.67 10.62
CA MET A 269 9.71 6.00 11.22
C MET A 269 8.66 7.01 10.75
N ALA A 270 8.39 7.02 9.45
CA ALA A 270 7.46 7.99 8.90
C ALA A 270 6.06 7.76 9.45
N ARG A 271 5.69 6.50 9.68
CA ARG A 271 4.36 6.17 10.23
C ARG A 271 4.19 6.61 11.69
N ARG A 272 5.29 6.93 12.36
CA ARG A 272 5.24 7.42 13.74
C ARG A 272 4.81 8.89 13.81
N ALA A 273 4.99 9.63 12.72
CA ALA A 273 4.60 11.05 12.70
C ALA A 273 3.13 11.28 13.06
N ALA A 274 2.26 10.42 12.56
CA ALA A 274 0.83 10.50 12.90
C ALA A 274 0.56 10.51 14.42
N LEU A 275 1.35 9.75 15.19
CA LEU A 275 1.17 9.74 16.63
C LEU A 275 1.51 11.09 17.24
N GLY A 276 2.60 11.71 16.80
CA GLY A 276 2.93 13.06 17.28
C GLY A 276 1.91 14.11 16.88
N VAL A 277 1.41 14.01 15.66
CA VAL A 277 0.31 14.89 15.22
C VAL A 277 -0.90 14.65 16.15
N GLY A 278 -1.24 13.39 16.39
CA GLY A 278 -2.38 13.05 17.23
C GLY A 278 -2.29 13.72 18.60
N ARG A 279 -1.08 13.78 19.16
CA ARG A 279 -0.90 14.42 20.48
C ARG A 279 -1.43 15.84 20.52
N ASN A 280 -1.31 16.56 19.40
CA ASN A 280 -1.69 17.96 19.38
C ASN A 280 -3.15 18.20 18.94
N GLY A 281 -3.90 17.12 18.75
CA GLY A 281 -5.35 17.22 18.68
C GLY A 281 -6.09 17.20 17.35
N SER A 282 -5.40 17.46 16.23
CA SER A 282 -6.09 17.53 14.94
C SER A 282 -6.59 16.15 14.51
N THR A 283 -7.51 16.12 13.56
CA THR A 283 -8.20 14.88 13.20
C THR A 283 -8.13 14.60 11.70
N ALA A 284 -7.26 15.32 11.00
CA ALA A 284 -7.03 15.14 9.55
C ALA A 284 -8.27 15.40 8.67
N GLY A 285 -8.43 16.65 8.26
CA GLY A 285 -9.57 17.05 7.45
C GLY A 285 -9.64 16.33 6.11
N ALA A 286 -10.83 16.26 5.54
CA ALA A 286 -11.05 15.56 4.27
C ALA A 286 -10.14 16.02 3.14
N LEU A 287 -9.83 17.32 3.10
CA LEU A 287 -9.00 17.87 2.03
C LEU A 287 -7.60 18.29 2.52
N SER A 288 -7.25 17.84 3.71
CA SER A 288 -5.98 18.19 4.32
C SER A 288 -4.94 17.15 3.91
N GLY A 289 -4.03 17.52 3.01
CA GLY A 289 -2.98 16.61 2.55
C GLY A 289 -1.87 16.53 3.60
N GLU A 290 -1.87 15.44 4.37
CA GLU A 290 -0.92 15.25 5.46
C GLU A 290 -0.02 14.04 5.19
N PHE A 291 1.29 14.30 5.05
CA PHE A 291 2.26 13.32 4.55
C PHE A 291 3.53 13.39 5.41
N ALA A 292 4.28 12.29 5.46
CA ALA A 292 5.58 12.26 6.15
C ALA A 292 6.62 11.55 5.28
N LEU A 293 7.84 12.09 5.24
CA LEU A 293 8.95 11.44 4.53
C LEU A 293 10.13 11.35 5.47
N ALA A 294 10.74 10.17 5.57
CA ALA A 294 11.88 9.97 6.46
C ALA A 294 13.08 9.51 5.64
N PHE A 295 14.27 10.03 5.96
CA PHE A 295 15.49 9.58 5.30
C PHE A 295 16.65 9.40 6.28
N SER A 296 17.61 8.55 5.91
CA SER A 296 18.84 8.32 6.68
C SER A 296 20.01 9.04 6.02
N THR A 297 20.85 9.68 6.83
CA THR A 297 22.04 10.35 6.30
C THR A 297 23.28 9.47 6.40
N SER A 298 23.15 8.30 7.01
CA SER A 298 24.27 7.38 7.14
C SER A 298 24.14 6.21 6.16
N HIS A 299 22.92 5.94 5.72
CA HIS A 299 22.68 4.92 4.69
C HIS A 299 22.56 5.65 3.36
N VAL A 300 23.67 5.73 2.64
CA VAL A 300 23.75 6.56 1.45
C VAL A 300 24.10 5.71 0.24
N ILE A 301 23.61 6.10 -0.91
CA ILE A 301 23.82 5.31 -2.13
C ILE A 301 24.55 6.15 -3.17
N PRO A 302 25.86 5.95 -3.28
CA PRO A 302 26.62 6.67 -4.30
C PRO A 302 26.03 6.38 -5.66
N LEU A 303 25.90 7.42 -6.48
CA LEU A 303 25.34 7.30 -7.81
C LEU A 303 26.07 6.23 -8.62
N GLY A 304 25.33 5.22 -9.07
CA GLY A 304 25.90 4.12 -9.83
C GLY A 304 26.91 3.28 -9.07
N GLY A 305 26.87 3.32 -7.74
CA GLY A 305 27.84 2.58 -6.92
C GLY A 305 27.22 1.63 -5.93
N LYS A 306 28.04 1.19 -4.97
CA LYS A 306 27.61 0.25 -3.94
C LYS A 306 27.00 1.01 -2.77
N PRO A 307 25.78 0.63 -2.34
CA PRO A 307 25.23 1.31 -1.16
C PRO A 307 26.14 1.21 0.06
N ARG A 308 26.14 2.25 0.89
CA ARG A 308 26.98 2.32 2.07
C ARG A 308 26.09 2.25 3.31
N LEU A 309 26.19 1.14 4.03
CA LEU A 309 25.41 0.92 5.24
C LEU A 309 26.39 0.53 6.36
N PRO A 310 26.76 1.50 7.20
CA PRO A 310 27.87 1.41 8.17
C PRO A 310 27.60 0.46 9.33
N ALA A 311 26.32 0.23 9.61
CA ALA A 311 25.90 -0.67 10.65
C ALA A 311 24.49 -1.06 10.29
N ILE A 312 23.95 -2.06 10.97
CA ILE A 312 22.64 -2.56 10.60
C ILE A 312 21.84 -2.86 11.86
N ILE A 313 20.55 -2.53 11.81
CA ILE A 313 19.68 -2.66 12.98
C ILE A 313 18.57 -3.68 12.75
N ASN A 314 18.32 -4.52 13.76
CA ASN A 314 17.24 -5.49 13.75
C ASN A 314 15.91 -4.80 14.08
N ASP A 315 14.90 -4.97 13.22
CA ASP A 315 13.56 -4.41 13.43
C ASP A 315 12.91 -4.85 14.74
N THR A 316 13.34 -6.00 15.26
CA THR A 316 12.77 -6.54 16.49
C THR A 316 13.57 -6.12 17.74
N ASP A 317 14.62 -5.32 17.53
CA ASP A 317 15.41 -4.74 18.63
C ASP A 317 14.63 -3.56 19.22
N SER A 318 13.78 -3.86 20.19
CA SER A 318 12.92 -2.87 20.83
C SER A 318 13.67 -1.71 21.45
N GLU A 319 14.76 -2.00 22.14
CA GLU A 319 15.53 -0.95 22.79
C GLU A 319 15.96 0.13 21.79
N THR A 320 16.48 -0.29 20.64
CA THR A 320 16.93 0.63 19.61
C THR A 320 15.77 1.28 18.84
N MET A 321 14.86 0.45 18.31
CA MET A 321 13.75 0.98 17.52
C MET A 321 12.80 1.89 18.30
N ASN A 322 12.45 1.50 19.53
CA ASN A 322 11.55 2.30 20.36
C ASN A 322 12.14 3.66 20.68
N ALA A 323 13.46 3.70 20.89
CA ALA A 323 14.14 4.97 21.13
C ALA A 323 13.98 5.90 19.92
N LEU A 324 14.17 5.35 18.71
CA LEU A 324 14.02 6.12 17.49
C LEU A 324 12.57 6.53 17.26
N PHE A 325 11.65 5.60 17.47
CA PHE A 325 10.21 5.86 17.31
C PHE A 325 9.74 7.01 18.22
N ARG A 326 10.10 6.90 19.49
CA ARG A 326 9.75 7.93 20.47
CA ARG A 326 9.78 7.93 20.49
C ARG A 326 10.35 9.27 20.06
N GLY A 327 11.57 9.25 19.50
CA GLY A 327 12.20 10.46 18.97
C GLY A 327 11.35 11.14 17.90
N VAL A 328 10.87 10.37 16.92
CA VAL A 328 10.00 10.93 15.88
C VAL A 328 8.75 11.57 16.48
N VAL A 329 8.11 10.87 17.40
CA VAL A 329 6.86 11.34 17.98
C VAL A 329 7.06 12.65 18.75
N GLN A 330 8.06 12.67 19.62
CA GLN A 330 8.32 13.86 20.44
C GLN A 330 8.77 15.04 19.58
N ALA A 331 9.65 14.80 18.60
CA ALA A 331 10.14 15.89 17.76
C ALA A 331 9.05 16.45 16.84
N THR A 332 8.15 15.59 16.38
CA THR A 332 7.02 16.04 15.57
C THR A 332 6.10 16.93 16.41
N GLU A 333 5.76 16.46 17.61
CA GLU A 333 4.92 17.21 18.54
C GLU A 333 5.50 18.59 18.80
N GLU A 334 6.81 18.65 19.08
CA GLU A 334 7.43 19.95 19.37
C GLU A 334 7.57 20.83 18.13
N ALA A 335 7.89 20.24 16.98
CA ALA A 335 8.05 21.04 15.78
C ALA A 335 6.73 21.75 15.44
N LEU A 336 5.61 21.08 15.71
CA LEU A 336 4.30 21.69 15.46
C LEU A 336 4.06 22.92 16.35
N VAL A 337 4.41 22.82 17.63
CA VAL A 337 4.25 23.98 18.52
C VAL A 337 5.27 25.08 18.23
N ASN A 338 6.52 24.70 17.96
CA ASN A 338 7.53 25.69 17.55
C ASN A 338 7.06 26.49 16.34
N GLN A 339 6.41 25.84 15.39
CA GLN A 339 5.87 26.58 14.24
C GLN A 339 4.93 27.70 14.69
N LEU A 340 3.94 27.35 15.50
CA LEU A 340 2.89 28.28 15.92
C LEU A 340 3.52 29.49 16.60
N VAL A 341 4.45 29.23 17.50
CA VAL A 341 5.10 30.29 18.28
C VAL A 341 5.97 31.17 17.38
N ALA A 342 6.56 30.59 16.35
CA ALA A 342 7.45 31.32 15.46
C ALA A 342 6.70 32.22 14.48
N SER A 343 5.48 31.81 14.12
CA SER A 343 4.68 32.52 13.11
C SER A 343 3.98 33.75 13.67
N GLU A 344 4.18 34.89 13.01
CA GLU A 344 3.62 36.16 13.45
CA GLU A 344 3.61 36.15 13.46
C GLU A 344 2.35 36.51 12.67
N THR A 345 1.56 37.40 13.23
CA THR A 345 0.35 37.89 12.58
C THR A 345 0.68 38.42 11.18
N MET A 346 -0.19 38.11 10.21
CA MET A 346 0.02 38.49 8.81
C MET A 346 -1.28 38.95 8.15
N THR A 347 -1.18 40.01 7.34
CA THR A 347 -2.28 40.44 6.47
C THR A 347 -1.84 40.19 5.02
N GLY A 348 -2.68 39.53 4.24
CA GLY A 348 -2.32 39.18 2.88
C GLY A 348 -3.36 39.56 1.83
N ALA A 349 -3.51 38.71 0.82
CA ALA A 349 -4.47 38.93 -0.26
C ALA A 349 -5.88 39.26 0.25
N ASN A 350 -6.49 40.28 -0.37
CA ASN A 350 -7.85 40.70 -0.04
C ASN A 350 -7.96 41.19 1.39
N ASN A 351 -6.81 41.56 1.96
CA ASN A 351 -6.73 42.01 3.34
C ASN A 351 -7.16 40.97 4.37
N ALA A 352 -7.10 39.69 3.98
CA ALA A 352 -7.30 38.62 4.94
C ALA A 352 -6.22 38.73 6.02
N LYS A 353 -6.60 38.53 7.27
CA LYS A 353 -5.68 38.67 8.39
C LYS A 353 -5.73 37.42 9.28
N VAL A 354 -4.57 36.85 9.57
CA VAL A 354 -4.51 35.67 10.44
C VAL A 354 -3.53 35.93 11.58
N TYR A 355 -3.92 35.65 12.82
CA TYR A 355 -3.07 35.98 13.97
C TYR A 355 -2.09 34.88 14.36
N GLY A 356 -0.88 35.28 14.75
CA GLY A 356 0.04 34.36 15.39
C GLY A 356 -0.55 34.01 16.75
N ILE A 357 -0.33 32.80 17.26
CA ILE A 357 -0.89 32.46 18.58
C ILE A 357 -0.29 33.44 19.59
N PRO A 358 -1.14 34.03 20.44
CA PRO A 358 -0.62 35.10 21.32
C PRO A 358 0.38 34.59 22.37
N HIS A 359 1.58 35.17 22.36
CA HIS A 359 2.65 34.72 23.25
C HIS A 359 2.35 34.97 24.72
N ASP A 360 1.86 36.17 25.04
CA ASP A 360 1.54 36.50 26.43
C ASP A 360 0.52 35.53 27.03
N GLN A 361 -0.56 35.26 26.29
CA GLN A 361 -1.60 34.36 26.79
C GLN A 361 -1.11 32.92 26.93
N LEU A 362 -0.38 32.45 25.92
CA LEU A 362 0.18 31.11 25.96
C LEU A 362 1.11 30.94 27.17
N ALA A 363 1.97 31.90 27.41
CA ALA A 363 2.89 31.82 28.54
C ALA A 363 2.13 31.79 29.87
N ARG A 364 1.06 32.58 29.95
CA ARG A 364 0.22 32.63 31.15
CA ARG A 364 0.25 32.63 31.16
C ARG A 364 -0.43 31.29 31.43
N ILE A 365 -0.96 30.68 30.37
CA ILE A 365 -1.64 29.40 30.49
C ILE A 365 -0.66 28.28 30.89
N MET A 366 0.55 28.28 30.31
CA MET A 366 1.54 27.27 30.67
C MET A 366 2.00 27.41 32.12
N LYS A 367 2.22 28.64 32.55
CA LYS A 367 2.61 28.92 33.93
C LYS A 367 1.54 28.42 34.91
N ALA A 368 0.27 28.64 34.57
CA ALA A 368 -0.83 28.22 35.42
C ALA A 368 -0.99 26.69 35.44
N ARG A 369 -0.75 26.05 34.31
CA ARG A 369 -0.90 24.60 34.21
CA ARG A 369 -0.90 24.60 34.21
C ARG A 369 0.33 23.87 34.75
N PHE A 370 1.50 24.48 34.57
CA PHE A 370 2.75 23.83 34.94
C PHE A 370 3.60 24.70 35.86
N PRO A 371 3.12 24.94 37.08
CA PRO A 371 3.80 25.79 38.08
C PRO A 371 5.27 25.42 38.23
N GLY B 1 9.31 -39.53 -13.93
CA GLY B 1 8.34 -39.02 -14.90
C GLY B 1 8.86 -37.78 -15.60
N PRO B 2 8.38 -37.53 -16.82
CA PRO B 2 8.84 -36.38 -17.61
C PRO B 2 8.32 -35.08 -17.03
N ARG B 3 9.13 -34.02 -17.11
CA ARG B 3 8.69 -32.68 -16.75
C ARG B 3 8.47 -31.91 -18.07
N ALA B 4 8.17 -30.61 -18.00
CA ALA B 4 7.76 -29.92 -19.23
C ALA B 4 8.80 -29.95 -20.36
N ARG B 5 10.08 -29.75 -20.03
CA ARG B 5 11.11 -29.75 -21.07
C ARG B 5 11.20 -31.11 -21.78
N ASP B 6 10.91 -32.17 -21.04
CA ASP B 6 11.00 -33.53 -21.57
C ASP B 6 9.92 -33.84 -22.60
N LEU B 7 8.87 -33.04 -22.62
CA LEU B 7 7.79 -33.19 -23.59
C LEU B 7 7.97 -32.22 -24.75
N GLY B 8 9.14 -31.58 -24.82
CA GLY B 8 9.42 -30.67 -25.92
C GLY B 8 9.02 -29.21 -25.73
N VAL B 9 8.52 -28.84 -24.56
CA VAL B 9 8.21 -27.43 -24.31
C VAL B 9 9.51 -26.64 -24.17
N PRO B 10 9.68 -25.59 -24.99
CA PRO B 10 10.88 -24.76 -24.89
C PRO B 10 10.71 -23.65 -23.84
N PHE B 11 11.76 -23.32 -23.11
CA PHE B 11 11.77 -22.14 -22.22
C PHE B 11 13.08 -21.37 -22.38
N GLU B 12 13.07 -20.11 -21.98
CA GLU B 12 14.26 -19.25 -22.05
C GLU B 12 15.03 -19.34 -20.74
N GLY B 13 16.34 -19.10 -20.78
CA GLY B 13 17.14 -19.05 -19.57
C GLY B 13 17.83 -20.35 -19.21
N THR B 14 18.59 -20.34 -18.12
CA THR B 14 19.31 -21.52 -17.66
C THR B 14 18.83 -21.96 -16.28
N PRO B 15 18.23 -23.17 -16.20
CA PRO B 15 17.77 -23.69 -14.91
C PRO B 15 18.94 -24.10 -14.02
N GLY B 16 18.71 -24.12 -12.71
CA GLY B 16 19.63 -24.71 -11.77
C GLY B 16 19.72 -26.22 -11.99
N ALA B 17 20.61 -26.87 -11.25
CA ALA B 17 20.84 -28.30 -11.42
C ALA B 17 19.57 -29.14 -11.27
N LEU B 18 18.78 -28.85 -10.25
CA LEU B 18 17.54 -29.58 -9.99
C LEU B 18 16.31 -29.04 -10.72
N ASN B 19 16.44 -27.83 -11.29
CA ASN B 19 15.30 -27.10 -11.83
C ASN B 19 14.16 -27.05 -10.81
N ALA B 20 14.47 -26.61 -9.60
CA ALA B 20 13.48 -26.57 -8.51
C ALA B 20 13.90 -25.52 -7.50
N ILE B 21 12.97 -25.19 -6.58
CA ILE B 21 13.27 -24.16 -5.57
C ILE B 21 14.43 -24.57 -4.65
N THR B 22 14.66 -25.87 -4.52
CA THR B 22 15.75 -26.38 -3.70
C THR B 22 17.13 -26.16 -4.33
N ASP B 23 17.17 -25.64 -5.55
CA ASP B 23 18.43 -25.14 -6.13
C ASP B 23 18.99 -23.98 -5.30
N VAL B 24 18.13 -23.33 -4.52
CA VAL B 24 18.59 -22.33 -3.55
C VAL B 24 19.05 -23.06 -2.29
N ALA B 25 20.34 -22.96 -1.97
CA ALA B 25 20.92 -23.79 -0.91
C ALA B 25 20.24 -23.59 0.45
N GLY B 26 19.97 -24.70 1.14
CA GLY B 26 19.39 -24.64 2.47
C GLY B 26 17.87 -24.77 2.54
N VAL B 27 17.19 -24.42 1.45
CA VAL B 27 15.73 -24.57 1.38
C VAL B 27 15.35 -26.05 1.43
N GLU B 28 14.37 -26.39 2.29
CA GLU B 28 13.84 -27.75 2.35
C GLU B 28 12.34 -27.73 2.07
N VAL B 29 11.86 -28.74 1.36
CA VAL B 29 10.44 -28.87 1.04
C VAL B 29 9.90 -30.23 1.51
N GLY B 30 8.69 -30.23 2.10
CA GLY B 30 8.03 -31.47 2.46
C GLY B 30 6.54 -31.45 2.11
N HIS B 31 5.97 -32.62 1.81
CA HIS B 31 4.54 -32.74 1.50
C HIS B 31 3.89 -33.83 2.37
N THR B 32 2.66 -33.59 2.83
CA THR B 32 1.78 -34.69 3.26
C THR B 32 0.56 -34.68 2.35
N THR B 33 0.27 -35.84 1.76
CA THR B 33 -0.78 -35.96 0.75
C THR B 33 -1.87 -36.87 1.31
N VAL B 34 -3.11 -36.37 1.34
CA VAL B 34 -4.23 -37.09 1.95
C VAL B 34 -5.27 -37.42 0.88
N ILE B 35 -5.34 -38.70 0.52
CA ILE B 35 -6.26 -39.15 -0.52
C ILE B 35 -7.01 -40.37 0.04
N SER B 36 -8.32 -40.22 0.27
CA SER B 36 -9.10 -41.33 0.82
C SER B 36 -10.58 -41.23 0.49
N GLY B 37 -11.20 -42.37 0.20
CA GLY B 37 -12.62 -42.42 -0.06
C GLY B 37 -12.98 -42.11 -1.51
N ASP B 38 -14.17 -42.52 -1.92
CA ASP B 38 -14.66 -42.23 -3.26
C ASP B 38 -16.17 -42.01 -3.22
N GLY B 39 -16.71 -41.41 -4.28
CA GLY B 39 -18.14 -41.24 -4.41
C GLY B 39 -18.69 -39.99 -3.76
N ALA B 40 -19.94 -40.08 -3.30
CA ALA B 40 -20.69 -38.94 -2.80
C ALA B 40 -20.06 -38.33 -1.57
N MET B 41 -20.04 -37.00 -1.52
CA MET B 41 -19.45 -36.30 -0.38
C MET B 41 -20.45 -36.07 0.74
N VAL B 42 -20.03 -36.36 1.97
CA VAL B 42 -20.80 -36.02 3.14
C VAL B 42 -19.86 -35.25 4.05
N ILE B 43 -20.25 -34.05 4.47
CA ILE B 43 -19.32 -33.23 5.26
C ILE B 43 -18.91 -33.90 6.57
N GLY B 44 -17.60 -34.07 6.76
CA GLY B 44 -17.11 -34.77 7.92
C GLY B 44 -16.71 -36.20 7.61
N LYS B 45 -17.04 -36.65 6.40
CA LYS B 45 -16.78 -38.04 6.04
C LYS B 45 -16.15 -38.24 4.67
N GLY B 46 -15.59 -37.17 4.10
CA GLY B 46 -14.91 -37.25 2.82
C GLY B 46 -15.84 -37.40 1.63
N PRO B 47 -15.29 -37.78 0.45
CA PRO B 47 -13.89 -38.12 0.23
C PRO B 47 -12.94 -36.96 0.48
N TYR B 48 -11.69 -37.31 0.80
CA TYR B 48 -10.63 -36.31 1.01
C TYR B 48 -9.60 -36.35 -0.10
N ARG B 49 -9.28 -35.18 -0.64
CA ARG B 49 -8.19 -34.99 -1.59
C ARG B 49 -7.51 -33.68 -1.19
N THR B 50 -6.65 -33.73 -0.18
CA THR B 50 -6.06 -32.50 0.36
C THR B 50 -4.66 -32.78 0.91
N GLY B 51 -4.09 -31.80 1.62
CA GLY B 51 -2.76 -31.99 2.17
C GLY B 51 -2.12 -30.68 2.57
N VAL B 52 -0.80 -30.73 2.79
CA VAL B 52 -0.04 -29.55 3.17
C VAL B 52 1.39 -29.66 2.63
N THR B 53 1.91 -28.53 2.15
CA THR B 53 3.29 -28.41 1.69
C THR B 53 4.05 -27.46 2.61
N ILE B 54 5.24 -27.86 3.04
CA ILE B 54 6.06 -27.05 3.94
C ILE B 54 7.32 -26.65 3.21
N ILE B 55 7.72 -25.39 3.36
CA ILE B 55 9.01 -24.90 2.82
C ILE B 55 9.77 -24.26 3.98
N HIS B 56 10.88 -24.87 4.40
CA HIS B 56 11.74 -24.27 5.41
C HIS B 56 12.80 -23.45 4.67
N PRO B 57 12.80 -22.12 4.84
CA PRO B 57 13.73 -21.25 4.10
C PRO B 57 15.20 -21.54 4.42
N LEU B 58 15.46 -21.90 5.68
CA LEU B 58 16.83 -22.12 6.16
C LEU B 58 17.00 -23.51 6.77
N GLY B 59 16.05 -24.39 6.49
CA GLY B 59 16.05 -25.73 7.04
C GLY B 59 15.23 -25.84 8.31
N LYS B 60 14.80 -27.06 8.63
CA LYS B 60 13.86 -27.28 9.72
C LYS B 60 14.39 -26.94 11.12
N THR B 61 15.71 -26.88 11.31
CA THR B 61 16.23 -26.60 12.65
C THR B 61 16.57 -25.12 12.89
N SER B 62 16.33 -24.28 11.89
CA SER B 62 16.65 -22.87 12.03
C SER B 62 15.63 -22.13 12.93
N LEU B 63 16.13 -21.29 13.82
CA LEU B 63 15.29 -20.39 14.60
C LEU B 63 15.36 -18.96 14.08
N ASP B 64 16.15 -18.76 13.03
CA ASP B 64 16.41 -17.41 12.51
C ASP B 64 15.35 -16.98 11.50
N GLY B 65 15.31 -15.68 11.22
CA GLY B 65 14.40 -15.14 10.23
C GLY B 65 15.09 -14.94 8.90
N VAL B 66 14.29 -14.82 7.83
CA VAL B 66 14.82 -14.50 6.52
C VAL B 66 14.18 -13.20 6.05
N ALA B 67 14.99 -12.37 5.42
CA ALA B 67 14.47 -11.16 4.77
C ALA B 67 13.41 -11.55 3.74
N ALA B 68 12.31 -10.82 3.71
CA ALA B 68 11.17 -11.21 2.87
C ALA B 68 10.37 -10.02 2.36
N GLY B 69 9.66 -10.19 1.25
CA GLY B 69 8.76 -9.17 0.72
C GLY B 69 7.66 -9.81 -0.12
N ARG B 70 6.46 -9.25 -0.14
CA ARG B 70 5.35 -9.89 -0.87
C ARG B 70 4.70 -9.00 -1.96
N ALA B 71 3.83 -9.61 -2.76
CA ALA B 71 3.02 -8.90 -3.76
C ALA B 71 1.64 -9.55 -3.87
N VAL B 72 0.65 -8.77 -4.28
CA VAL B 72 -0.71 -9.31 -4.47
C VAL B 72 -1.12 -9.07 -5.91
N ILE B 73 -1.51 -10.14 -6.59
CA ILE B 73 -2.16 -10.01 -7.90
C ILE B 73 -3.68 -9.82 -7.71
N ASN B 74 -4.28 -10.67 -6.87
CA ASN B 74 -5.70 -10.54 -6.47
C ASN B 74 -5.88 -11.18 -5.10
N GLY B 75 -6.30 -10.39 -4.11
CA GLY B 75 -6.18 -10.78 -2.71
C GLY B 75 -7.34 -11.54 -2.09
N THR B 76 -8.13 -12.24 -2.90
CA THR B 76 -9.26 -13.00 -2.36
C THR B 76 -8.81 -14.36 -1.84
N GLY B 77 -8.18 -14.35 -0.67
CA GLY B 77 -7.63 -15.56 -0.07
C GLY B 77 -6.89 -15.26 1.21
N GLU B 78 -6.38 -16.31 1.87
CA GLU B 78 -5.65 -16.12 3.12
C GLU B 78 -4.15 -16.46 2.98
N TRP B 79 -3.32 -15.64 3.61
CA TRP B 79 -1.87 -15.90 3.74
C TRP B 79 -1.45 -15.22 5.04
N THR B 80 -1.27 -16.01 6.11
CA THR B 80 -0.95 -15.45 7.42
C THR B 80 0.53 -15.09 7.53
N GLY B 81 0.89 -14.24 8.50
CA GLY B 81 2.29 -13.79 8.65
C GLY B 81 2.66 -12.64 7.74
N MET B 82 1.72 -12.20 6.92
CA MET B 82 2.03 -11.19 5.90
C MET B 82 2.04 -9.75 6.44
N HIS B 83 1.27 -9.46 7.48
CA HIS B 83 1.39 -8.15 8.15
C HIS B 83 2.79 -8.00 8.72
N LEU B 84 3.27 -9.06 9.35
CA LEU B 84 4.65 -9.11 9.83
C LEU B 84 5.67 -8.83 8.72
N VAL B 85 5.55 -9.53 7.61
CA VAL B 85 6.44 -9.31 6.47
C VAL B 85 6.40 -7.85 5.98
N ASP B 86 5.21 -7.29 5.83
CA ASP B 86 5.08 -5.89 5.40
C ASP B 86 5.74 -4.93 6.40
N GLU B 87 5.62 -5.22 7.68
CA GLU B 87 6.14 -4.29 8.70
C GLU B 87 7.66 -4.37 8.92
N VAL B 88 8.16 -5.54 9.28
CA VAL B 88 9.57 -5.69 9.67
C VAL B 88 10.45 -6.38 8.61
N GLY B 89 9.85 -6.76 7.49
CA GLY B 89 10.58 -7.31 6.37
C GLY B 89 11.24 -8.67 6.56
N GLN B 90 10.66 -9.50 7.43
CA GLN B 90 11.20 -10.83 7.64
C GLN B 90 10.08 -11.70 8.22
N PHE B 91 10.23 -13.02 8.12
CA PHE B 91 9.35 -13.93 8.84
C PHE B 91 10.17 -15.06 9.45
N LEU B 92 9.65 -15.63 10.55
CA LEU B 92 10.28 -16.74 11.25
C LEU B 92 9.52 -18.00 10.92
N GLY B 93 10.21 -19.13 10.98
CA GLY B 93 9.56 -20.42 10.80
C GLY B 93 9.27 -20.75 9.35
N PRO B 94 8.56 -21.86 9.12
CA PRO B 94 8.29 -22.38 7.77
C PRO B 94 7.11 -21.70 7.07
N ILE B 95 7.03 -21.87 5.76
CA ILE B 95 5.85 -21.51 4.96
C ILE B 95 5.00 -22.76 4.75
N ALA B 96 3.71 -22.68 5.05
CA ALA B 96 2.80 -23.79 4.78
C ALA B 96 1.81 -23.39 3.68
N LEU B 97 1.65 -24.26 2.67
CA LEU B 97 0.67 -24.06 1.60
C LEU B 97 -0.33 -25.21 1.72
N THR B 98 -1.63 -24.92 1.74
CA THR B 98 -2.60 -25.96 2.05
C THR B 98 -3.94 -25.61 1.44
N GLY B 99 -4.94 -26.44 1.72
CA GLY B 99 -6.31 -26.16 1.30
C GLY B 99 -7.02 -25.22 2.28
N THR B 100 -7.94 -24.41 1.77
CA THR B 100 -8.62 -23.38 2.57
C THR B 100 -9.18 -23.90 3.90
N GLY B 101 -9.74 -25.10 3.87
CA GLY B 101 -10.40 -25.63 5.05
C GLY B 101 -9.43 -25.98 6.18
N ASN B 102 -8.14 -26.03 5.86
CA ASN B 102 -7.11 -26.53 6.77
C ASN B 102 -6.30 -25.45 7.50
N VAL B 103 -6.57 -24.19 7.19
CA VAL B 103 -5.69 -23.09 7.61
C VAL B 103 -5.53 -22.99 9.12
N GLY B 104 -6.64 -23.02 9.84
CA GLY B 104 -6.63 -22.92 11.29
C GLY B 104 -5.92 -24.10 11.93
N LEU B 105 -6.17 -25.30 11.42
CA LEU B 105 -5.52 -26.51 11.92
C LEU B 105 -3.99 -26.45 11.73
N VAL B 106 -3.55 -26.01 10.55
CA VAL B 106 -2.12 -25.91 10.26
C VAL B 106 -1.47 -24.84 11.14
N HIS B 107 -2.13 -23.70 11.25
CA HIS B 107 -1.65 -22.60 12.09
C HIS B 107 -1.36 -23.06 13.53
N GLN B 108 -2.34 -23.66 14.20
CA GLN B 108 -2.12 -24.14 15.56
C GLN B 108 -1.11 -25.30 15.65
N SER B 109 -1.11 -26.17 14.65
CA SER B 109 -0.16 -27.29 14.63
C SER B 109 1.28 -26.82 14.56
N MET B 110 1.51 -25.74 13.84
CA MET B 110 2.87 -25.20 13.73
C MET B 110 3.33 -24.65 15.07
N MET B 111 2.41 -24.05 15.82
CA MET B 111 2.73 -23.60 17.16
C MET B 111 3.07 -24.79 18.05
N ASP B 112 2.21 -25.82 18.02
CA ASP B 112 2.44 -27.05 18.80
C ASP B 112 3.79 -27.69 18.50
N TRP B 113 4.15 -27.70 17.22
CA TRP B 113 5.42 -28.26 16.75
C TRP B 113 6.62 -27.62 17.44
N SER B 114 6.52 -26.32 17.72
CA SER B 114 7.62 -25.58 18.36
C SER B 114 7.84 -25.94 19.83
N VAL B 115 6.77 -26.28 20.53
CA VAL B 115 6.87 -26.63 21.94
C VAL B 115 7.80 -27.83 22.11
N GLY B 116 8.82 -27.68 22.96
CA GLY B 116 9.81 -28.72 23.15
C GLY B 116 11.00 -28.62 22.22
N LYS B 117 10.79 -28.10 21.02
CA LYS B 117 11.86 -27.94 20.04
C LYS B 117 12.57 -26.60 20.17
N VAL B 118 11.88 -25.64 20.75
CA VAL B 118 12.35 -24.27 20.79
C VAL B 118 12.51 -23.82 22.23
N PRO B 119 13.68 -23.26 22.57
CA PRO B 119 13.90 -22.72 23.91
C PRO B 119 12.71 -21.87 24.34
N GLU B 120 12.24 -22.07 25.57
CA GLU B 120 11.08 -21.33 26.07
C GLU B 120 11.25 -19.84 25.82
N GLU B 121 12.50 -19.39 25.86
CA GLU B 121 12.84 -17.99 25.68
C GLU B 121 12.52 -17.49 24.27
N ALA B 122 12.62 -18.38 23.30
CA ALA B 122 12.39 -18.04 21.91
C ALA B 122 10.97 -18.36 21.43
N LEU B 123 10.15 -18.93 22.31
CA LEU B 123 8.82 -19.39 21.91
C LEU B 123 7.94 -18.30 21.28
N PHE B 124 8.01 -17.07 21.80
CA PHE B 124 7.13 -16.01 21.29
C PHE B 124 7.39 -15.74 19.81
N SER B 125 8.60 -16.05 19.34
CA SER B 125 8.95 -15.86 17.94
C SER B 125 8.26 -16.87 17.02
N ARG B 126 7.56 -17.85 17.62
CA ARG B 126 6.95 -18.92 16.85
C ARG B 126 5.43 -18.69 16.76
N LEU B 127 4.97 -17.52 17.21
CA LEU B 127 3.53 -17.24 17.34
C LEU B 127 2.86 -16.58 16.13
N LEU B 128 3.63 -16.34 15.07
CA LEU B 128 3.06 -15.79 13.83
C LEU B 128 3.38 -16.66 12.60
N PRO B 129 2.95 -17.93 12.65
CA PRO B 129 3.21 -18.89 11.56
C PRO B 129 2.63 -18.43 10.22
N VAL B 130 3.31 -18.81 9.15
CA VAL B 130 2.97 -18.39 7.80
C VAL B 130 2.23 -19.54 7.11
N VAL B 131 0.93 -19.35 6.87
CA VAL B 131 0.07 -20.39 6.30
C VAL B 131 -0.80 -19.79 5.19
N ALA B 132 -0.82 -20.42 4.02
CA ALA B 132 -1.58 -19.91 2.87
C ALA B 132 -2.42 -20.99 2.20
N GLU B 133 -3.45 -20.56 1.47
CA GLU B 133 -4.45 -21.49 0.91
C GLU B 133 -4.88 -21.23 -0.53
N THR B 134 -5.28 -22.32 -1.19
CA THR B 134 -6.18 -22.26 -2.35
C THR B 134 -7.30 -23.27 -2.07
N LEU B 135 -8.42 -23.17 -2.77
CA LEU B 135 -9.61 -23.97 -2.43
C LEU B 135 -9.79 -25.24 -3.26
N ASP B 136 -9.75 -26.39 -2.59
CA ASP B 136 -9.92 -27.69 -3.27
C ASP B 136 -11.40 -28.19 -3.20
N ASN B 137 -12.34 -27.28 -3.48
CA ASN B 137 -13.76 -27.56 -3.22
C ASN B 137 -14.43 -28.54 -4.18
N ARG B 138 -13.85 -28.74 -5.35
CA ARG B 138 -14.45 -29.65 -6.34
C ARG B 138 -14.10 -31.11 -6.04
N LEU B 139 -12.89 -31.33 -5.53
CA LEU B 139 -12.37 -32.69 -5.33
C LEU B 139 -12.34 -33.14 -3.86
N ASN B 140 -12.48 -32.20 -2.92
CA ASN B 140 -12.22 -32.46 -1.50
C ASN B 140 -13.37 -32.03 -0.57
N ASP B 141 -13.57 -32.79 0.51
CA ASP B 141 -14.50 -32.43 1.59
C ASP B 141 -13.82 -31.35 2.44
N VAL B 142 -13.98 -30.10 2.02
CA VAL B 142 -13.22 -28.97 2.57
C VAL B 142 -13.37 -28.78 4.08
N PHE B 143 -14.60 -28.90 4.56
CA PHE B 143 -14.94 -28.63 5.97
C PHE B 143 -14.79 -29.86 6.87
N GLY B 144 -14.45 -31.01 6.29
CA GLY B 144 -14.60 -32.29 6.96
C GLY B 144 -13.47 -32.78 7.84
N HIS B 145 -12.54 -31.88 8.19
CA HIS B 145 -11.42 -32.23 9.07
C HIS B 145 -10.60 -33.43 8.57
N GLY B 146 -10.31 -33.44 7.28
CA GLY B 146 -9.49 -34.48 6.70
C GLY B 146 -8.02 -34.39 7.08
N LEU B 147 -7.55 -33.17 7.38
CA LEU B 147 -6.14 -32.98 7.73
C LEU B 147 -5.96 -32.99 9.25
N THR B 148 -4.97 -33.74 9.73
CA THR B 148 -4.73 -33.83 11.17
C THR B 148 -3.41 -33.18 11.56
N ARG B 149 -3.25 -32.90 12.86
CA ARG B 149 -1.97 -32.38 13.34
C ARG B 149 -0.80 -33.29 12.98
N ASP B 150 -1.01 -34.60 13.05
CA ASP B 150 0.03 -35.56 12.68
C ASP B 150 0.49 -35.38 11.23
N HIS B 151 -0.48 -35.16 10.33
CA HIS B 151 -0.19 -34.88 8.93
C HIS B 151 0.76 -33.67 8.81
N VAL B 152 0.48 -32.63 9.59
CA VAL B 152 1.30 -31.43 9.53
C VAL B 152 2.69 -31.70 10.09
N PHE B 153 2.75 -32.40 11.23
CA PHE B 153 4.03 -32.74 11.84
C PHE B 153 4.88 -33.53 10.85
N ALA B 154 4.26 -34.47 10.14
CA ALA B 154 4.98 -35.32 9.19
C ALA B 154 5.63 -34.51 8.08
N ALA B 155 4.92 -33.51 7.56
CA ALA B 155 5.48 -32.67 6.51
C ALA B 155 6.58 -31.76 7.04
N LEU B 156 6.39 -31.22 8.25
CA LEU B 156 7.40 -30.39 8.88
C LEU B 156 8.70 -31.16 9.10
N ASP B 157 8.58 -32.36 9.66
CA ASP B 157 9.74 -33.18 10.02
C ASP B 157 10.35 -33.93 8.83
N GLY B 158 9.55 -34.20 7.81
CA GLY B 158 10.03 -34.95 6.66
C GLY B 158 10.65 -34.12 5.55
N ALA B 159 10.55 -32.80 5.65
CA ALA B 159 11.01 -31.91 4.60
C ALA B 159 12.50 -32.13 4.38
N LYS B 160 12.94 -31.97 3.14
CA LYS B 160 14.36 -32.14 2.81
C LYS B 160 14.76 -31.37 1.55
N GLY B 161 16.06 -31.25 1.33
CA GLY B 161 16.57 -30.68 0.09
C GLY B 161 16.45 -31.68 -1.05
N GLY B 162 17.12 -31.42 -2.16
CA GLY B 162 17.09 -32.33 -3.29
C GLY B 162 15.84 -32.17 -4.16
N PRO B 163 15.62 -33.11 -5.09
CA PRO B 163 14.48 -33.03 -6.02
C PRO B 163 13.15 -32.85 -5.30
N VAL B 164 12.28 -32.02 -5.87
CA VAL B 164 10.98 -31.72 -5.26
C VAL B 164 9.86 -32.43 -6.00
N ALA B 165 9.04 -33.21 -5.27
CA ALA B 165 7.90 -33.86 -5.89
C ALA B 165 6.87 -32.82 -6.38
N GLU B 166 6.37 -33.00 -7.59
CA GLU B 166 5.40 -32.09 -8.18
C GLU B 166 4.07 -32.81 -8.41
N GLY B 167 3.04 -32.05 -8.79
CA GLY B 167 1.75 -32.63 -9.15
C GLY B 167 0.72 -32.68 -8.03
N ASN B 168 0.01 -33.81 -7.94
CA ASN B 168 -1.07 -33.99 -6.97
C ASN B 168 -0.55 -34.35 -5.58
N VAL B 169 0.26 -33.47 -4.99
CA VAL B 169 0.90 -33.76 -3.71
C VAL B 169 0.76 -32.57 -2.77
N GLY B 170 0.88 -32.81 -1.47
CA GLY B 170 0.79 -31.75 -0.47
C GLY B 170 -0.43 -30.84 -0.61
N GLY B 171 -0.20 -29.53 -0.52
CA GLY B 171 -1.29 -28.58 -0.65
C GLY B 171 -1.97 -28.62 -1.99
N GLY B 172 -1.26 -29.10 -3.02
CA GLY B 172 -1.81 -29.10 -4.37
C GLY B 172 -2.69 -30.29 -4.71
N THR B 173 -2.82 -31.22 -3.77
CA THR B 173 -3.45 -32.52 -4.02
C THR B 173 -4.80 -32.44 -4.75
N GLY B 174 -5.72 -31.62 -4.24
CA GLY B 174 -7.06 -31.53 -4.82
C GLY B 174 -7.33 -30.31 -5.68
N MET B 175 -6.28 -29.70 -6.22
CA MET B 175 -6.40 -28.43 -6.95
C MET B 175 -6.66 -28.62 -8.46
N ILE B 176 -7.17 -27.56 -9.09
CA ILE B 176 -7.55 -27.56 -10.51
C ILE B 176 -7.06 -26.28 -11.18
N ALA B 177 -6.28 -26.41 -12.27
CA ALA B 177 -5.69 -25.24 -12.95
C ALA B 177 -5.90 -25.27 -14.45
N TYR B 178 -6.30 -24.12 -15.02
CA TYR B 178 -6.64 -24.00 -16.44
C TYR B 178 -7.64 -25.08 -16.90
N THR B 179 -8.55 -25.47 -16.01
CA THR B 179 -9.55 -26.50 -16.30
C THR B 179 -8.93 -27.89 -16.48
N PHE B 180 -7.64 -28.01 -16.18
CA PHE B 180 -6.96 -29.31 -16.09
C PHE B 180 -6.61 -29.57 -14.64
N LYS B 181 -5.97 -30.69 -14.35
CA LYS B 181 -5.62 -30.98 -12.96
C LYS B 181 -4.55 -29.99 -12.46
N GLY B 182 -4.80 -29.39 -11.30
CA GLY B 182 -3.87 -28.48 -10.66
C GLY B 182 -2.90 -29.18 -9.72
N GLY B 183 -2.11 -28.42 -8.97
CA GLY B 183 -1.17 -29.05 -8.05
C GLY B 183 0.06 -28.22 -7.78
N ILE B 184 1.16 -28.90 -7.48
CA ILE B 184 2.45 -28.25 -7.21
C ILE B 184 3.37 -28.26 -8.43
N GLY B 185 4.02 -27.14 -8.71
CA GLY B 185 5.04 -27.07 -9.75
C GLY B 185 6.23 -26.27 -9.27
N THR B 186 7.42 -26.54 -9.82
CA THR B 186 8.61 -25.82 -9.39
C THR B 186 9.62 -25.66 -10.54
N SER B 187 10.44 -24.63 -10.44
CA SER B 187 11.48 -24.37 -11.44
C SER B 187 12.54 -23.44 -10.84
N SER B 188 13.68 -23.33 -11.51
CA SER B 188 14.70 -22.37 -11.08
C SER B 188 15.46 -21.76 -12.25
N ARG B 189 16.12 -20.63 -11.99
CA ARG B 189 17.02 -20.02 -12.95
C ARG B 189 18.33 -19.61 -12.29
N VAL B 190 19.44 -19.85 -12.98
CA VAL B 190 20.70 -19.27 -12.53
C VAL B 190 21.00 -18.07 -13.43
N VAL B 191 21.19 -16.91 -12.81
CA VAL B 191 21.23 -15.67 -13.55
C VAL B 191 22.56 -14.96 -13.36
N SER B 192 23.09 -14.42 -14.45
CA SER B 192 24.40 -13.77 -14.41
C SER B 192 24.23 -12.30 -14.14
N ALA B 193 24.70 -11.89 -12.96
CA ALA B 193 24.72 -10.48 -12.59
C ALA B 193 26.17 -10.01 -12.62
N GLY B 194 26.68 -9.76 -13.82
CA GLY B 194 28.07 -9.41 -14.01
C GLY B 194 28.97 -10.60 -13.76
N ASP B 195 29.80 -10.49 -12.72
CA ASP B 195 30.74 -11.54 -12.37
C ASP B 195 30.17 -12.52 -11.33
N THR B 196 28.93 -12.27 -10.91
CA THR B 196 28.30 -13.13 -9.91
C THR B 196 27.04 -13.78 -10.48
N ARG B 197 26.87 -15.06 -10.20
CA ARG B 197 25.70 -15.77 -10.67
C ARG B 197 24.80 -16.16 -9.49
N TYR B 198 23.59 -15.59 -9.45
CA TYR B 198 22.65 -15.91 -8.39
C TYR B 198 21.64 -16.96 -8.83
N THR B 199 20.98 -17.58 -7.86
CA THR B 199 19.93 -18.56 -8.13
C THR B 199 18.60 -17.98 -7.69
N VAL B 200 17.60 -18.15 -8.55
CA VAL B 200 16.23 -17.77 -8.23
C VAL B 200 15.40 -19.04 -8.36
N GLY B 201 14.74 -19.44 -7.28
CA GLY B 201 13.91 -20.64 -7.29
C GLY B 201 12.45 -20.32 -7.03
N VAL B 202 11.57 -21.00 -7.77
CA VAL B 202 10.13 -20.74 -7.63
C VAL B 202 9.32 -22.02 -7.39
N LEU B 203 8.39 -21.97 -6.45
CA LEU B 203 7.45 -23.08 -6.26
C LEU B 203 6.03 -22.53 -6.29
N VAL B 204 5.14 -23.20 -7.04
CA VAL B 204 3.75 -22.76 -7.10
C VAL B 204 2.77 -23.82 -6.59
N GLN B 205 1.68 -23.36 -5.98
CA GLN B 205 0.49 -24.18 -5.77
C GLN B 205 -0.60 -23.58 -6.67
N ALA B 206 -0.91 -24.26 -7.78
CA ALA B 206 -1.76 -23.67 -8.82
C ALA B 206 -3.20 -24.20 -8.79
N ASN B 207 -4.15 -23.27 -8.76
CA ASN B 207 -5.57 -23.59 -8.70
C ASN B 207 -6.34 -22.52 -9.48
N HIS B 208 -5.73 -22.03 -10.55
CA HIS B 208 -6.20 -20.84 -11.25
C HIS B 208 -6.39 -21.07 -12.75
N GLY B 209 -7.03 -20.11 -13.41
CA GLY B 209 -6.99 -20.07 -14.87
C GLY B 209 -8.08 -20.86 -15.58
N ASP B 210 -8.30 -20.50 -16.85
CA ASP B 210 -9.22 -21.24 -17.73
C ASP B 210 -8.48 -21.81 -18.92
N ARG B 211 -8.91 -22.99 -19.36
CA ARG B 211 -8.33 -23.65 -20.53
C ARG B 211 -8.34 -22.75 -21.77
N ASN B 212 -9.40 -21.98 -21.96
CA ASN B 212 -9.50 -21.11 -23.14
C ASN B 212 -8.40 -20.05 -23.23
N ASP B 213 -7.80 -19.71 -22.09
CA ASP B 213 -6.81 -18.65 -22.02
C ASP B 213 -5.38 -19.19 -22.02
N LEU B 214 -5.22 -20.44 -21.61
CA LEU B 214 -3.91 -21.03 -21.37
C LEU B 214 -2.94 -20.89 -22.56
N ARG B 215 -1.73 -20.42 -22.28
CA ARG B 215 -0.65 -20.44 -23.27
C ARG B 215 0.52 -21.25 -22.70
N ILE B 216 1.06 -22.15 -23.51
CA ILE B 216 2.30 -22.84 -23.16
C ILE B 216 3.32 -22.50 -24.24
N ALA B 217 4.44 -21.90 -23.84
CA ALA B 217 5.42 -21.37 -24.78
C ALA B 217 4.74 -20.48 -25.83
N GLY B 218 3.74 -19.72 -25.39
CA GLY B 218 3.07 -18.76 -26.24
C GLY B 218 2.02 -19.34 -27.15
N VAL B 219 1.87 -20.66 -27.13
CA VAL B 219 0.87 -21.34 -27.94
C VAL B 219 -0.47 -21.43 -27.21
N GLN B 220 -1.52 -20.85 -27.79
CA GLN B 220 -2.85 -20.92 -27.18
C GLN B 220 -3.42 -22.31 -27.38
N ILE B 221 -3.18 -23.18 -26.40
CA ILE B 221 -3.19 -24.62 -26.62
C ILE B 221 -4.50 -25.32 -26.25
N GLY B 222 -5.42 -24.59 -25.61
CA GLY B 222 -6.67 -25.17 -25.16
C GLY B 222 -7.52 -25.74 -26.29
N LYS B 223 -7.57 -25.03 -27.41
CA LYS B 223 -8.37 -25.45 -28.56
C LYS B 223 -7.64 -26.49 -29.42
N GLU B 224 -6.33 -26.64 -29.20
CA GLU B 224 -5.55 -27.61 -29.96
C GLU B 224 -5.63 -29.00 -29.34
N ILE B 225 -5.99 -29.06 -28.06
CA ILE B 225 -6.12 -30.33 -27.37
C ILE B 225 -7.54 -30.85 -27.49
N LYS B 226 -7.67 -32.14 -27.79
CA LYS B 226 -8.99 -32.73 -27.98
C LYS B 226 -9.45 -33.52 -26.75
N GLY B 227 -10.67 -33.26 -26.30
CA GLY B 227 -11.19 -33.92 -25.10
C GLY B 227 -10.49 -33.43 -23.84
N ALA B 228 -10.46 -34.30 -22.83
CA ALA B 228 -9.83 -34.00 -21.53
C ALA B 228 -10.52 -32.90 -20.72
N TRP B 229 -11.78 -32.60 -21.04
CA TRP B 229 -12.58 -31.68 -20.24
C TRP B 229 -13.05 -32.40 -18.98
N PRO B 230 -13.33 -31.66 -17.90
CA PRO B 230 -13.73 -32.29 -16.64
C PRO B 230 -15.09 -32.97 -16.76
N GLU B 231 -15.33 -33.98 -15.92
CA GLU B 231 -16.60 -34.71 -15.93
C GLU B 231 -17.18 -34.89 -14.53
N VAL B 232 -18.46 -35.25 -14.47
CA VAL B 232 -19.08 -35.73 -13.24
C VAL B 232 -19.95 -36.95 -13.55
N ASN B 233 -19.67 -38.05 -12.88
CA ASN B 233 -20.44 -39.29 -13.08
C ASN B 233 -20.51 -39.69 -14.56
N GLY B 234 -19.55 -39.23 -15.35
CA GLY B 234 -19.47 -39.61 -16.75
C GLY B 234 -20.03 -38.59 -17.71
N ILE B 235 -20.37 -37.41 -17.19
CA ILE B 235 -20.94 -36.35 -18.03
C ILE B 235 -20.01 -35.13 -18.09
N VAL B 236 -19.77 -34.62 -19.29
CA VAL B 236 -18.85 -33.50 -19.48
C VAL B 236 -19.36 -32.25 -18.75
N ALA B 237 -18.53 -31.74 -17.85
CA ALA B 237 -18.94 -30.66 -16.96
C ALA B 237 -18.47 -29.28 -17.40
N ALA B 238 -17.76 -29.21 -18.52
CA ALA B 238 -17.27 -27.93 -19.03
C ALA B 238 -16.85 -28.00 -20.49
N GLY B 239 -16.74 -26.83 -21.12
CA GLY B 239 -16.34 -26.76 -22.51
C GLY B 239 -17.52 -26.83 -23.48
N PRO B 240 -17.22 -26.79 -24.79
CA PRO B 240 -18.24 -26.78 -25.85
C PRO B 240 -19.22 -27.97 -25.82
N ASP B 241 -18.82 -29.09 -25.22
CA ASP B 241 -19.68 -30.27 -25.20
C ASP B 241 -20.15 -30.65 -23.79
N ALA B 242 -20.63 -29.65 -23.05
CA ALA B 242 -21.11 -29.88 -21.69
C ALA B 242 -22.48 -30.53 -21.70
N SER B 250 -7.16 -19.41 -7.92
CA SER B 250 -6.17 -19.04 -6.91
C SER B 250 -4.81 -19.63 -7.22
N LEU B 251 -3.76 -18.94 -6.78
CA LEU B 251 -2.39 -19.31 -7.12
C LEU B 251 -1.44 -18.77 -6.06
N LEU B 252 -0.63 -19.65 -5.46
CA LEU B 252 0.35 -19.24 -4.47
C LEU B 252 1.74 -19.39 -5.09
N ILE B 253 2.53 -18.33 -5.06
CA ILE B 253 3.87 -18.34 -5.67
C ILE B 253 4.92 -18.06 -4.58
N VAL B 254 5.85 -18.99 -4.39
CA VAL B 254 6.94 -18.81 -3.42
C VAL B 254 8.26 -18.69 -4.14
N ILE B 255 8.94 -17.56 -3.91
CA ILE B 255 10.21 -17.25 -4.59
C ILE B 255 11.35 -17.24 -3.57
N ALA B 256 12.37 -18.05 -3.85
CA ALA B 256 13.59 -18.05 -3.02
C ALA B 256 14.76 -17.55 -3.83
N THR B 257 15.67 -16.83 -3.18
CA THR B 257 16.89 -16.44 -3.87
C THR B 257 18.06 -16.37 -2.90
N ASP B 258 19.26 -16.66 -3.41
CA ASP B 258 20.46 -16.49 -2.58
C ASP B 258 21.07 -15.09 -2.77
N ALA B 259 20.45 -14.25 -3.61
CA ALA B 259 20.90 -12.87 -3.73
C ALA B 259 20.63 -12.19 -2.39
N PRO B 260 21.58 -11.36 -1.93
CA PRO B 260 21.45 -10.68 -0.64
C PRO B 260 20.61 -9.40 -0.78
N LEU B 261 19.30 -9.57 -0.92
CA LEU B 261 18.39 -8.44 -1.10
C LEU B 261 17.82 -7.93 0.21
N MET B 262 17.55 -6.63 0.28
CA MET B 262 16.79 -6.06 1.40
C MET B 262 15.29 -6.31 1.19
N PRO B 263 14.48 -6.14 2.24
CA PRO B 263 13.06 -6.45 2.13
C PRO B 263 12.33 -5.70 1.01
N HIS B 264 12.59 -4.40 0.85
CA HIS B 264 11.91 -3.66 -0.21
C HIS B 264 12.30 -4.17 -1.59
N GLN B 265 13.51 -4.71 -1.71
CA GLN B 265 13.98 -5.27 -2.97
C GLN B 265 13.31 -6.60 -3.25
N LEU B 266 13.01 -7.36 -2.19
CA LEU B 266 12.26 -8.60 -2.32
C LEU B 266 10.80 -8.35 -2.71
N GLU B 267 10.21 -7.24 -2.28
CA GLU B 267 8.88 -6.86 -2.80
C GLU B 267 8.93 -6.70 -4.32
N ARG B 268 10.01 -6.12 -4.84
CA ARG B 268 10.12 -5.95 -6.28
C ARG B 268 10.19 -7.31 -7.00
N MET B 269 10.93 -8.24 -6.42
CA MET B 269 11.00 -9.62 -6.97
C MET B 269 9.60 -10.24 -7.02
N ALA B 270 8.85 -10.06 -5.95
CA ALA B 270 7.53 -10.68 -5.86
C ALA B 270 6.56 -10.07 -6.89
N ARG B 271 6.74 -8.78 -7.17
CA ARG B 271 5.88 -8.11 -8.15
C ARG B 271 6.15 -8.58 -9.59
N ARG B 272 7.29 -9.24 -9.80
CA ARG B 272 7.63 -9.79 -11.11
C ARG B 272 6.86 -11.07 -11.45
N ALA B 273 6.34 -11.75 -10.42
CA ALA B 273 5.63 -13.01 -10.65
C ALA B 273 4.45 -12.81 -11.60
N ALA B 274 3.71 -11.71 -11.42
CA ALA B 274 2.57 -11.38 -12.29
C ALA B 274 2.92 -11.42 -13.79
N LEU B 275 4.10 -10.95 -14.16
CA LEU B 275 4.50 -10.95 -15.56
C LEU B 275 4.67 -12.39 -16.07
N GLY B 276 5.24 -13.26 -15.23
CA GLY B 276 5.36 -14.67 -15.61
C GLY B 276 4.02 -15.37 -15.72
N VAL B 277 3.11 -15.05 -14.80
CA VAL B 277 1.72 -15.54 -14.91
C VAL B 277 1.08 -15.03 -16.20
N GLY B 278 1.26 -13.74 -16.50
CA GLY B 278 0.67 -13.17 -17.70
C GLY B 278 1.10 -13.91 -18.95
N ARG B 279 2.36 -14.34 -18.99
CA ARG B 279 2.88 -15.08 -20.15
C ARG B 279 2.02 -16.28 -20.52
N ASN B 280 1.46 -16.95 -19.51
CA ASN B 280 0.69 -18.17 -19.73
C ASN B 280 -0.81 -17.96 -19.90
N GLY B 281 -1.25 -16.69 -19.94
CA GLY B 281 -2.58 -16.37 -20.45
C GLY B 281 -3.72 -16.04 -19.49
N SER B 282 -3.60 -16.37 -18.22
CA SER B 282 -4.73 -16.19 -17.30
C SER B 282 -4.97 -14.70 -17.00
N THR B 283 -6.15 -14.38 -16.47
CA THR B 283 -6.53 -12.97 -16.33
C THR B 283 -6.94 -12.61 -14.90
N ALA B 284 -6.63 -13.49 -13.94
CA ALA B 284 -6.97 -13.30 -12.51
C ALA B 284 -8.47 -13.15 -12.23
N GLY B 285 -9.15 -14.28 -12.04
CA GLY B 285 -10.58 -14.25 -11.75
C GLY B 285 -10.90 -13.43 -10.51
N ALA B 286 -12.15 -13.01 -10.37
CA ALA B 286 -12.57 -12.17 -9.25
C ALA B 286 -12.37 -12.83 -7.89
N LEU B 287 -12.51 -14.15 -7.84
CA LEU B 287 -12.37 -14.86 -6.57
C LEU B 287 -11.10 -15.71 -6.52
N SER B 288 -10.20 -15.47 -7.47
CA SER B 288 -8.92 -16.19 -7.53
C SER B 288 -7.89 -15.47 -6.66
N GLY B 289 -7.57 -16.05 -5.50
CA GLY B 289 -6.56 -15.49 -4.63
C GLY B 289 -5.15 -15.78 -5.15
N GLU B 290 -4.54 -14.77 -5.79
CA GLU B 290 -3.23 -14.94 -6.40
C GLU B 290 -2.21 -14.04 -5.71
N PHE B 291 -1.20 -14.67 -5.08
CA PHE B 291 -0.24 -13.98 -4.21
C PHE B 291 1.17 -14.48 -4.50
N ALA B 292 2.17 -13.63 -4.22
CA ALA B 292 3.59 -14.03 -4.30
C ALA B 292 4.35 -13.59 -3.05
N LEU B 293 5.25 -14.45 -2.58
CA LEU B 293 6.12 -14.14 -1.44
C LEU B 293 7.55 -14.45 -1.84
N ALA B 294 8.47 -13.51 -1.65
CA ALA B 294 9.88 -13.69 -2.00
C ALA B 294 10.75 -13.54 -0.76
N PHE B 295 11.71 -14.45 -0.59
CA PHE B 295 12.67 -14.35 0.51
C PHE B 295 14.12 -14.59 0.06
N SER B 296 15.06 -14.06 0.83
CA SER B 296 16.49 -14.26 0.59
C SER B 296 17.09 -15.22 1.63
N THR B 297 17.88 -16.18 1.18
CA THR B 297 18.53 -17.10 2.11
C THR B 297 19.92 -16.62 2.53
N SER B 298 20.38 -15.50 1.96
CA SER B 298 21.69 -14.96 2.34
C SER B 298 21.53 -13.79 3.31
N HIS B 299 20.39 -13.14 3.25
CA HIS B 299 20.09 -12.07 4.20
C HIS B 299 19.26 -12.63 5.33
N VAL B 300 19.95 -13.02 6.41
CA VAL B 300 19.31 -13.71 7.50
C VAL B 300 19.40 -12.89 8.77
N ILE B 301 18.41 -13.08 9.65
CA ILE B 301 18.32 -12.31 10.88
C ILE B 301 18.29 -13.25 12.09
N PRO B 302 19.45 -13.44 12.72
CA PRO B 302 19.51 -14.23 13.96
C PRO B 302 18.54 -13.68 14.98
N LEU B 303 17.84 -14.59 15.65
CA LEU B 303 16.86 -14.24 16.65
C LEU B 303 17.52 -13.40 17.74
N GLY B 304 17.00 -12.19 17.95
CA GLY B 304 17.57 -11.27 18.92
C GLY B 304 18.99 -10.80 18.64
N GLY B 305 19.42 -10.91 17.38
CA GLY B 305 20.78 -10.55 17.02
C GLY B 305 20.90 -9.54 15.91
N LYS B 306 22.10 -9.42 15.36
CA LYS B 306 22.39 -8.48 14.29
C LYS B 306 22.08 -9.08 12.93
N PRO B 307 21.32 -8.36 12.07
CA PRO B 307 21.08 -8.93 10.74
C PRO B 307 22.39 -9.19 10.02
N ARG B 308 22.43 -10.26 9.24
CA ARG B 308 23.61 -10.62 8.46
C ARG B 308 23.34 -10.40 6.98
N LEU B 309 24.03 -9.42 6.41
CA LEU B 309 23.90 -9.07 5.00
C LEU B 309 25.31 -9.06 4.38
N PRO B 310 25.65 -10.12 3.64
CA PRO B 310 27.01 -10.43 3.16
C PRO B 310 27.49 -9.49 2.06
N ALA B 311 26.55 -8.91 1.32
CA ALA B 311 26.86 -7.95 0.30
C ALA B 311 25.60 -7.11 0.14
N ILE B 312 25.70 -6.01 -0.58
CA ILE B 312 24.55 -5.13 -0.71
C ILE B 312 24.41 -4.70 -2.16
N ILE B 313 23.18 -4.67 -2.66
CA ILE B 313 22.91 -4.40 -4.06
C ILE B 313 22.16 -3.08 -4.27
N ASN B 314 22.59 -2.30 -5.26
CA ASN B 314 21.95 -1.03 -5.59
C ASN B 314 20.71 -1.29 -6.44
N ASP B 315 19.55 -0.78 -6.02
CA ASP B 315 18.32 -0.94 -6.79
C ASP B 315 18.40 -0.42 -8.22
N THR B 316 19.30 0.52 -8.48
CA THR B 316 19.42 1.11 -9.82
C THR B 316 20.48 0.40 -10.66
N ASP B 317 21.06 -0.67 -10.12
CA ASP B 317 22.02 -1.50 -10.86
C ASP B 317 21.23 -2.43 -11.78
N SER B 318 20.97 -1.96 -13.00
CA SER B 318 20.14 -2.69 -13.95
C SER B 318 20.72 -4.06 -14.32
N GLU B 319 22.05 -4.13 -14.46
CA GLU B 319 22.68 -5.39 -14.82
C GLU B 319 22.32 -6.48 -13.81
N THR B 320 22.43 -6.15 -12.53
CA THR B 320 22.16 -7.13 -11.45
C THR B 320 20.65 -7.34 -11.27
N MET B 321 19.89 -6.24 -11.17
CA MET B 321 18.47 -6.38 -10.88
C MET B 321 17.67 -7.00 -12.03
N ASN B 322 17.98 -6.62 -13.27
CA ASN B 322 17.24 -7.16 -14.42
C ASN B 322 17.47 -8.67 -14.55
N ALA B 323 18.71 -9.08 -14.28
CA ALA B 323 19.03 -10.51 -14.30
C ALA B 323 18.16 -11.27 -13.31
N LEU B 324 18.00 -10.73 -12.11
CA LEU B 324 17.17 -11.34 -11.07
C LEU B 324 15.69 -11.31 -11.45
N PHE B 325 15.24 -10.17 -11.96
CA PHE B 325 13.84 -10.00 -12.34
C PHE B 325 13.45 -10.99 -13.44
N ARG B 326 14.28 -11.08 -14.48
CA ARG B 326 14.05 -12.00 -15.58
CA ARG B 326 14.07 -12.01 -15.58
C ARG B 326 14.02 -13.44 -15.07
N GLY B 327 14.87 -13.75 -14.09
CA GLY B 327 14.86 -15.03 -13.44
C GLY B 327 13.49 -15.36 -12.84
N VAL B 328 12.93 -14.46 -12.05
CA VAL B 328 11.59 -14.67 -11.48
C VAL B 328 10.54 -14.95 -12.57
N VAL B 329 10.56 -14.15 -13.62
CA VAL B 329 9.53 -14.26 -14.67
C VAL B 329 9.62 -15.61 -15.38
N GLN B 330 10.84 -16.01 -15.72
CA GLN B 330 11.05 -17.27 -16.44
C GLN B 330 10.77 -18.48 -15.55
N ALA B 331 11.24 -18.44 -14.30
CA ALA B 331 11.03 -19.56 -13.38
C ALA B 331 9.55 -19.73 -13.03
N THR B 332 8.83 -18.61 -12.91
CA THR B 332 7.38 -18.67 -12.66
C THR B 332 6.66 -19.27 -13.87
N GLU B 333 6.99 -18.80 -15.07
CA GLU B 333 6.38 -19.32 -16.29
C GLU B 333 6.55 -20.84 -16.36
N GLU B 334 7.78 -21.29 -16.16
CA GLU B 334 8.09 -22.72 -16.25
C GLU B 334 7.50 -23.55 -15.10
N ALA B 335 7.45 -23.00 -13.89
CA ALA B 335 6.88 -23.74 -12.77
C ALA B 335 5.41 -24.05 -13.03
N LEU B 336 4.70 -23.10 -13.64
CA LEU B 336 3.28 -23.29 -13.96
C LEU B 336 3.09 -24.40 -14.98
N VAL B 337 3.98 -24.51 -15.95
CA VAL B 337 3.87 -25.61 -16.93
C VAL B 337 4.32 -26.94 -16.33
N ASN B 338 5.40 -26.92 -15.54
CA ASN B 338 5.79 -28.13 -14.82
C ASN B 338 4.66 -28.69 -13.97
N GLN B 339 3.94 -27.82 -13.28
CA GLN B 339 2.81 -28.28 -12.47
C GLN B 339 1.85 -29.11 -13.31
N LEU B 340 1.40 -28.53 -14.42
CA LEU B 340 0.38 -29.16 -15.27
C LEU B 340 0.83 -30.54 -15.76
N VAL B 341 2.08 -30.62 -16.19
CA VAL B 341 2.65 -31.86 -16.69
C VAL B 341 2.79 -32.91 -15.58
N ALA B 342 3.08 -32.48 -14.36
CA ALA B 342 3.26 -33.43 -13.26
C ALA B 342 1.93 -33.97 -12.73
N SER B 343 0.86 -33.19 -12.89
CA SER B 343 -0.44 -33.57 -12.32
C SER B 343 -1.20 -34.57 -13.18
N GLU B 344 -1.59 -35.69 -12.57
CA GLU B 344 -2.31 -36.76 -13.27
C GLU B 344 -3.82 -36.64 -13.09
N THR B 345 -4.56 -37.30 -13.97
CA THR B 345 -6.02 -37.34 -13.87
C THR B 345 -6.41 -37.84 -12.49
N MET B 346 -7.46 -37.24 -11.92
CA MET B 346 -7.94 -37.62 -10.59
C MET B 346 -9.47 -37.61 -10.52
N THR B 347 -10.05 -38.59 -9.85
CA THR B 347 -11.47 -38.54 -9.51
C THR B 347 -11.60 -38.39 -8.01
N GLY B 348 -12.39 -37.40 -7.58
CA GLY B 348 -12.54 -37.13 -6.16
C GLY B 348 -13.98 -37.05 -5.67
N ALA B 349 -14.23 -36.11 -4.76
CA ALA B 349 -15.57 -35.93 -4.18
C ALA B 349 -16.69 -35.80 -5.22
N ASN B 350 -17.79 -36.49 -4.99
CA ASN B 350 -18.96 -36.45 -5.86
C ASN B 350 -18.67 -36.96 -7.27
N ASN B 351 -17.67 -37.83 -7.37
CA ASN B 351 -17.25 -38.41 -8.64
C ASN B 351 -16.78 -37.36 -9.66
N ALA B 352 -16.44 -36.17 -9.18
CA ALA B 352 -15.83 -35.15 -10.04
C ALA B 352 -14.51 -35.66 -10.60
N LYS B 353 -14.32 -35.53 -11.91
CA LYS B 353 -13.10 -36.02 -12.56
C LYS B 353 -12.43 -34.89 -13.35
N VAL B 354 -11.14 -34.70 -13.11
CA VAL B 354 -10.39 -33.62 -13.75
C VAL B 354 -9.15 -34.24 -14.38
N TYR B 355 -8.93 -33.97 -15.67
CA TYR B 355 -7.83 -34.61 -16.41
C TYR B 355 -6.52 -33.85 -16.30
N GLY B 356 -5.43 -34.59 -16.16
CA GLY B 356 -4.10 -34.02 -16.35
C GLY B 356 -3.95 -33.65 -17.82
N ILE B 357 -3.27 -32.55 -18.12
CA ILE B 357 -3.10 -32.17 -19.51
C ILE B 357 -2.41 -33.34 -20.24
N PRO B 358 -3.02 -33.81 -21.34
CA PRO B 358 -2.55 -35.01 -22.04
C PRO B 358 -1.12 -34.89 -22.57
N HIS B 359 -0.22 -35.76 -22.11
CA HIS B 359 1.19 -35.71 -22.49
C HIS B 359 1.40 -35.94 -23.98
N ASP B 360 0.71 -36.94 -24.52
CA ASP B 360 0.87 -37.29 -25.93
C ASP B 360 0.48 -36.13 -26.86
N GLN B 361 -0.66 -35.50 -26.59
CA GLN B 361 -1.12 -34.37 -27.40
C GLN B 361 -0.21 -33.15 -27.27
N LEU B 362 0.21 -32.85 -26.03
CA LEU B 362 1.10 -31.72 -25.79
C LEU B 362 2.42 -31.85 -26.55
N ALA B 363 3.04 -33.04 -26.46
CA ALA B 363 4.30 -33.28 -27.15
C ALA B 363 4.16 -33.17 -28.68
N ARG B 364 3.02 -33.59 -29.21
CA ARG B 364 2.78 -33.49 -30.65
C ARG B 364 2.66 -32.05 -31.10
N ILE B 365 1.93 -31.26 -30.32
CA ILE B 365 1.76 -29.84 -30.60
C ILE B 365 3.08 -29.08 -30.52
N MET B 366 3.89 -29.36 -29.49
CA MET B 366 5.19 -28.69 -29.33
C MET B 366 6.12 -29.04 -30.49
N LYS B 367 6.08 -30.29 -30.93
CA LYS B 367 6.93 -30.75 -32.03
C LYS B 367 6.59 -30.05 -33.34
N ALA B 368 5.30 -29.88 -33.59
CA ALA B 368 4.84 -29.21 -34.80
C ALA B 368 5.14 -27.71 -34.77
N ARG B 369 5.01 -27.10 -33.60
N ARG B 369 5.00 -27.11 -33.59
CA ARG B 369 5.23 -25.67 -33.46
CA ARG B 369 5.21 -25.68 -33.40
C ARG B 369 6.72 -25.31 -33.41
C ARG B 369 6.70 -25.31 -33.41
N PHE B 370 7.52 -26.17 -32.79
CA PHE B 370 8.96 -25.94 -32.67
C PHE B 370 9.75 -27.11 -33.26
N PRO B 371 9.66 -27.30 -34.59
CA PRO B 371 10.31 -28.42 -35.29
C PRO B 371 11.70 -28.73 -34.76
N GLY C 1 -3.25 4.01 -42.79
CA GLY C 1 -2.17 3.08 -42.50
C GLY C 1 -2.66 1.85 -41.76
N PRO C 2 -1.97 0.72 -41.92
CA PRO C 2 -2.42 -0.53 -41.30
C PRO C 2 -2.19 -0.51 -39.80
N ARG C 3 -3.06 -1.17 -39.04
CA ARG C 3 -2.81 -1.43 -37.63
C ARG C 3 -2.47 -2.90 -37.48
N ALA C 4 -2.26 -3.39 -36.25
CA ALA C 4 -1.75 -4.74 -36.07
C ALA C 4 -2.60 -5.80 -36.75
N ARG C 5 -3.92 -5.71 -36.62
CA ARG C 5 -4.80 -6.69 -37.25
C ARG C 5 -4.62 -6.73 -38.75
N ASP C 6 -4.41 -5.56 -39.35
CA ASP C 6 -4.25 -5.44 -40.80
C ASP C 6 -2.99 -6.14 -41.34
N LEU C 7 -2.03 -6.38 -40.45
CA LEU C 7 -0.81 -7.09 -40.84
C LEU C 7 -0.90 -8.58 -40.54
N GLY C 8 -2.07 -9.04 -40.13
CA GLY C 8 -2.28 -10.45 -39.89
C GLY C 8 -2.02 -10.93 -38.47
N VAL C 9 -1.84 -10.00 -37.54
CA VAL C 9 -1.70 -10.36 -36.13
C VAL C 9 -3.08 -10.66 -35.55
N PRO C 10 -3.24 -11.87 -35.00
CA PRO C 10 -4.51 -12.27 -34.38
C PRO C 10 -4.56 -11.87 -32.90
N PHE C 11 -5.75 -11.46 -32.43
CA PHE C 11 -6.02 -11.20 -31.01
C PHE C 11 -7.38 -11.81 -30.63
N GLU C 12 -7.53 -12.10 -29.34
CA GLU C 12 -8.78 -12.64 -28.78
C GLU C 12 -9.73 -11.50 -28.39
N GLY C 13 -11.04 -11.75 -28.44
CA GLY C 13 -12.01 -10.76 -27.99
C GLY C 13 -12.63 -9.93 -29.11
N THR C 14 -13.58 -9.06 -28.75
CA THR C 14 -14.24 -8.18 -29.73
C THR C 14 -13.91 -6.73 -29.47
N PRO C 15 -13.22 -6.07 -30.41
CA PRO C 15 -12.95 -4.64 -30.24
C PRO C 15 -14.20 -3.80 -30.43
N GLY C 16 -14.20 -2.60 -29.84
CA GLY C 16 -15.22 -1.63 -30.14
C GLY C 16 -15.06 -1.11 -31.57
N ALA C 17 -15.98 -0.25 -31.99
CA ALA C 17 -16.02 0.23 -33.36
C ALA C 17 -14.71 0.85 -33.84
N LEU C 18 -14.12 1.72 -33.02
CA LEU C 18 -12.87 2.38 -33.39
C LEU C 18 -11.61 1.59 -32.99
N ASN C 19 -11.80 0.54 -32.18
CA ASN C 19 -10.68 -0.17 -31.56
C ASN C 19 -9.72 0.84 -30.93
N ALA C 20 -10.25 1.62 -30.00
CA ALA C 20 -9.46 2.70 -29.38
C ALA C 20 -10.11 3.13 -28.07
N ILE C 21 -9.36 3.85 -27.24
CA ILE C 21 -9.88 4.29 -25.95
C ILE C 21 -11.13 5.17 -26.09
N THR C 22 -11.25 5.85 -27.23
CA THR C 22 -12.41 6.69 -27.51
C THR C 22 -13.68 5.92 -27.82
N ASP C 23 -13.60 4.59 -27.87
CA ASP C 23 -14.82 3.77 -27.87
C ASP C 23 -15.61 3.93 -26.58
N VAL C 24 -14.95 4.42 -25.54
CA VAL C 24 -15.65 4.77 -24.30
C VAL C 24 -16.22 6.18 -24.47
N ALA C 25 -17.55 6.28 -24.51
CA ALA C 25 -18.18 7.54 -24.91
C ALA C 25 -17.79 8.73 -24.04
N GLY C 26 -17.51 9.86 -24.68
CA GLY C 26 -17.15 11.07 -23.95
C GLY C 26 -15.65 11.31 -23.78
N VAL C 27 -14.84 10.25 -23.91
CA VAL C 27 -13.37 10.39 -23.80
C VAL C 27 -12.86 11.15 -25.02
N GLU C 28 -11.99 12.15 -24.79
CA GLU C 28 -11.36 12.88 -25.88
C GLU C 28 -9.85 12.75 -25.76
N VAL C 29 -9.15 12.66 -26.89
CA VAL C 29 -7.69 12.55 -26.91
C VAL C 29 -7.09 13.61 -27.84
N GLY C 30 -6.02 14.28 -27.39
CA GLY C 30 -5.31 15.25 -28.21
C GLY C 30 -3.80 15.02 -28.16
N HIS C 31 -3.09 15.31 -29.25
CA HIS C 31 -1.63 15.18 -29.26
C HIS C 31 -1.01 16.50 -29.74
N THR C 32 0.10 16.91 -29.15
CA THR C 32 0.97 17.89 -29.79
C THR C 32 2.31 17.21 -29.99
N THR C 33 2.82 17.27 -31.22
CA THR C 33 4.02 16.54 -31.59
C THR C 33 5.11 17.54 -31.99
N VAL C 34 6.27 17.43 -31.35
CA VAL C 34 7.36 18.39 -31.56
C VAL C 34 8.58 17.69 -32.16
N ILE C 35 8.86 17.99 -33.42
CA ILE C 35 9.97 17.38 -34.16
C ILE C 35 10.72 18.50 -34.90
N SER C 36 11.92 18.82 -34.43
CA SER C 36 12.72 19.88 -35.07
C SER C 36 14.21 19.64 -34.86
N GLY C 37 15.00 20.01 -35.87
CA GLY C 37 16.45 19.89 -35.78
C GLY C 37 16.98 18.51 -36.09
N ASP C 38 18.25 18.45 -36.49
CA ASP C 38 18.92 17.18 -36.75
C ASP C 38 20.38 17.29 -36.32
N GLY C 39 21.02 16.14 -36.12
CA GLY C 39 22.43 16.11 -35.78
C GLY C 39 22.75 16.17 -34.30
N ALA C 40 23.90 16.75 -34.01
CA ALA C 40 24.49 16.73 -32.67
C ALA C 40 23.61 17.52 -31.71
N MET C 41 23.45 16.99 -30.50
CA MET C 41 22.61 17.62 -29.49
C MET C 41 23.39 18.63 -28.67
N VAL C 42 22.78 19.78 -28.42
CA VAL C 42 23.32 20.75 -27.47
C VAL C 42 22.17 21.09 -26.55
N ILE C 43 22.33 20.89 -25.25
CA ILE C 43 21.22 21.11 -24.32
C ILE C 43 20.72 22.55 -24.42
N GLY C 44 19.44 22.69 -24.74
CA GLY C 44 18.82 23.99 -24.94
C GLY C 44 18.61 24.33 -26.40
N LYS C 45 19.13 23.50 -27.28
CA LYS C 45 19.04 23.77 -28.72
C LYS C 45 18.65 22.55 -29.55
N GLY C 46 18.18 21.49 -28.89
CA GLY C 46 17.73 20.31 -29.63
C GLY C 46 18.86 19.47 -30.19
N PRO C 47 18.55 18.55 -31.12
CA PRO C 47 17.24 18.29 -31.73
C PRO C 47 16.15 17.89 -30.73
N TYR C 48 14.91 18.20 -31.10
CA TYR C 48 13.76 17.86 -30.28
C TYR C 48 12.91 16.80 -30.94
N ARG C 49 12.57 15.76 -30.17
CA ARG C 49 11.60 14.76 -30.57
C ARG C 49 10.79 14.46 -29.32
N THR C 50 9.78 15.28 -29.06
CA THR C 50 9.02 15.15 -27.82
C THR C 50 7.59 15.63 -28.06
N GLY C 51 6.80 15.72 -27.00
CA GLY C 51 5.43 16.20 -27.12
C GLY C 51 4.58 15.86 -25.91
N VAL C 52 3.26 15.98 -26.05
CA VAL C 52 2.34 15.70 -24.96
C VAL C 52 1.03 15.14 -25.50
N THR C 53 0.47 14.20 -24.76
CA THR C 53 -0.81 13.59 -25.09
C THR C 53 -1.79 13.89 -23.96
N ILE C 54 -2.99 14.34 -24.32
CA ILE C 54 -4.02 14.71 -23.36
C ILE C 54 -5.19 13.74 -23.49
N ILE C 55 -5.67 13.21 -22.36
CA ILE C 55 -6.93 12.46 -22.34
C ILE C 55 -7.91 13.16 -21.40
N HIS C 56 -9.02 13.65 -21.93
CA HIS C 56 -10.07 14.24 -21.10
C HIS C 56 -11.08 13.12 -20.83
N PRO C 57 -11.20 12.67 -19.57
CA PRO C 57 -12.10 11.54 -19.27
C PRO C 57 -13.58 11.81 -19.63
N LEU C 58 -14.03 13.04 -19.45
CA LEU C 58 -15.44 13.41 -19.70
C LEU C 58 -15.51 14.58 -20.68
N GLY C 59 -14.45 14.79 -21.46
CA GLY C 59 -14.43 15.88 -22.41
C GLY C 59 -13.81 17.15 -21.83
N LYS C 60 -13.37 18.04 -22.72
CA LYS C 60 -12.57 19.19 -22.30
C LYS C 60 -13.34 20.23 -21.51
N THR C 61 -14.67 20.22 -21.59
CA THR C 61 -15.44 21.23 -20.86
C THR C 61 -15.93 20.76 -19.48
N SER C 62 -15.63 19.52 -19.10
CA SER C 62 -16.09 18.99 -17.81
C SER C 62 -15.28 19.51 -16.62
N LEU C 63 -15.98 19.91 -15.56
CA LEU C 63 -15.35 20.29 -14.31
C LEU C 63 -15.48 19.18 -13.25
N ASP C 64 -16.07 18.05 -13.64
CA ASP C 64 -16.40 17.02 -12.66
C ASP C 64 -15.27 16.00 -12.53
N GLY C 65 -15.33 15.21 -11.47
CA GLY C 65 -14.35 14.16 -11.25
C GLY C 65 -14.82 12.81 -11.76
N VAL C 66 -13.88 11.92 -12.06
CA VAL C 66 -14.21 10.53 -12.38
C VAL C 66 -13.66 9.60 -11.31
N ALA C 67 -14.43 8.58 -10.95
CA ALA C 67 -13.93 7.54 -10.04
C ALA C 67 -12.70 6.88 -10.69
N ALA C 68 -11.72 6.53 -9.87
CA ALA C 68 -10.43 6.07 -10.41
C ALA C 68 -9.63 5.25 -9.41
N GLY C 69 -8.78 4.36 -9.92
CA GLY C 69 -7.87 3.59 -9.09
C GLY C 69 -6.62 3.28 -9.89
N ARG C 70 -5.50 3.02 -9.22
CA ARG C 70 -4.23 2.85 -9.94
C ARG C 70 -3.50 1.56 -9.54
N ALA C 71 -2.44 1.23 -10.26
CA ALA C 71 -1.58 0.09 -9.91
C ALA C 71 -0.16 0.42 -10.33
N VAL C 72 0.81 -0.18 -9.64
CA VAL C 72 2.20 0.02 -10.02
C VAL C 72 2.83 -1.32 -10.38
N ILE C 73 3.47 -1.38 -11.53
CA ILE C 73 4.28 -2.54 -11.89
C ILE C 73 5.72 -2.32 -11.38
N ASN C 74 6.28 -1.16 -11.69
CA ASN C 74 7.60 -0.74 -11.17
C ASN C 74 7.62 0.78 -11.12
N GLY C 75 7.77 1.36 -9.93
CA GLY C 75 7.50 2.78 -9.74
C GLY C 75 8.63 3.79 -9.97
N THR C 76 9.59 3.45 -10.81
CA THR C 76 10.72 4.36 -11.06
C THR C 76 10.29 5.38 -12.13
N GLY C 77 9.46 6.33 -11.73
CA GLY C 77 8.92 7.30 -12.67
C GLY C 77 7.99 8.27 -11.96
N GLU C 78 7.48 9.26 -12.69
CA GLU C 78 6.56 10.22 -12.10
C GLU C 78 5.13 10.11 -12.68
N TRP C 79 4.14 10.20 -11.80
CA TRP C 79 2.72 10.30 -12.20
C TRP C 79 2.06 11.12 -11.11
N THR C 80 1.79 12.39 -11.39
CA THR C 80 1.24 13.28 -10.36
C THR C 80 -0.29 13.07 -10.24
N GLY C 81 -0.87 13.60 -9.17
CA GLY C 81 -2.29 13.40 -8.90
C GLY C 81 -2.63 12.03 -8.33
N MET C 82 -1.62 11.18 -8.11
CA MET C 82 -1.89 9.81 -7.68
C MET C 82 -2.11 9.62 -6.18
N HIS C 83 -1.55 10.50 -5.36
CA HIS C 83 -1.87 10.46 -3.93
C HIS C 83 -3.36 10.78 -3.77
N LEU C 84 -3.86 11.71 -4.57
CA LEU C 84 -5.28 12.07 -4.53
C LEU C 84 -6.14 10.89 -4.94
N VAL C 85 -5.77 10.21 -6.01
CA VAL C 85 -6.52 9.04 -6.46
C VAL C 85 -6.56 7.94 -5.35
N ASP C 86 -5.41 7.67 -4.73
CA ASP C 86 -5.37 6.66 -3.67
C ASP C 86 -6.25 7.03 -2.47
N GLU C 87 -6.27 8.32 -2.12
CA GLU C 87 -6.99 8.79 -0.94
C GLU C 87 -8.51 8.88 -1.13
N VAL C 88 -8.94 9.65 -2.13
CA VAL C 88 -10.37 9.90 -2.33
C VAL C 88 -11.01 9.21 -3.53
N GLY C 89 -10.23 8.40 -4.25
CA GLY C 89 -10.78 7.58 -5.32
C GLY C 89 -11.34 8.30 -6.55
N GLN C 90 -10.83 9.49 -6.82
CA GLN C 90 -11.22 10.27 -8.00
C GLN C 90 -10.11 11.26 -8.38
N PHE C 91 -10.17 11.77 -9.60
CA PHE C 91 -9.31 12.90 -9.99
C PHE C 91 -10.10 13.87 -10.89
N LEU C 92 -9.71 15.13 -10.83
CA LEU C 92 -10.31 16.18 -11.66
C LEU C 92 -9.38 16.49 -12.82
N GLY C 93 -9.94 17.01 -13.91
CA GLY C 93 -9.13 17.47 -15.01
C GLY C 93 -8.63 16.35 -15.89
N PRO C 94 -7.76 16.69 -16.85
CA PRO C 94 -7.26 15.74 -17.85
C PRO C 94 -6.06 14.94 -17.34
N ILE C 95 -5.76 13.86 -18.04
CA ILE C 95 -4.50 13.13 -17.89
C ILE C 95 -3.55 13.64 -18.98
N ALA C 96 -2.33 14.00 -18.59
CA ALA C 96 -1.28 14.33 -19.55
C ALA C 96 -0.15 13.29 -19.50
N LEU C 97 0.21 12.77 -20.67
CA LEU C 97 1.34 11.84 -20.83
C LEU C 97 2.41 12.58 -21.64
N THR C 98 3.65 12.59 -21.15
CA THR C 98 4.68 13.39 -21.80
C THR C 98 6.09 12.82 -21.54
N GLY C 99 7.10 13.52 -22.03
CA GLY C 99 8.49 13.18 -21.73
C GLY C 99 8.90 13.72 -20.38
N THR C 100 9.87 13.04 -19.75
CA THR C 100 10.29 13.33 -18.38
C THR C 100 10.67 14.78 -18.13
N GLY C 101 11.40 15.37 -19.08
CA GLY C 101 11.84 16.75 -18.93
C GLY C 101 10.74 17.79 -19.01
N ASN C 102 9.52 17.36 -19.39
CA ASN C 102 8.39 18.26 -19.62
C ASN C 102 7.39 18.32 -18.46
N VAL C 103 7.58 17.50 -17.44
CA VAL C 103 6.57 17.32 -16.39
C VAL C 103 6.15 18.62 -15.71
N GLY C 104 7.13 19.37 -15.21
CA GLY C 104 6.86 20.63 -14.54
C GLY C 104 6.18 21.68 -15.43
N LEU C 105 6.66 21.81 -16.67
CA LEU C 105 6.06 22.74 -17.65
C LEU C 105 4.59 22.39 -17.91
N VAL C 106 4.31 21.10 -18.11
CA VAL C 106 2.94 20.64 -18.31
C VAL C 106 2.04 20.86 -17.07
N HIS C 107 2.57 20.55 -15.90
CA HIS C 107 1.85 20.71 -14.63
C HIS C 107 1.41 22.17 -14.47
N GLN C 108 2.34 23.10 -14.62
CA GLN C 108 1.97 24.51 -14.50
C GLN C 108 1.07 24.99 -15.66
N SER C 109 1.30 24.48 -16.87
CA SER C 109 0.46 24.89 -18.02
C SER C 109 -1.00 24.45 -17.84
N MET C 110 -1.21 23.32 -17.17
CA MET C 110 -2.58 22.85 -16.94
C MET C 110 -3.30 23.77 -15.95
N MET C 111 -2.57 24.27 -14.97
CA MET C 111 -3.15 25.27 -14.07
C MET C 111 -3.53 26.54 -14.81
N ASP C 112 -2.58 27.07 -15.58
CA ASP C 112 -2.80 28.28 -16.39
C ASP C 112 -4.00 28.15 -17.32
N TRP C 113 -4.15 26.98 -17.94
CA TRP C 113 -5.28 26.71 -18.84
C TRP C 113 -6.62 26.90 -18.12
N SER C 114 -6.69 26.52 -16.86
CA SER C 114 -7.95 26.64 -16.10
C SER C 114 -8.35 28.08 -15.82
N VAL C 115 -7.36 28.97 -15.69
CA VAL C 115 -7.65 30.37 -15.39
C VAL C 115 -8.45 31.01 -16.53
N GLY C 116 -9.59 31.59 -16.20
CA GLY C 116 -10.47 32.16 -17.21
C GLY C 116 -11.52 31.18 -17.73
N LYS C 117 -11.27 29.89 -17.62
CA LYS C 117 -12.20 28.87 -18.11
C LYS C 117 -13.03 28.29 -16.98
N VAL C 118 -12.50 28.37 -15.76
CA VAL C 118 -13.12 27.76 -14.60
C VAL C 118 -13.58 28.87 -13.65
N PRO C 119 -14.82 28.78 -13.16
CA PRO C 119 -15.26 29.75 -12.16
C PRO C 119 -14.23 29.85 -11.03
N GLU C 120 -13.88 31.06 -10.64
CA GLU C 120 -12.92 31.29 -9.57
C GLU C 120 -13.22 30.41 -8.37
N GLU C 121 -14.51 30.18 -8.16
CA GLU C 121 -14.99 29.39 -7.03
C GLU C 121 -14.50 27.94 -7.12
N ALA C 122 -14.32 27.46 -8.34
CA ALA C 122 -13.92 26.08 -8.57
C ALA C 122 -12.43 25.92 -8.90
N LEU C 123 -11.67 27.01 -8.86
CA LEU C 123 -10.27 26.95 -9.27
C LEU C 123 -9.42 25.99 -8.42
N PHE C 124 -9.69 25.90 -7.13
CA PHE C 124 -8.87 25.07 -6.25
CA PHE C 124 -8.83 25.08 -6.28
C PHE C 124 -8.89 23.61 -6.68
N SER C 125 -9.98 23.20 -7.32
CA SER C 125 -10.14 21.84 -7.81
C SER C 125 -9.23 21.55 -9.01
N ARG C 126 -8.56 22.59 -9.53
CA ARG C 126 -7.71 22.44 -10.70
C ARG C 126 -6.22 22.40 -10.30
N LEU C 127 -5.94 22.31 -9.01
CA LEU C 127 -4.57 22.47 -8.51
C LEU C 127 -3.77 21.17 -8.30
N LEU C 128 -4.39 20.04 -8.60
CA LEU C 128 -3.68 18.76 -8.54
C LEU C 128 -3.72 18.04 -9.90
N PRO C 129 -3.17 18.68 -10.94
CA PRO C 129 -3.24 18.06 -12.27
C PRO C 129 -2.50 16.75 -12.37
N VAL C 130 -2.91 15.95 -13.35
CA VAL C 130 -2.42 14.59 -13.50
C VAL C 130 -1.47 14.53 -14.69
N VAL C 131 -0.18 14.32 -14.42
CA VAL C 131 0.87 14.38 -15.43
C VAL C 131 1.84 13.20 -15.23
N ALA C 132 2.05 12.41 -16.27
CA ALA C 132 2.93 11.24 -16.17
C ALA C 132 4.00 11.26 -17.28
N GLU C 133 5.09 10.51 -17.07
CA GLU C 133 6.24 10.57 -17.99
C GLU C 133 6.88 9.24 -18.34
N THR C 134 7.51 9.20 -19.51
CA THR C 134 8.56 8.22 -19.82
C THR C 134 9.70 9.03 -20.45
N LEU C 135 10.91 8.49 -20.45
CA LEU C 135 12.11 9.26 -20.84
C LEU C 135 12.50 9.08 -22.32
N ASP C 136 12.52 10.20 -23.08
CA ASP C 136 12.90 10.18 -24.49
C ASP C 136 14.37 10.59 -24.69
N ASN C 137 15.25 10.07 -23.84
CA ASN C 137 16.64 10.55 -23.76
C ASN C 137 17.54 10.20 -24.94
N ARG C 138 17.19 9.21 -25.73
CA ARG C 138 18.02 8.81 -26.87
CA ARG C 138 18.03 8.82 -26.86
C ARG C 138 17.76 9.67 -28.10
N LEU C 139 16.52 10.10 -28.27
CA LEU C 139 16.12 10.84 -29.47
C LEU C 139 15.89 12.32 -29.24
N ASN C 140 15.81 12.73 -27.98
CA ASN C 140 15.36 14.07 -27.63
C ASN C 140 16.31 14.82 -26.68
N ASP C 141 16.42 16.13 -26.88
CA ASP C 141 17.11 17.02 -25.93
C ASP C 141 16.21 17.22 -24.71
N VAL C 142 16.30 16.30 -23.75
CA VAL C 142 15.37 16.25 -22.62
C VAL C 142 15.24 17.53 -21.78
N PHE C 143 16.39 18.11 -21.44
CA PHE C 143 16.46 19.30 -20.57
C PHE C 143 16.31 20.62 -21.32
N GLY C 144 16.17 20.57 -22.65
CA GLY C 144 16.32 21.75 -23.49
C GLY C 144 15.11 22.63 -23.75
N HIS C 145 14.04 22.45 -22.98
CA HIS C 145 12.85 23.30 -23.07
C HIS C 145 12.20 23.32 -24.46
N GLY C 146 12.16 22.16 -25.11
CA GLY C 146 11.54 22.05 -26.41
C GLY C 146 10.03 22.17 -26.37
N LEU C 147 9.41 21.79 -25.25
CA LEU C 147 7.94 21.88 -25.14
C LEU C 147 7.53 23.23 -24.53
N THR C 148 6.55 23.89 -25.15
CA THR C 148 6.10 25.19 -24.66
C THR C 148 4.69 25.12 -24.11
N ARG C 149 4.30 26.13 -23.33
CA ARG C 149 2.94 26.20 -22.82
C ARG C 149 1.92 26.20 -23.97
N ASP C 150 2.24 26.85 -25.09
CA ASP C 150 1.35 26.86 -26.27
C ASP C 150 1.14 25.45 -26.81
N HIS C 151 2.20 24.64 -26.81
CA HIS C 151 2.10 23.24 -27.22
C HIS C 151 1.08 22.52 -26.34
N VAL C 152 1.13 22.80 -25.05
CA VAL C 152 0.23 22.10 -24.11
C VAL C 152 -1.21 22.57 -24.32
N PHE C 153 -1.41 23.88 -24.46
CA PHE C 153 -2.74 24.44 -24.73
C PHE C 153 -3.34 23.84 -26.00
N ALA C 154 -2.53 23.68 -27.04
CA ALA C 154 -3.01 23.13 -28.30
C ALA C 154 -3.55 21.70 -28.15
N ALA C 155 -2.88 20.89 -27.33
CA ALA C 155 -3.33 19.52 -27.10
C ALA C 155 -4.58 19.49 -26.25
N LEU C 156 -4.63 20.36 -25.24
CA LEU C 156 -5.81 20.45 -24.38
C LEU C 156 -7.04 20.87 -25.20
N ASP C 157 -6.85 21.86 -26.06
CA ASP C 157 -7.96 22.45 -26.81
C ASP C 157 -8.32 21.69 -28.09
N GLY C 158 -7.35 20.99 -28.66
CA GLY C 158 -7.56 20.24 -29.89
C GLY C 158 -8.06 18.81 -29.71
N ALA C 159 -8.11 18.34 -28.46
CA ALA C 159 -8.52 16.97 -28.18
C ALA C 159 -9.94 16.71 -28.67
N LYS C 160 -10.17 15.52 -29.20
CA LYS C 160 -11.50 15.15 -29.71
C LYS C 160 -11.73 13.66 -29.60
N GLY C 161 -13.00 13.24 -29.76
CA GLY C 161 -13.34 11.84 -29.86
C GLY C 161 -12.98 11.30 -31.23
N GLY C 162 -13.51 10.13 -31.58
CA GLY C 162 -13.22 9.51 -32.87
C GLY C 162 -11.87 8.83 -32.89
N PRO C 163 -11.40 8.45 -34.10
CA PRO C 163 -10.13 7.73 -34.25
C PRO C 163 -8.97 8.47 -33.57
N VAL C 164 -8.08 7.69 -32.95
CA VAL C 164 -6.94 8.25 -32.22
C VAL C 164 -5.66 7.98 -32.99
N ALA C 165 -4.88 9.02 -33.26
CA ALA C 165 -3.62 8.83 -33.96
C ALA C 165 -2.64 8.10 -33.07
N GLU C 166 -1.96 7.10 -33.64
CA GLU C 166 -0.95 6.31 -32.92
C GLU C 166 0.46 6.54 -33.46
N GLY C 167 1.43 5.92 -32.80
CA GLY C 167 2.82 5.97 -33.28
C GLY C 167 3.64 7.11 -32.68
N ASN C 168 4.42 7.77 -33.54
CA ASN C 168 5.34 8.82 -33.10
C ASN C 168 4.64 10.15 -32.91
N VAL C 169 3.70 10.19 -31.98
CA VAL C 169 2.90 11.37 -31.77
C VAL C 169 2.78 11.73 -30.29
N GLY C 170 2.56 13.01 -30.01
CA GLY C 170 2.37 13.48 -28.64
C GLY C 170 3.44 13.05 -27.67
N GLY C 171 3.03 12.52 -26.52
CA GLY C 171 4.01 12.09 -25.53
C GLY C 171 4.91 10.99 -26.03
N GLY C 172 4.42 10.22 -27.00
CA GLY C 172 5.15 9.08 -27.51
C GLY C 172 6.24 9.40 -28.54
N THR C 173 6.30 10.66 -28.98
CA THR C 173 7.10 11.05 -30.14
C THR C 173 8.53 10.50 -30.18
N GLY C 174 9.27 10.67 -29.10
CA GLY C 174 10.67 10.23 -29.06
C GLY C 174 10.96 8.96 -28.27
N MET C 175 9.96 8.09 -28.12
CA MET C 175 10.11 6.89 -27.28
C MET C 175 10.60 5.64 -28.04
N ILE C 176 11.08 4.65 -27.28
CA ILE C 176 11.69 3.44 -27.84
C ILE C 176 11.14 2.23 -27.06
N ALA C 177 10.57 1.25 -27.75
CA ALA C 177 10.00 0.08 -27.09
C ALA C 177 10.46 -1.23 -27.72
N TYR C 178 10.88 -2.17 -26.88
CA TYR C 178 11.40 -3.45 -27.33
C TYR C 178 12.52 -3.27 -28.36
N THR C 179 13.32 -2.22 -28.16
CA THR C 179 14.46 -1.92 -29.04
C THR C 179 14.02 -1.50 -30.45
N PHE C 180 12.71 -1.36 -30.65
CA PHE C 180 12.15 -0.76 -31.86
C PHE C 180 11.59 0.61 -31.53
N LYS C 181 11.06 1.33 -32.52
CA LYS C 181 10.50 2.65 -32.25
C LYS C 181 9.29 2.52 -31.31
N GLY C 182 9.28 3.31 -30.24
CA GLY C 182 8.17 3.34 -29.30
C GLY C 182 7.18 4.44 -29.65
N GLY C 183 6.19 4.66 -28.78
CA GLY C 183 5.20 5.68 -29.05
C GLY C 183 3.84 5.42 -28.41
N ILE C 184 2.79 5.89 -29.07
CA ILE C 184 1.41 5.74 -28.59
C ILE C 184 0.70 4.56 -29.26
N GLY C 185 -0.05 3.79 -28.48
CA GLY C 185 -0.87 2.72 -29.01
C GLY C 185 -2.22 2.67 -28.31
N THR C 186 -3.25 2.14 -28.98
CA THR C 186 -4.58 2.08 -28.35
C THR C 186 -5.40 0.91 -28.89
N SER C 187 -6.34 0.45 -28.07
CA SER C 187 -7.22 -0.65 -28.43
C SER C 187 -8.43 -0.63 -27.49
N SER C 188 -9.47 -1.39 -27.82
CA SER C 188 -10.62 -1.52 -26.91
C SER C 188 -11.22 -2.91 -26.98
N ARG C 189 -12.06 -3.22 -26.00
CA ARG C 189 -12.85 -4.43 -26.01
C ARG C 189 -14.28 -4.12 -25.57
N VAL C 190 -15.25 -4.73 -26.23
CA VAL C 190 -16.62 -4.71 -25.73
C VAL C 190 -16.87 -6.07 -25.08
N VAL C 191 -17.29 -6.05 -23.82
CA VAL C 191 -17.29 -7.29 -23.05
C VAL C 191 -18.68 -7.58 -22.51
N SER C 192 -19.09 -8.85 -22.59
CA SER C 192 -20.44 -9.24 -22.18
C SER C 192 -20.48 -9.67 -20.72
N ALA C 193 -21.22 -8.90 -19.93
CA ALA C 193 -21.41 -9.18 -18.51
C ALA C 193 -22.88 -9.49 -18.30
N GLY C 194 -23.28 -10.72 -18.61
CA GLY C 194 -24.68 -11.10 -18.54
C GLY C 194 -25.48 -10.42 -19.64
N ASP C 195 -26.52 -9.69 -19.26
CA ASP C 195 -27.35 -8.99 -20.23
C ASP C 195 -26.86 -7.60 -20.58
N THR C 196 -25.74 -7.19 -19.99
CA THR C 196 -25.15 -5.88 -20.32
C THR C 196 -23.78 -6.04 -20.97
N ARG C 197 -23.48 -5.16 -21.91
CA ARG C 197 -22.17 -5.17 -22.55
C ARG C 197 -21.44 -3.87 -22.19
N TYR C 198 -20.25 -3.98 -21.60
CA TYR C 198 -19.47 -2.80 -21.24
C TYR C 198 -18.31 -2.60 -22.19
N THR C 199 -17.78 -1.38 -22.23
CA THR C 199 -16.62 -1.10 -23.06
C THR C 199 -15.39 -0.85 -22.19
N VAL C 200 -14.29 -1.50 -22.54
CA VAL C 200 -13.01 -1.26 -21.88
C VAL C 200 -12.04 -0.71 -22.93
N GLY C 201 -11.57 0.50 -22.72
CA GLY C 201 -10.62 1.11 -23.64
C GLY C 201 -9.26 1.37 -23.00
N VAL C 202 -8.19 1.18 -23.78
CA VAL C 202 -6.81 1.32 -23.27
C VAL C 202 -5.94 2.16 -24.21
N LEU C 203 -5.17 3.08 -23.64
CA LEU C 203 -4.16 3.78 -24.41
C LEU C 203 -2.84 3.61 -23.68
N VAL C 204 -1.76 3.36 -24.44
CA VAL C 204 -0.43 3.25 -23.85
C VAL C 204 0.55 4.25 -24.43
N GLN C 205 1.48 4.69 -23.59
CA GLN C 205 2.71 5.36 -24.07
C GLN C 205 3.86 4.41 -23.73
N ALA C 206 4.40 3.75 -24.75
CA ALA C 206 5.36 2.66 -24.58
C ALA C 206 6.82 3.09 -24.81
N ASN C 207 7.67 2.75 -23.84
CA ASN C 207 9.09 3.10 -23.87
C ASN C 207 9.85 2.02 -23.12
N HIS C 208 9.37 0.78 -23.24
CA HIS C 208 9.79 -0.31 -22.37
C HIS C 208 10.22 -1.55 -23.16
N GLY C 209 10.86 -2.49 -22.46
CA GLY C 209 11.10 -3.82 -23.00
C GLY C 209 12.34 -3.99 -23.87
N ASP C 210 12.71 -5.24 -24.11
CA ASP C 210 13.84 -5.58 -24.98
C ASP C 210 13.38 -6.43 -26.15
N ARG C 211 14.00 -6.24 -27.30
CA ARG C 211 13.67 -7.03 -28.50
C ARG C 211 13.73 -8.54 -28.28
N ASN C 212 14.71 -8.98 -27.49
CA ASN C 212 14.88 -10.41 -27.23
C ASN C 212 13.70 -11.05 -26.49
N ASP C 213 12.99 -10.26 -25.69
CA ASP C 213 11.86 -10.76 -24.89
C ASP C 213 10.52 -10.63 -25.62
N LEU C 214 10.46 -9.73 -26.59
CA LEU C 214 9.18 -9.40 -27.23
C LEU C 214 8.41 -10.60 -27.79
N ARG C 215 7.14 -10.72 -27.40
CA ARG C 215 6.23 -11.70 -28.01
C ARG C 215 5.07 -10.96 -28.68
N ILE C 216 4.72 -11.37 -29.88
CA ILE C 216 3.52 -10.86 -30.54
C ILE C 216 2.63 -12.05 -30.87
N ALA C 217 1.39 -12.02 -30.38
CA ALA C 217 0.50 -13.16 -30.44
C ALA C 217 1.25 -14.42 -30.00
N GLY C 218 2.06 -14.29 -28.95
CA GLY C 218 2.78 -15.41 -28.38
C GLY C 218 4.06 -15.82 -29.10
N VAL C 219 4.35 -15.22 -30.24
CA VAL C 219 5.55 -15.55 -31.02
C VAL C 219 6.77 -14.75 -30.56
N GLN C 220 7.82 -15.43 -30.11
CA GLN C 220 9.05 -14.74 -29.71
C GLN C 220 9.74 -14.24 -30.97
N ILE C 221 9.45 -13.00 -31.34
CA ILE C 221 9.65 -12.55 -32.70
C ILE C 221 10.96 -11.81 -32.96
N GLY C 222 11.68 -11.45 -31.89
CA GLY C 222 12.92 -10.69 -32.01
C GLY C 222 13.96 -11.33 -32.92
N LYS C 223 14.11 -12.64 -32.80
CA LYS C 223 15.11 -13.39 -33.57
C LYS C 223 14.62 -13.73 -34.97
N GLU C 224 13.32 -13.55 -35.22
CA GLU C 224 12.76 -13.84 -36.54
C GLU C 224 12.91 -12.66 -37.48
N ILE C 225 13.00 -11.47 -36.90
CA ILE C 225 13.19 -10.24 -37.68
C ILE C 225 14.67 -10.13 -38.05
N LYS C 226 14.94 -9.85 -39.32
CA LYS C 226 16.31 -9.63 -39.76
C LYS C 226 16.60 -8.14 -39.83
N GLY C 227 17.69 -7.71 -39.20
CA GLY C 227 18.08 -6.31 -39.20
C GLY C 227 17.17 -5.44 -38.33
N ALA C 228 17.13 -4.14 -38.66
CA ALA C 228 16.30 -3.17 -37.94
C ALA C 228 16.76 -2.87 -36.51
N TRP C 229 18.01 -3.20 -36.18
CA TRP C 229 18.59 -2.80 -34.91
C TRP C 229 18.93 -1.31 -34.92
N PRO C 230 18.92 -0.66 -33.75
CA PRO C 230 19.20 0.78 -33.69
C PRO C 230 20.63 1.11 -34.14
N GLU C 231 20.84 2.35 -34.60
CA GLU C 231 22.17 2.76 -35.05
C GLU C 231 22.57 4.13 -34.49
N VAL C 232 23.85 4.45 -34.60
CA VAL C 232 24.34 5.81 -34.37
C VAL C 232 25.37 6.17 -35.43
N ASN C 233 25.13 7.25 -36.16
CA ASN C 233 26.02 7.69 -37.23
C ASN C 233 26.33 6.56 -38.22
N GLY C 234 25.43 5.59 -38.34
CA GLY C 234 25.62 4.47 -39.24
C GLY C 234 26.26 3.25 -38.58
N ILE C 235 26.32 3.26 -37.25
CA ILE C 235 26.90 2.16 -36.49
C ILE C 235 25.85 1.44 -35.64
N VAL C 236 25.71 0.13 -35.84
CA VAL C 236 24.75 -0.65 -35.07
C VAL C 236 25.05 -0.51 -33.59
N ALA C 237 24.01 -0.22 -32.80
CA ALA C 237 24.18 0.13 -31.39
C ALA C 237 23.65 -0.94 -30.45
N ALA C 238 23.14 -2.03 -31.01
CA ALA C 238 22.57 -3.09 -30.20
C ALA C 238 22.36 -4.38 -31.00
N GLY C 239 22.15 -5.48 -30.28
CA GLY C 239 21.93 -6.77 -30.91
C GLY C 239 23.23 -7.53 -31.06
N PRO C 240 23.17 -8.67 -31.77
CA PRO C 240 24.35 -9.51 -32.00
C PRO C 240 25.45 -8.80 -32.79
N ASP C 241 25.07 -7.98 -33.77
CA ASP C 241 26.05 -7.35 -34.66
C ASP C 241 26.32 -5.89 -34.32
N ALA C 242 26.48 -5.59 -33.03
CA ALA C 242 26.75 -4.22 -32.61
C ALA C 242 28.17 -3.80 -32.96
N GLY C 243 28.29 -2.71 -33.73
CA GLY C 243 29.59 -2.18 -34.10
C GLY C 243 29.80 -2.10 -35.59
N LYS C 244 28.85 -2.60 -36.36
CA LYS C 244 28.97 -2.62 -37.82
C LYS C 244 28.37 -1.37 -38.46
N SER C 250 10.12 2.11 -19.58
CA SER C 250 8.96 2.72 -18.93
C SER C 250 7.70 2.59 -19.80
N LEU C 251 6.55 2.58 -19.15
CA LEU C 251 5.30 2.33 -19.85
C LEU C 251 4.15 2.91 -19.06
N LEU C 252 3.33 3.74 -19.70
CA LEU C 252 2.17 4.33 -19.06
C LEU C 252 0.90 3.72 -19.69
N ILE C 253 0.02 3.21 -18.84
CA ILE C 253 -1.19 2.56 -19.30
C ILE C 253 -2.41 3.28 -18.72
N VAL C 254 -3.31 3.75 -19.59
CA VAL C 254 -4.53 4.43 -19.18
C VAL C 254 -5.71 3.59 -19.59
N ILE C 255 -6.59 3.28 -18.62
CA ILE C 255 -7.71 2.39 -18.87
C ILE C 255 -8.98 3.18 -18.64
N ALA C 256 -9.85 3.22 -19.66
CA ALA C 256 -11.18 3.82 -19.50
C ALA C 256 -12.26 2.74 -19.54
N THR C 257 -13.30 2.89 -18.72
CA THR C 257 -14.46 2.00 -18.84
C THR C 257 -15.78 2.74 -18.59
N ASP C 258 -16.85 2.32 -19.25
CA ASP C 258 -18.18 2.81 -18.90
C ASP C 258 -18.87 1.95 -17.84
N ALA C 259 -18.19 0.92 -17.35
CA ALA C 259 -18.74 0.14 -16.25
C ALA C 259 -18.80 1.05 -15.01
N PRO C 260 -19.91 1.02 -14.25
CA PRO C 260 -20.04 1.86 -13.05
C PRO C 260 -19.30 1.28 -11.85
N LEU C 261 -17.98 1.41 -11.85
CA LEU C 261 -17.14 0.82 -10.82
C LEU C 261 -16.80 1.82 -9.71
N MET C 262 -16.71 1.33 -8.48
CA MET C 262 -16.23 2.11 -7.34
C MET C 262 -14.70 2.16 -7.41
N PRO C 263 -14.08 3.11 -6.70
CA PRO C 263 -12.61 3.27 -6.77
C PRO C 263 -11.81 2.01 -6.43
N HIS C 264 -12.20 1.25 -5.41
CA HIS C 264 -11.39 0.06 -5.07
C HIS C 264 -11.53 -0.96 -6.20
N GLN C 265 -12.62 -0.90 -6.94
CA GLN C 265 -12.81 -1.83 -8.05
C GLN C 265 -11.97 -1.43 -9.26
N LEU C 266 -11.77 -0.12 -9.43
CA LEU C 266 -10.91 0.36 -10.50
C LEU C 266 -9.43 0.05 -10.20
N GLU C 267 -9.07 -0.06 -8.92
CA GLU C 267 -7.72 -0.52 -8.60
C GLU C 267 -7.54 -1.94 -9.13
N ARG C 268 -8.56 -2.77 -8.95
CA ARG C 268 -8.53 -4.14 -9.49
C ARG C 268 -8.33 -4.16 -11.01
N MET C 269 -9.07 -3.30 -11.72
CA MET C 269 -8.91 -3.18 -13.15
C MET C 269 -7.47 -2.80 -13.52
N ALA C 270 -6.92 -1.81 -12.83
CA ALA C 270 -5.54 -1.38 -13.10
C ALA C 270 -4.51 -2.49 -12.85
N ARG C 271 -4.75 -3.32 -11.83
CA ARG C 271 -3.83 -4.42 -11.53
C ARG C 271 -3.83 -5.51 -12.63
N ARG C 272 -4.85 -5.49 -13.49
CA ARG C 272 -4.91 -6.46 -14.59
C ARG C 272 -3.94 -6.10 -15.73
N ALA C 273 -3.55 -4.83 -15.82
CA ALA C 273 -2.68 -4.40 -16.92
C ALA C 273 -1.38 -5.21 -16.94
N ALA C 274 -0.81 -5.47 -15.77
CA ALA C 274 0.43 -6.27 -15.69
C ALA C 274 0.34 -7.61 -16.44
N LEU C 275 -0.84 -8.23 -16.41
CA LEU C 275 -1.03 -9.53 -17.06
C LEU C 275 -0.95 -9.42 -18.59
N GLY C 276 -1.53 -8.35 -19.15
CA GLY C 276 -1.42 -8.08 -20.57
C GLY C 276 -0.01 -7.70 -21.00
N VAL C 277 0.66 -6.88 -20.20
CA VAL C 277 2.08 -6.62 -20.45
C VAL C 277 2.82 -7.96 -20.46
N GLY C 278 2.53 -8.82 -19.48
CA GLY C 278 3.24 -10.09 -19.36
C GLY C 278 3.12 -10.96 -20.60
N ARG C 279 1.95 -10.91 -21.25
CA ARG C 279 1.75 -11.67 -22.49
C ARG C 279 2.77 -11.34 -23.57
N ASN C 280 3.25 -10.09 -23.58
CA ASN C 280 4.14 -9.64 -24.65
C ASN C 280 5.62 -9.75 -24.29
N GLY C 281 5.90 -10.39 -23.15
CA GLY C 281 7.26 -10.83 -22.86
C GLY C 281 8.17 -10.01 -21.97
N SER C 282 7.87 -8.74 -21.76
CA SER C 282 8.82 -7.90 -21.01
C SER C 282 8.86 -8.28 -19.53
N THR C 283 9.91 -7.85 -18.82
CA THR C 283 10.14 -8.30 -17.46
C THR C 283 10.29 -7.14 -16.46
N ALA C 284 9.91 -5.94 -16.88
CA ALA C 284 10.02 -4.71 -16.08
C ALA C 284 11.43 -4.38 -15.57
N GLY C 285 12.20 -3.62 -16.34
CA GLY C 285 13.56 -3.30 -15.96
C GLY C 285 13.61 -2.45 -14.70
N ALA C 286 14.76 -2.43 -14.05
CA ALA C 286 14.93 -1.76 -12.76
C ALA C 286 14.56 -0.29 -12.78
N LEU C 287 14.86 0.40 -13.88
CA LEU C 287 14.54 1.81 -13.99
C LEU C 287 13.38 2.06 -14.94
N SER C 288 12.60 1.02 -15.22
CA SER C 288 11.45 1.17 -16.11
C SER C 288 10.21 1.50 -15.28
N GLY C 289 9.76 2.75 -15.38
CA GLY C 289 8.60 3.20 -14.64
C GLY C 289 7.34 2.74 -15.34
N GLU C 290 6.73 1.68 -14.81
CA GLU C 290 5.59 1.06 -15.45
C GLU C 290 4.39 1.17 -14.52
N PHE C 291 3.36 1.87 -15.00
CA PHE C 291 2.21 2.26 -14.17
C PHE C 291 0.91 2.10 -14.96
N ALA C 292 -0.19 1.84 -14.24
CA ALA C 292 -1.51 1.86 -14.85
C ALA C 292 -2.53 2.66 -14.03
N LEU C 293 -3.41 3.39 -14.72
CA LEU C 293 -4.48 4.18 -14.10
C LEU C 293 -5.80 3.87 -14.78
N ALA C 294 -6.83 3.53 -14.00
CA ALA C 294 -8.16 3.18 -14.52
C ALA C 294 -9.24 4.15 -14.01
N PHE C 295 -10.15 4.55 -14.89
CA PHE C 295 -11.24 5.42 -14.49
C PHE C 295 -12.56 4.98 -15.12
N SER C 296 -13.67 5.31 -14.46
CA SER C 296 -15.00 5.02 -14.97
C SER C 296 -15.66 6.30 -15.46
N THR C 297 -16.27 6.25 -16.64
CA THR C 297 -16.95 7.45 -17.16
C THR C 297 -18.43 7.48 -16.77
N SER C 298 -18.88 6.44 -16.07
CA SER C 298 -20.28 6.41 -15.63
C SER C 298 -20.41 6.72 -14.14
N HIS C 299 -19.34 6.48 -13.38
CA HIS C 299 -19.30 6.85 -11.98
C HIS C 299 -18.62 8.21 -11.88
N VAL C 300 -19.42 9.27 -11.91
CA VAL C 300 -18.88 10.62 -11.96
C VAL C 300 -19.23 11.40 -10.70
N ILE C 301 -18.37 12.34 -10.34
CA ILE C 301 -18.58 13.12 -9.12
C ILE C 301 -18.62 14.60 -9.43
N PRO C 302 -19.83 15.17 -9.48
CA PRO C 302 -20.00 16.60 -9.72
C PRO C 302 -19.27 17.38 -8.63
N LEU C 303 -18.63 18.47 -9.02
CA LEU C 303 -17.85 19.29 -8.12
C LEU C 303 -18.73 19.80 -6.97
N GLY C 304 -18.36 19.43 -5.75
CA GLY C 304 -19.12 19.82 -4.58
C GLY C 304 -20.51 19.21 -4.48
N GLY C 305 -20.78 18.17 -5.27
CA GLY C 305 -22.11 17.58 -5.31
C GLY C 305 -22.13 16.12 -4.92
N LYS C 306 -23.27 15.47 -5.17
CA LYS C 306 -23.46 14.07 -4.80
C LYS C 306 -22.92 13.17 -5.92
N PRO C 307 -22.12 12.15 -5.55
CA PRO C 307 -21.61 11.25 -6.60
C PRO C 307 -22.75 10.58 -7.36
N ARG C 308 -22.52 10.31 -8.64
CA ARG C 308 -23.54 9.71 -9.49
C ARG C 308 -23.09 8.32 -9.85
N LEU C 309 -23.79 7.31 -9.33
CA LEU C 309 -23.45 5.90 -9.55
C LEU C 309 -24.71 5.21 -10.08
N PRO C 310 -24.81 5.09 -11.40
CA PRO C 310 -26.00 4.63 -12.13
C PRO C 310 -26.46 3.22 -11.75
N ALA C 311 -25.49 2.36 -11.46
CA ALA C 311 -25.77 1.00 -11.01
C ALA C 311 -24.58 0.60 -10.16
N ILE C 312 -24.67 -0.55 -9.51
CA ILE C 312 -23.61 -0.97 -8.62
C ILE C 312 -23.29 -2.45 -8.85
N ILE C 313 -22.00 -2.78 -8.78
CA ILE C 313 -21.52 -4.10 -9.13
C ILE C 313 -20.88 -4.79 -7.92
N ASN C 314 -21.21 -6.06 -7.73
CA ASN C 314 -20.64 -6.86 -6.64
C ASN C 314 -19.25 -7.38 -7.03
N ASP C 315 -18.25 -7.13 -6.19
CA ASP C 315 -16.89 -7.61 -6.47
C ASP C 315 -16.79 -9.14 -6.65
N THR C 316 -17.73 -9.86 -6.07
CA THR C 316 -17.68 -11.32 -6.11
C THR C 316 -18.54 -11.90 -7.25
N ASP C 317 -19.13 -11.01 -8.06
CA ASP C 317 -19.89 -11.40 -9.27
C ASP C 317 -18.88 -11.70 -10.40
N SER C 318 -18.46 -12.96 -10.46
CA SER C 318 -17.42 -13.37 -11.40
C SER C 318 -17.81 -13.13 -12.85
N GLU C 319 -19.08 -13.35 -13.17
CA GLU C 319 -19.53 -13.16 -14.55
C GLU C 319 -19.23 -11.74 -15.04
N THR C 320 -19.57 -10.74 -14.23
CA THR C 320 -19.33 -9.35 -14.61
C THR C 320 -17.86 -8.94 -14.48
N MET C 321 -17.27 -9.25 -13.33
CA MET C 321 -15.88 -8.80 -13.08
C MET C 321 -14.88 -9.47 -14.02
N ASN C 322 -15.01 -10.78 -14.24
CA ASN C 322 -14.07 -11.47 -15.12
C ASN C 322 -14.13 -10.97 -16.56
N ALA C 323 -15.33 -10.64 -17.03
CA ALA C 323 -15.47 -10.06 -18.36
C ALA C 323 -14.69 -8.75 -18.49
N LEU C 324 -14.80 -7.89 -17.48
CA LEU C 324 -14.08 -6.62 -17.44
C LEU C 324 -12.56 -6.83 -17.34
N PHE C 325 -12.16 -7.75 -16.47
CA PHE C 325 -10.75 -8.04 -16.27
C PHE C 325 -10.10 -8.58 -17.55
N ARG C 326 -10.81 -9.47 -18.23
CA ARG C 326 -10.28 -10.05 -19.48
C ARG C 326 -10.20 -8.97 -20.56
N GLY C 327 -11.19 -8.08 -20.57
CA GLY C 327 -11.14 -6.88 -21.40
C GLY C 327 -9.87 -6.07 -21.22
N VAL C 328 -9.49 -5.80 -19.97
CA VAL C 328 -8.26 -5.04 -19.71
C VAL C 328 -7.03 -5.77 -20.23
N VAL C 329 -6.95 -7.06 -19.95
CA VAL C 329 -5.78 -7.83 -20.37
C VAL C 329 -5.63 -7.83 -21.89
N GLN C 330 -6.74 -8.11 -22.59
CA GLN C 330 -6.70 -8.19 -24.05
C GLN C 330 -6.44 -6.84 -24.73
N ALA C 331 -7.11 -5.79 -24.27
CA ALA C 331 -6.92 -4.45 -24.85
C ALA C 331 -5.50 -3.94 -24.60
N THR C 332 -4.94 -4.26 -23.43
CA THR C 332 -3.56 -3.85 -23.12
C THR C 332 -2.59 -4.55 -24.08
N GLU C 333 -2.74 -5.86 -24.20
CA GLU C 333 -1.91 -6.65 -25.12
C GLU C 333 -1.95 -6.07 -26.53
N GLU C 334 -3.14 -5.82 -27.07
CA GLU C 334 -3.26 -5.28 -28.42
C GLU C 334 -2.78 -3.83 -28.56
N ALA C 335 -3.05 -3.00 -27.56
CA ALA C 335 -2.58 -1.61 -27.58
C ALA C 335 -1.06 -1.55 -27.79
N LEU C 336 -0.35 -2.46 -27.14
CA LEU C 336 1.11 -2.51 -27.22
C LEU C 336 1.60 -2.92 -28.60
N VAL C 337 0.88 -3.83 -29.25
CA VAL C 337 1.28 -4.23 -30.60
C VAL C 337 0.89 -3.14 -31.60
N ASN C 338 -0.30 -2.56 -31.42
CA ASN C 338 -0.71 -1.42 -32.24
C ASN C 338 0.30 -0.27 -32.22
N GLN C 339 0.86 0.02 -31.04
CA GLN C 339 1.90 1.03 -30.93
C GLN C 339 3.06 0.74 -31.88
N LEU C 340 3.63 -0.46 -31.78
CA LEU C 340 4.80 -0.83 -32.58
C LEU C 340 4.54 -0.68 -34.09
N VAL C 341 3.37 -1.13 -34.54
CA VAL C 341 3.01 -1.08 -35.95
C VAL C 341 2.80 0.35 -36.44
N ALA C 342 2.27 1.21 -35.58
CA ALA C 342 2.04 2.60 -35.97
C ALA C 342 3.31 3.44 -36.01
N SER C 343 4.32 3.05 -35.23
CA SER C 343 5.53 3.86 -35.09
C SER C 343 6.56 3.62 -36.21
N GLU C 344 6.92 4.69 -36.91
CA GLU C 344 7.86 4.60 -38.02
C GLU C 344 9.30 4.87 -37.60
N THR C 345 10.23 4.43 -38.45
CA THR C 345 11.65 4.69 -38.24
C THR C 345 11.88 6.17 -38.02
N MET C 346 12.72 6.51 -37.05
CA MET C 346 13.04 7.91 -36.73
C MET C 346 14.53 8.11 -36.46
N THR C 347 15.08 9.20 -36.98
CA THR C 347 16.42 9.64 -36.59
C THR C 347 16.27 10.92 -35.76
N GLY C 348 16.94 10.96 -34.61
CA GLY C 348 16.81 12.12 -33.74
C GLY C 348 18.14 12.66 -33.21
N ALA C 349 18.13 13.10 -31.94
CA ALA C 349 19.33 13.67 -31.31
C ALA C 349 20.58 12.83 -31.51
N ASN C 350 21.68 13.49 -31.86
CA ASN C 350 22.98 12.83 -32.06
C ASN C 350 22.97 11.76 -33.16
N ASN C 351 22.05 11.90 -34.11
CA ASN C 351 21.94 10.94 -35.22
C ASN C 351 21.57 9.53 -34.75
N ALA C 352 20.98 9.44 -33.57
CA ALA C 352 20.47 8.14 -33.10
C ALA C 352 19.29 7.72 -33.99
N LYS C 353 19.35 6.50 -34.53
CA LYS C 353 18.32 6.02 -35.43
C LYS C 353 17.62 4.77 -34.86
N VAL C 354 16.30 4.81 -34.74
CA VAL C 354 15.53 3.69 -34.23
C VAL C 354 14.49 3.25 -35.25
N TYR C 355 14.47 1.96 -35.57
CA TYR C 355 13.58 1.47 -36.62
C TYR C 355 12.20 1.08 -36.11
N GLY C 356 11.18 1.41 -36.89
CA GLY C 356 9.85 0.85 -36.67
C GLY C 356 9.90 -0.62 -37.00
N ILE C 357 9.13 -1.43 -36.28
CA ILE C 357 9.12 -2.86 -36.55
C ILE C 357 8.69 -3.08 -38.00
N PRO C 358 9.49 -3.84 -38.78
CA PRO C 358 9.27 -3.97 -40.23
C PRO C 358 7.93 -4.60 -40.56
N HIS C 359 7.10 -3.88 -41.31
CA HIS C 359 5.76 -4.35 -41.65
C HIS C 359 5.81 -5.60 -42.51
N ASP C 360 6.67 -5.59 -43.53
CA ASP C 360 6.73 -6.73 -44.45
C ASP C 360 7.15 -8.01 -43.74
N GLN C 361 8.17 -7.94 -42.89
CA GLN C 361 8.63 -9.10 -42.14
C GLN C 361 7.60 -9.59 -41.13
N LEU C 362 6.97 -8.66 -40.42
CA LEU C 362 5.96 -9.03 -39.43
C LEU C 362 4.80 -9.78 -40.08
N ALA C 363 4.31 -9.25 -41.20
CA ALA C 363 3.18 -9.84 -41.90
C ALA C 363 3.52 -11.24 -42.42
N ARG C 364 4.75 -11.41 -42.87
CA ARG C 364 5.21 -12.71 -43.37
C ARG C 364 5.29 -13.74 -42.24
N ILE C 365 5.77 -13.30 -41.09
CA ILE C 365 5.88 -14.19 -39.93
C ILE C 365 4.51 -14.61 -39.41
N MET C 366 3.57 -13.67 -39.40
CA MET C 366 2.21 -13.94 -38.92
C MET C 366 1.50 -14.91 -39.87
N LYS C 367 1.72 -14.74 -41.16
CA LYS C 367 1.11 -15.61 -42.17
C LYS C 367 1.66 -17.03 -42.06
N ALA C 368 2.94 -17.14 -41.71
CA ALA C 368 3.58 -18.44 -41.55
C ALA C 368 3.13 -19.13 -40.28
N ARG C 369 2.79 -18.35 -39.26
CA ARG C 369 2.40 -18.92 -37.98
C ARG C 369 0.89 -19.17 -37.89
N PHE C 370 0.09 -18.30 -38.49
CA PHE C 370 -1.37 -18.37 -38.39
C PHE C 370 -2.03 -18.37 -39.77
N PRO C 371 -1.88 -19.47 -40.52
CA PRO C 371 -2.43 -19.59 -41.87
C PRO C 371 -3.94 -19.44 -41.88
N GLY D 1 -20.46 -0.71 37.69
CA GLY D 1 -19.20 -0.06 38.00
C GLY D 1 -19.04 1.24 37.21
N PRO D 2 -18.20 2.16 37.72
CA PRO D 2 -17.97 3.42 37.02
C PRO D 2 -17.17 3.22 35.75
N ARG D 3 -17.46 4.02 34.74
CA ARG D 3 -16.62 4.08 33.54
C ARG D 3 -15.84 5.39 33.64
N ALA D 4 -15.05 5.73 32.62
CA ALA D 4 -14.13 6.87 32.74
C ALA D 4 -14.83 8.18 33.09
N ARG D 5 -15.95 8.48 32.42
CA ARG D 5 -16.67 9.71 32.67
C ARG D 5 -17.11 9.82 34.13
N ASP D 6 -17.44 8.67 34.74
CA ASP D 6 -17.93 8.63 36.11
C ASP D 6 -16.85 8.94 37.15
N LEU D 7 -15.59 8.82 36.75
CA LEU D 7 -14.48 9.17 37.64
C LEU D 7 -13.98 10.59 37.37
N GLY D 8 -14.74 11.33 36.57
CA GLY D 8 -14.42 12.73 36.33
C GLY D 8 -13.53 13.02 35.14
N VAL D 9 -13.30 12.02 34.28
CA VAL D 9 -12.51 12.25 33.07
C VAL D 9 -13.36 12.93 32.01
N PRO D 10 -12.93 14.11 31.53
CA PRO D 10 -13.69 14.80 30.48
C PRO D 10 -13.29 14.33 29.08
N PHE D 11 -14.25 14.26 28.15
CA PHE D 11 -13.97 13.94 26.75
C PHE D 11 -14.74 14.90 25.85
N GLU D 12 -14.29 15.06 24.62
CA GLU D 12 -14.96 15.91 23.65
C GLU D 12 -16.00 15.13 22.84
N GLY D 13 -17.04 15.81 22.36
CA GLY D 13 -18.02 15.18 21.50
C GLY D 13 -19.22 14.64 22.24
N THR D 14 -20.13 13.99 21.50
CA THR D 14 -21.39 13.49 22.05
C THR D 14 -21.44 11.98 21.97
N PRO D 15 -21.48 11.31 23.13
CA PRO D 15 -21.56 9.84 23.15
C PRO D 15 -22.97 9.35 22.82
N GLY D 16 -23.06 8.18 22.20
CA GLY D 16 -24.35 7.53 21.99
C GLY D 16 -24.93 7.07 23.32
N ALA D 17 -26.15 6.55 23.27
CA ALA D 17 -26.89 6.12 24.47
C ALA D 17 -26.15 5.12 25.36
N LEU D 18 -25.56 4.09 24.74
CA LEU D 18 -24.83 3.07 25.46
C LEU D 18 -23.36 3.43 25.63
N ASN D 19 -22.93 4.48 24.93
CA ASN D 19 -21.49 4.80 24.82
C ASN D 19 -20.65 3.55 24.50
N ALA D 20 -20.97 2.91 23.38
CA ALA D 20 -20.37 1.64 23.04
C ALA D 20 -20.60 1.32 21.56
N ILE D 21 -19.87 0.34 21.05
CA ILE D 21 -19.98 -0.03 19.64
C ILE D 21 -21.40 -0.45 19.24
N THR D 22 -22.16 -0.99 20.19
CA THR D 22 -23.55 -1.40 19.93
C THR D 22 -24.55 -0.25 19.79
N ASP D 23 -24.10 0.98 19.99
CA ASP D 23 -24.89 2.14 19.60
C ASP D 23 -25.12 2.17 18.10
N VAL D 24 -24.28 1.47 17.35
CA VAL D 24 -24.56 1.21 15.93
C VAL D 24 -25.55 0.05 15.83
N ALA D 25 -26.77 0.35 15.35
CA ALA D 25 -27.84 -0.64 15.38
C ALA D 25 -27.50 -1.96 14.68
N GLY D 26 -27.91 -3.07 15.30
CA GLY D 26 -27.71 -4.38 14.71
C GLY D 26 -26.39 -5.07 15.07
N VAL D 27 -25.39 -4.31 15.51
CA VAL D 27 -24.12 -4.89 15.96
C VAL D 27 -24.32 -5.69 17.26
N GLU D 28 -23.74 -6.88 17.32
CA GLU D 28 -23.80 -7.71 18.54
C GLU D 28 -22.38 -8.05 19.01
N VAL D 29 -22.21 -8.15 20.34
CA VAL D 29 -20.91 -8.50 20.94
C VAL D 29 -21.09 -9.61 21.97
N GLY D 30 -20.16 -10.57 21.98
CA GLY D 30 -20.16 -11.63 22.97
C GLY D 30 -18.75 -11.89 23.45
N HIS D 31 -18.61 -12.31 24.71
CA HIS D 31 -17.29 -12.65 25.26
C HIS D 31 -17.35 -14.03 25.86
N THR D 32 -16.28 -14.81 25.72
CA THR D 32 -16.06 -15.95 26.61
C THR D 32 -14.76 -15.68 27.35
N THR D 33 -14.82 -15.75 28.68
CA THR D 33 -13.70 -15.38 29.54
C THR D 33 -13.21 -16.62 30.25
N VAL D 34 -11.91 -16.90 30.11
CA VAL D 34 -11.33 -18.13 30.66
C VAL D 34 -10.30 -17.81 31.75
N ILE D 35 -10.69 -18.04 32.99
CA ILE D 35 -9.84 -17.76 34.14
C ILE D 35 -9.82 -18.98 35.06
N SER D 36 -8.69 -19.68 35.12
CA SER D 36 -8.58 -20.86 35.97
C SER D 36 -7.13 -21.16 36.34
N GLY D 37 -6.94 -21.75 37.52
CA GLY D 37 -5.61 -22.08 37.99
C GLY D 37 -4.89 -20.90 38.61
N ASP D 38 -3.90 -21.20 39.44
CA ASP D 38 -3.08 -20.18 40.08
C ASP D 38 -1.65 -20.73 40.20
N GLY D 39 -0.70 -19.83 40.49
CA GLY D 39 0.67 -20.25 40.74
C GLY D 39 1.51 -20.53 39.51
N ALA D 40 2.47 -21.44 39.67
CA ALA D 40 3.48 -21.69 38.64
C ALA D 40 2.89 -22.21 37.35
N MET D 41 3.36 -21.66 36.24
CA MET D 41 2.87 -22.04 34.92
C MET D 41 3.59 -23.27 34.40
N VAL D 42 2.83 -24.23 33.91
CA VAL D 42 3.37 -25.38 33.18
C VAL D 42 2.65 -25.43 31.84
N ILE D 43 3.40 -25.37 30.75
CA ILE D 43 2.79 -25.32 29.43
C ILE D 43 1.88 -26.51 29.20
N GLY D 44 0.62 -26.23 28.92
CA GLY D 44 -0.40 -27.24 28.73
C GLY D 44 -1.28 -27.43 29.95
N LYS D 45 -0.93 -26.74 31.04
CA LYS D 45 -1.66 -26.90 32.29
C LYS D 45 -2.15 -25.59 32.91
N GLY D 46 -1.83 -24.46 32.28
CA GLY D 46 -2.21 -23.17 32.84
C GLY D 46 -1.18 -22.68 33.84
N PRO D 47 -1.55 -21.69 34.67
CA PRO D 47 -2.85 -21.03 34.74
C PRO D 47 -3.26 -20.37 33.42
N TYR D 48 -4.58 -20.29 33.22
CA TYR D 48 -5.12 -19.65 32.03
C TYR D 48 -5.80 -18.31 32.38
N ARG D 49 -5.52 -17.31 31.57
CA ARG D 49 -6.16 -16.00 31.65
C ARG D 49 -6.31 -15.51 30.21
N THR D 50 -7.34 -15.97 29.53
CA THR D 50 -7.48 -15.71 28.10
C THR D 50 -8.97 -15.76 27.75
N GLY D 51 -9.28 -15.68 26.46
CA GLY D 51 -10.65 -15.76 26.01
C GLY D 51 -10.80 -15.28 24.58
N VAL D 52 -12.04 -14.99 24.19
CA VAL D 52 -12.33 -14.54 22.84
C VAL D 52 -13.50 -13.57 22.86
N THR D 53 -13.41 -12.53 22.04
CA THR D 53 -14.48 -11.54 21.87
C THR D 53 -15.00 -11.61 20.44
N ILE D 54 -16.31 -11.74 20.29
CA ILE D 54 -16.92 -11.80 18.96
C ILE D 54 -17.72 -10.53 18.68
N ILE D 55 -17.57 -10.00 17.47
CA ILE D 55 -18.43 -8.91 16.99
C ILE D 55 -19.12 -9.33 15.69
N HIS D 56 -20.45 -9.42 15.72
CA HIS D 56 -21.26 -9.68 14.53
C HIS D 56 -21.69 -8.32 13.96
N PRO D 57 -21.14 -7.91 12.80
CA PRO D 57 -21.48 -6.60 12.23
C PRO D 57 -22.98 -6.41 11.97
N LEU D 58 -23.65 -7.46 11.51
CA LEU D 58 -25.08 -7.41 11.18
C LEU D 58 -25.89 -8.40 12.00
N GLY D 59 -25.34 -8.88 13.11
CA GLY D 59 -26.03 -9.87 13.93
C GLY D 59 -25.67 -11.29 13.56
N LYS D 60 -25.89 -12.23 14.49
CA LYS D 60 -25.39 -13.60 14.33
C LYS D 60 -26.03 -14.40 13.20
N THR D 61 -27.21 -13.99 12.74
CA THR D 61 -27.91 -14.75 11.69
C THR D 61 -27.65 -14.25 10.27
N SER D 62 -26.87 -13.19 10.12
CA SER D 62 -26.61 -12.61 8.80
C SER D 62 -25.62 -13.44 7.97
N LEU D 63 -25.95 -13.64 6.70
CA LEU D 63 -25.02 -14.29 5.76
C LEU D 63 -24.43 -13.27 4.81
N ASP D 64 -24.75 -12.00 5.03
CA ASP D 64 -24.32 -10.95 4.10
C ASP D 64 -22.99 -10.32 4.50
N GLY D 65 -22.39 -9.61 3.56
CA GLY D 65 -21.12 -8.95 3.83
C GLY D 65 -21.34 -7.50 4.20
N VAL D 66 -20.35 -6.91 4.87
CA VAL D 66 -20.37 -5.48 5.13
C VAL D 66 -19.20 -4.81 4.40
N ALA D 67 -19.44 -3.63 3.84
CA ALA D 67 -18.32 -2.86 3.28
C ALA D 67 -17.29 -2.55 4.37
N ALA D 68 -16.01 -2.58 4.00
CA ALA D 68 -14.95 -2.46 5.00
C ALA D 68 -13.63 -1.94 4.43
N GLY D 69 -12.82 -1.36 5.31
CA GLY D 69 -11.47 -0.94 4.96
C GLY D 69 -10.58 -0.94 6.22
N ARG D 70 -9.27 -1.07 6.03
CA ARG D 70 -8.41 -1.20 7.21
C ARG D 70 -7.23 -0.24 7.17
N ALA D 71 -6.48 -0.17 8.28
CA ALA D 71 -5.24 0.61 8.37
C ALA D 71 -4.28 -0.10 9.33
N VAL D 72 -2.99 0.09 9.13
CA VAL D 72 -2.01 -0.49 10.04
C VAL D 72 -1.18 0.63 10.64
N ILE D 73 -1.05 0.62 11.95
CA ILE D 73 -0.13 1.52 12.66
C ILE D 73 1.25 0.87 12.75
N ASN D 74 1.28 -0.38 13.22
CA ASN D 74 2.50 -1.20 13.25
C ASN D 74 2.07 -2.66 13.09
N GLY D 75 2.56 -3.33 12.04
CA GLY D 75 1.98 -4.61 11.63
C GLY D 75 2.56 -5.90 12.22
N THR D 76 3.17 -5.82 13.39
CA THR D 76 3.72 -7.02 14.02
C THR D 76 2.63 -7.79 14.78
N GLY D 77 1.82 -8.53 14.03
CA GLY D 77 0.70 -9.26 14.61
C GLY D 77 -0.13 -9.90 13.51
N GLU D 78 -1.18 -10.61 13.91
CA GLU D 78 -2.02 -11.28 12.95
C GLU D 78 -3.45 -10.73 12.96
N TRP D 79 -3.99 -10.55 11.76
CA TRP D 79 -5.42 -10.24 11.57
C TRP D 79 -5.83 -10.90 10.27
N THR D 80 -6.57 -12.00 10.33
CA THR D 80 -6.92 -12.74 9.12
C THR D 80 -8.13 -12.10 8.45
N GLY D 81 -8.39 -12.48 7.20
CA GLY D 81 -9.46 -11.87 6.42
C GLY D 81 -9.13 -10.51 5.84
N MET D 82 -7.92 -10.02 6.09
CA MET D 82 -7.57 -8.65 5.67
C MET D 82 -7.12 -8.52 4.20
N HIS D 83 -6.56 -9.58 3.63
CA HIS D 83 -6.30 -9.55 2.18
C HIS D 83 -7.62 -9.40 1.45
N LEU D 84 -8.64 -10.09 1.94
CA LEU D 84 -9.97 -10.04 1.33
C LEU D 84 -10.53 -8.63 1.39
N VAL D 85 -10.42 -8.01 2.55
CA VAL D 85 -10.91 -6.64 2.73
C VAL D 85 -10.18 -5.66 1.80
N ASP D 86 -8.86 -5.80 1.70
CA ASP D 86 -8.08 -4.94 0.79
C ASP D 86 -8.50 -5.08 -0.67
N GLU D 87 -8.81 -6.32 -1.06
CA GLU D 87 -9.12 -6.60 -2.46
C GLU D 87 -10.54 -6.22 -2.87
N VAL D 88 -11.53 -6.76 -2.17
CA VAL D 88 -12.92 -6.57 -2.59
C VAL D 88 -13.74 -5.64 -1.70
N GLY D 89 -13.12 -5.06 -0.67
CA GLY D 89 -13.79 -4.05 0.15
C GLY D 89 -14.93 -4.54 1.04
N GLN D 90 -14.91 -5.82 1.39
CA GLN D 90 -15.93 -6.38 2.27
C GLN D 90 -15.40 -7.63 2.97
N PHE D 91 -16.09 -8.03 4.04
CA PHE D 91 -15.83 -9.34 4.65
C PHE D 91 -17.16 -9.94 5.10
N LEU D 92 -17.18 -11.28 5.17
CA LEU D 92 -18.34 -12.03 5.60
C LEU D 92 -18.08 -12.54 7.02
N GLY D 93 -19.14 -12.78 7.78
CA GLY D 93 -18.97 -13.40 9.09
C GLY D 93 -18.54 -12.43 10.17
N PRO D 94 -18.28 -12.96 11.37
CA PRO D 94 -17.97 -12.16 12.57
C PRO D 94 -16.50 -11.76 12.63
N ILE D 95 -16.17 -10.76 13.44
CA ILE D 95 -14.80 -10.46 13.84
C ILE D 95 -14.52 -11.16 15.17
N ALA D 96 -13.41 -11.89 15.25
CA ALA D 96 -12.99 -12.46 16.52
C ALA D 96 -11.69 -11.81 17.00
N LEU D 97 -11.66 -11.37 18.25
CA LEU D 97 -10.47 -10.81 18.88
C LEU D 97 -10.02 -11.75 20.01
N THR D 98 -8.75 -12.12 20.05
CA THR D 98 -8.36 -13.17 20.99
C THR D 98 -6.87 -13.09 21.33
N GLY D 99 -6.37 -14.03 22.12
CA GLY D 99 -4.95 -14.08 22.43
C GLY D 99 -4.19 -14.81 21.32
N THR D 100 -2.92 -14.46 21.14
CA THR D 100 -2.11 -14.96 20.04
C THR D 100 -2.12 -16.48 19.87
N GLY D 101 -2.05 -17.20 20.99
CA GLY D 101 -2.01 -18.65 20.97
C GLY D 101 -3.28 -19.34 20.50
N ASN D 102 -4.37 -18.57 20.42
CA ASN D 102 -5.71 -19.12 20.12
C ASN D 102 -6.15 -18.95 18.67
N VAL D 103 -5.35 -18.24 17.87
CA VAL D 103 -5.80 -17.81 16.54
C VAL D 103 -6.29 -18.95 15.65
N GLY D 104 -5.48 -20.01 15.52
CA GLY D 104 -5.80 -21.15 14.67
C GLY D 104 -7.04 -21.90 15.15
N LEU D 105 -7.12 -22.13 16.45
CA LEU D 105 -8.32 -22.74 17.05
C LEU D 105 -9.59 -21.94 16.74
N VAL D 106 -9.50 -20.63 16.91
CA VAL D 106 -10.65 -19.76 16.65
C VAL D 106 -11.04 -19.79 15.18
N HIS D 107 -10.05 -19.72 14.30
CA HIS D 107 -10.25 -19.73 12.85
C HIS D 107 -11.02 -20.99 12.42
N GLN D 108 -10.55 -22.16 12.85
CA GLN D 108 -11.24 -23.42 12.52
C GLN D 108 -12.60 -23.54 13.19
N SER D 109 -12.71 -23.05 14.42
CA SER D 109 -14.00 -23.10 15.11
C SER D 109 -15.07 -22.27 14.37
N MET D 110 -14.66 -21.15 13.79
CA MET D 110 -15.63 -20.32 13.08
C MET D 110 -16.16 -21.05 11.85
N MET D 111 -15.27 -21.76 11.16
CA MET D 111 -15.71 -22.62 10.05
C MET D 111 -16.70 -23.68 10.52
N ASP D 112 -16.34 -24.41 11.58
CA ASP D 112 -17.20 -25.46 12.16
C ASP D 112 -18.58 -24.92 12.54
N TRP D 113 -18.60 -23.73 13.13
CA TRP D 113 -19.85 -23.07 13.54
C TRP D 113 -20.80 -22.89 12.34
N SER D 114 -20.27 -22.60 11.16
CA SER D 114 -21.11 -22.39 9.98
C SER D 114 -21.77 -23.67 9.45
N VAL D 115 -21.13 -24.82 9.68
CA VAL D 115 -21.67 -26.09 9.18
C VAL D 115 -23.00 -26.42 9.85
N GLY D 116 -24.05 -26.54 9.05
CA GLY D 116 -25.39 -26.79 9.58
C GLY D 116 -26.21 -25.54 9.82
N LYS D 117 -25.54 -24.38 9.85
CA LYS D 117 -26.23 -23.10 10.03
C LYS D 117 -26.37 -22.38 8.70
N VAL D 118 -25.42 -22.63 7.82
CA VAL D 118 -25.38 -21.99 6.52
C VAL D 118 -25.70 -23.01 5.44
N PRO D 119 -26.53 -22.63 4.45
CA PRO D 119 -26.86 -23.51 3.33
C PRO D 119 -25.60 -23.98 2.61
N GLU D 120 -25.56 -25.26 2.24
CA GLU D 120 -24.36 -25.85 1.66
C GLU D 120 -23.79 -25.02 0.51
N GLU D 121 -24.67 -24.37 -0.23
CA GLU D 121 -24.29 -23.61 -1.42
C GLU D 121 -23.54 -22.33 -1.04
N ALA D 122 -23.72 -21.89 0.19
CA ALA D 122 -23.13 -20.64 0.66
C ALA D 122 -21.96 -20.87 1.59
N LEU D 123 -21.60 -22.13 1.82
CA LEU D 123 -20.55 -22.43 2.79
C LEU D 123 -19.19 -21.85 2.42
N PHE D 124 -18.90 -21.71 1.13
CA PHE D 124 -17.60 -21.21 0.67
CA PHE D 124 -17.58 -21.24 0.75
C PHE D 124 -17.37 -19.78 1.13
N SER D 125 -18.46 -19.05 1.36
CA SER D 125 -18.37 -17.67 1.81
C SER D 125 -17.94 -17.57 3.29
N ARG D 126 -17.88 -18.72 3.96
CA ARG D 126 -17.50 -18.77 5.38
C ARG D 126 -16.05 -19.23 5.57
N LEU D 127 -15.29 -19.27 4.49
CA LEU D 127 -13.96 -19.87 4.50
C LEU D 127 -12.80 -18.90 4.74
N LEU D 128 -13.11 -17.61 4.87
CA LEU D 128 -12.08 -16.61 5.18
C LEU D 128 -12.43 -15.86 6.47
N PRO D 129 -12.53 -16.58 7.59
CA PRO D 129 -12.89 -15.91 8.85
C PRO D 129 -11.90 -14.85 9.28
N VAL D 130 -12.43 -13.88 10.02
CA VAL D 130 -11.65 -12.72 10.46
C VAL D 130 -11.26 -12.88 11.94
N VAL D 131 -9.98 -13.13 12.19
CA VAL D 131 -9.49 -13.40 13.55
C VAL D 131 -8.24 -12.58 13.84
N ALA D 132 -8.23 -11.84 14.95
CA ALA D 132 -7.10 -10.98 15.29
C ALA D 132 -6.59 -11.23 16.72
N GLU D 133 -5.32 -10.86 16.98
CA GLU D 133 -4.69 -11.21 18.27
C GLU D 133 -3.86 -10.12 18.92
N THR D 134 -3.74 -10.21 20.25
CA THR D 134 -2.66 -9.60 21.03
C THR D 134 -2.15 -10.67 22.01
N LEU D 135 -0.96 -10.50 22.54
CA LEU D 135 -0.31 -11.57 23.30
C LEU D 135 -0.46 -11.42 24.80
N ASP D 136 -1.10 -12.41 25.44
CA ASP D 136 -1.28 -12.42 26.90
C ASP D 136 -0.20 -13.23 27.64
N ASN D 137 1.05 -13.05 27.23
CA ASN D 137 2.15 -13.93 27.69
C ASN D 137 2.56 -13.77 29.15
N ARG D 138 2.29 -12.61 29.74
CA ARG D 138 2.70 -12.41 31.13
C ARG D 138 1.73 -13.07 32.13
N LEU D 139 0.46 -13.15 31.75
CA LEU D 139 -0.58 -13.65 32.66
C LEU D 139 -1.17 -15.02 32.30
N ASN D 140 -0.89 -15.48 31.08
CA ASN D 140 -1.58 -16.64 30.49
C ASN D 140 -0.62 -17.70 29.96
N ASP D 141 -1.00 -18.97 30.12
CA ASP D 141 -0.30 -20.08 29.45
C ASP D 141 -0.67 -20.08 27.97
N VAL D 142 0.04 -19.27 27.19
CA VAL D 142 -0.28 -19.01 25.78
C VAL D 142 -0.36 -20.24 24.88
N PHE D 143 0.61 -21.15 25.01
CA PHE D 143 0.68 -22.35 24.16
C PHE D 143 -0.15 -23.54 24.69
N GLY D 144 -0.81 -23.35 25.83
CA GLY D 144 -1.38 -24.47 26.58
C GLY D 144 -2.78 -24.95 26.27
N HIS D 145 -3.31 -24.54 25.11
CA HIS D 145 -4.67 -24.91 24.66
C HIS D 145 -5.75 -24.66 25.71
N GLY D 146 -5.74 -23.50 26.35
CA GLY D 146 -6.74 -23.17 27.34
C GLY D 146 -8.10 -22.83 26.74
N LEU D 147 -8.10 -22.35 25.50
CA LEU D 147 -9.35 -22.02 24.80
C LEU D 147 -9.88 -23.20 23.97
N THR D 148 -11.15 -23.54 24.14
CA THR D 148 -11.74 -24.66 23.41
C THR D 148 -12.74 -24.20 22.36
N ARG D 149 -13.09 -25.09 21.44
CA ARG D 149 -14.12 -24.79 20.46
C ARG D 149 -15.43 -24.41 21.12
N ASP D 150 -15.78 -25.11 22.22
CA ASP D 150 -17.00 -24.78 22.96
C ASP D 150 -16.99 -23.33 23.46
N HIS D 151 -15.84 -22.89 23.98
CA HIS D 151 -15.67 -21.48 24.36
C HIS D 151 -16.00 -20.54 23.19
N VAL D 152 -15.54 -20.88 22.00
CA VAL D 152 -15.75 -20.03 20.84
C VAL D 152 -17.22 -20.03 20.42
N PHE D 153 -17.84 -21.21 20.40
CA PHE D 153 -19.28 -21.33 20.11
C PHE D 153 -20.11 -20.49 21.08
N ALA D 154 -19.74 -20.50 22.36
CA ALA D 154 -20.50 -19.78 23.37
C ALA D 154 -20.51 -18.27 23.10
N ALA D 155 -19.37 -17.73 22.66
CA ALA D 155 -19.28 -16.31 22.34
C ALA D 155 -20.04 -15.97 21.06
N LEU D 156 -19.97 -16.86 20.07
CA LEU D 156 -20.68 -16.67 18.82
C LEU D 156 -22.19 -16.66 19.06
N ASP D 157 -22.65 -17.64 19.83
CA ASP D 157 -24.08 -17.82 20.08
C ASP D 157 -24.63 -16.91 21.13
N GLY D 158 -23.79 -16.45 22.06
CA GLY D 158 -24.24 -15.61 23.16
C GLY D 158 -24.18 -14.12 22.89
N ALA D 159 -23.54 -13.72 21.79
CA ALA D 159 -23.41 -12.30 21.46
C ALA D 159 -24.77 -11.62 21.39
N LYS D 160 -24.82 -10.37 21.83
CA LYS D 160 -26.07 -9.61 21.80
C LYS D 160 -25.82 -8.12 21.70
N GLY D 161 -26.88 -7.38 21.39
CA GLY D 161 -26.82 -5.93 21.42
C GLY D 161 -26.87 -5.45 22.86
N GLY D 162 -27.12 -4.15 23.04
CA GLY D 162 -27.17 -3.57 24.38
C GLY D 162 -25.80 -3.30 24.96
N PRO D 163 -25.74 -3.05 26.28
CA PRO D 163 -24.47 -2.68 26.92
C PRO D 163 -23.39 -3.73 26.75
N VAL D 164 -22.15 -3.29 26.56
CA VAL D 164 -21.02 -4.18 26.34
C VAL D 164 -20.12 -4.27 27.56
N ALA D 165 -19.87 -5.48 28.05
CA ALA D 165 -18.95 -5.66 29.17
C ALA D 165 -17.54 -5.28 28.76
N GLU D 166 -16.85 -4.55 29.66
CA GLU D 166 -15.48 -4.08 29.42
C GLU D 166 -14.53 -4.68 30.46
N GLY D 167 -13.23 -4.43 30.29
CA GLY D 167 -12.25 -4.88 31.27
C GLY D 167 -11.66 -6.25 30.99
N ASN D 168 -11.52 -7.07 32.03
CA ASN D 168 -10.83 -8.34 31.91
C ASN D 168 -11.76 -9.42 31.39
N VAL D 169 -12.25 -9.24 30.15
CA VAL D 169 -13.21 -10.15 29.57
C VAL D 169 -12.84 -10.57 28.15
N GLY D 170 -13.32 -11.73 27.74
CA GLY D 170 -13.12 -12.21 26.39
C GLY D 170 -11.66 -12.15 25.96
N GLY D 171 -11.41 -11.61 24.78
CA GLY D 171 -10.05 -11.52 24.25
C GLY D 171 -9.11 -10.69 25.09
N GLY D 172 -9.65 -9.76 25.88
CA GLY D 172 -8.81 -8.86 26.66
C GLY D 172 -8.43 -9.40 28.03
N THR D 173 -8.93 -10.58 28.37
CA THR D 173 -8.83 -11.13 29.73
C THR D 173 -7.45 -11.02 30.37
N GLY D 174 -6.42 -11.48 29.65
CA GLY D 174 -5.06 -11.50 30.18
C GLY D 174 -4.12 -10.41 29.67
N MET D 175 -4.67 -9.29 29.20
CA MET D 175 -3.83 -8.25 28.57
C MET D 175 -3.32 -7.16 29.53
N ILE D 176 -2.32 -6.40 29.07
CA ILE D 176 -1.65 -5.38 29.88
C ILE D 176 -1.45 -4.14 29.01
N ALA D 177 -1.89 -2.98 29.49
CA ALA D 177 -1.83 -1.74 28.73
C ALA D 177 -1.31 -0.59 29.58
N TYR D 178 -0.31 0.12 29.07
CA TYR D 178 0.32 1.23 29.79
C TYR D 178 0.87 0.79 31.16
N THR D 179 1.32 -0.46 31.24
CA THR D 179 1.88 -1.03 32.48
C THR D 179 0.80 -1.20 33.57
N PHE D 180 -0.45 -0.94 33.22
CA PHE D 180 -1.60 -1.27 34.07
C PHE D 180 -2.34 -2.47 33.48
N LYS D 181 -3.44 -2.89 34.09
CA LYS D 181 -4.20 -4.01 33.52
C LYS D 181 -4.83 -3.57 32.20
N GLY D 182 -4.65 -4.40 31.15
CA GLY D 182 -5.25 -4.14 29.86
C GLY D 182 -6.57 -4.88 29.72
N GLY D 183 -7.18 -4.85 28.54
CA GLY D 183 -8.45 -5.53 28.35
C GLY D 183 -9.30 -4.94 27.24
N ILE D 184 -10.62 -5.03 27.40
CA ILE D 184 -11.57 -4.50 26.41
C ILE D 184 -12.09 -3.12 26.83
N GLY D 185 -12.21 -2.21 25.87
CA GLY D 185 -12.80 -0.91 26.12
C GLY D 185 -13.69 -0.54 24.94
N THR D 186 -14.70 0.29 25.17
CA THR D 186 -15.61 0.68 24.09
C THR D 186 -16.19 2.08 24.31
N SER D 187 -16.55 2.74 23.21
CA SER D 187 -17.11 4.09 23.28
C SER D 187 -17.80 4.40 21.95
N SER D 188 -18.61 5.44 21.92
CA SER D 188 -19.27 5.83 20.67
C SER D 188 -19.43 7.33 20.57
N ARG D 189 -19.66 7.80 19.34
CA ARG D 189 -19.97 9.20 19.08
C ARG D 189 -21.14 9.31 18.11
N VAL D 190 -22.08 10.20 18.43
CA VAL D 190 -23.12 10.59 17.49
C VAL D 190 -22.68 11.90 16.84
N VAL D 191 -22.55 11.91 15.51
CA VAL D 191 -21.99 13.09 14.81
C VAL D 191 -22.97 13.74 13.85
N SER D 192 -22.78 15.05 13.61
CA SER D 192 -23.66 15.84 12.76
C SER D 192 -23.03 16.20 11.41
N ALA D 193 -23.73 15.87 10.34
CA ALA D 193 -23.39 16.31 8.98
C ALA D 193 -24.57 17.07 8.36
N GLY D 194 -24.72 18.34 8.72
CA GLY D 194 -25.85 19.12 8.27
C GLY D 194 -27.11 18.71 9.00
N ASP D 195 -28.07 18.16 8.27
CA ASP D 195 -29.32 17.67 8.86
C ASP D 195 -29.23 16.18 9.19
N THR D 196 -28.19 15.53 8.69
CA THR D 196 -28.03 14.10 8.90
C THR D 196 -27.16 13.78 10.11
N ARG D 197 -27.53 12.73 10.85
CA ARG D 197 -26.70 12.25 11.94
C ARG D 197 -26.30 10.80 11.73
N TYR D 198 -25.07 10.49 12.12
CA TYR D 198 -24.54 9.14 12.03
C TYR D 198 -23.91 8.76 13.37
N THR D 199 -23.79 7.47 13.62
CA THR D 199 -23.10 6.97 14.81
C THR D 199 -21.80 6.29 14.43
N VAL D 200 -20.74 6.62 15.16
CA VAL D 200 -19.46 5.96 15.05
C VAL D 200 -19.18 5.21 16.35
N GLY D 201 -19.06 3.89 16.25
CA GLY D 201 -18.78 3.07 17.43
C GLY D 201 -17.40 2.44 17.38
N VAL D 202 -16.75 2.34 18.54
CA VAL D 202 -15.39 1.80 18.64
C VAL D 202 -15.26 0.80 19.79
N LEU D 203 -14.68 -0.36 19.48
CA LEU D 203 -14.27 -1.32 20.51
C LEU D 203 -12.77 -1.60 20.37
N VAL D 204 -12.05 -1.59 21.49
CA VAL D 204 -10.62 -1.92 21.47
C VAL D 204 -10.28 -3.13 22.36
N GLN D 205 -9.27 -3.88 21.92
CA GLN D 205 -8.58 -4.83 22.78
C GLN D 205 -7.16 -4.28 22.96
N ALA D 206 -6.90 -3.72 24.14
CA ALA D 206 -5.68 -2.97 24.43
C ALA D 206 -4.63 -3.79 25.17
N ASN D 207 -3.43 -3.83 24.61
CA ASN D 207 -2.29 -4.57 25.17
C ASN D 207 -1.02 -3.78 24.86
N HIS D 208 -1.12 -2.46 24.85
CA HIS D 208 -0.06 -1.59 24.33
C HIS D 208 0.37 -0.52 25.32
N GLY D 209 1.49 0.13 25.04
CA GLY D 209 1.86 1.36 25.72
C GLY D 209 2.65 1.22 27.02
N ASP D 210 3.24 2.34 27.44
CA ASP D 210 4.03 2.39 28.68
C ASP D 210 3.43 3.42 29.61
N ARG D 211 3.46 3.12 30.91
CA ARG D 211 2.90 4.01 31.93
C ARG D 211 3.46 5.42 31.85
N ASN D 212 4.76 5.54 31.58
CA ASN D 212 5.37 6.87 31.55
C ASN D 212 4.95 7.74 30.36
N ASP D 213 4.31 7.14 29.35
CA ASP D 213 3.82 7.88 28.19
C ASP D 213 2.33 8.20 28.27
N LEU D 214 1.60 7.46 29.10
CA LEU D 214 0.14 7.56 29.12
C LEU D 214 -0.37 8.97 29.40
N ARG D 215 -1.28 9.44 28.57
CA ARG D 215 -2.02 10.67 28.83
C ARG D 215 -3.50 10.34 28.93
N ILE D 216 -4.16 10.91 29.94
CA ILE D 216 -5.62 10.80 30.03
C ILE D 216 -6.18 12.22 30.05
N ALA D 217 -7.04 12.53 29.08
CA ALA D 217 -7.48 13.91 28.90
C ALA D 217 -6.28 14.86 28.86
N GLY D 218 -5.23 14.44 28.18
CA GLY D 218 -4.06 15.30 27.99
C GLY D 218 -3.11 15.35 29.18
N VAL D 219 -3.49 14.77 30.30
CA VAL D 219 -2.65 14.76 31.49
C VAL D 219 -1.67 13.58 31.48
N GLN D 220 -0.38 13.87 31.56
CA GLN D 220 0.63 12.83 31.65
C GLN D 220 0.59 12.27 33.07
N ILE D 221 -0.08 11.15 33.24
CA ILE D 221 -0.59 10.78 34.55
C ILE D 221 0.20 9.68 35.27
N GLY D 222 1.05 8.97 34.53
CA GLY D 222 1.81 7.87 35.09
C GLY D 222 2.64 8.25 36.32
N LYS D 223 3.21 9.44 36.31
CA LYS D 223 4.04 9.92 37.41
C LYS D 223 3.22 10.53 38.55
N GLU D 224 1.92 10.73 38.32
CA GLU D 224 1.04 11.30 39.33
C GLU D 224 0.43 10.21 40.21
N ILE D 225 0.32 9.00 39.66
CA ILE D 225 -0.19 7.88 40.41
C ILE D 225 0.93 7.27 41.22
N LYS D 226 0.62 6.91 42.47
CA LYS D 226 1.62 6.31 43.35
C LYS D 226 1.35 4.81 43.50
N GLY D 227 2.42 4.02 43.41
CA GLY D 227 2.29 2.58 43.49
C GLY D 227 1.60 2.01 42.26
N ALA D 228 0.97 0.85 42.42
CA ALA D 228 0.26 0.16 41.33
C ALA D 228 1.17 -0.40 40.22
N TRP D 229 2.47 -0.49 40.47
CA TRP D 229 3.40 -1.07 39.50
C TRP D 229 3.27 -2.59 39.51
N PRO D 230 3.57 -3.25 38.38
CA PRO D 230 3.41 -4.70 38.33
C PRO D 230 4.41 -5.42 39.23
N GLU D 231 4.04 -6.63 39.64
CA GLU D 231 4.91 -7.48 40.47
C GLU D 231 5.11 -8.84 39.81
N VAL D 232 6.36 -9.25 39.66
CA VAL D 232 6.69 -10.50 38.97
C VAL D 232 7.51 -11.44 39.85
N ILE D 235 8.05 -8.87 44.04
CA ILE D 235 9.16 -8.10 43.47
C ILE D 235 8.71 -7.17 42.33
N VAL D 236 8.60 -5.88 42.65
CA VAL D 236 8.20 -4.87 41.68
C VAL D 236 9.01 -5.03 40.39
N ALA D 237 8.33 -5.01 39.25
CA ALA D 237 8.97 -5.33 37.97
C ALA D 237 9.16 -4.12 37.06
N ALA D 238 8.78 -2.94 37.54
CA ALA D 238 8.88 -1.73 36.74
C ALA D 238 8.75 -0.52 37.62
N GLY D 239 9.06 0.65 37.06
CA GLY D 239 8.96 1.89 37.80
C GLY D 239 10.20 2.17 38.61
N PRO D 240 10.16 3.24 39.42
CA PRO D 240 11.31 3.68 40.22
C PRO D 240 11.77 2.63 41.23
N ASP D 241 10.86 1.76 41.65
CA ASP D 241 11.18 0.76 42.67
C ASP D 241 11.40 -0.64 42.11
N ALA D 242 11.62 -0.74 40.80
CA ALA D 242 11.84 -2.03 40.17
C ALA D 242 13.00 -2.77 40.83
N GLY D 243 12.71 -3.96 41.34
CA GLY D 243 13.73 -4.76 42.01
C GLY D 243 13.45 -4.97 43.48
N LYS D 244 12.40 -4.33 43.99
CA LYS D 244 12.05 -4.43 45.39
C LYS D 244 10.80 -5.29 45.60
N SER D 250 0.60 -4.21 21.75
CA SER D 250 -0.36 -4.48 20.68
C SER D 250 -1.75 -3.92 21.01
N LEU D 251 -2.51 -3.61 19.96
CA LEU D 251 -3.78 -2.94 20.10
C LEU D 251 -4.66 -3.20 18.88
N LEU D 252 -5.88 -3.71 19.11
CA LEU D 252 -6.83 -3.99 18.05
C LEU D 252 -8.00 -3.03 18.17
N ILE D 253 -8.28 -2.31 17.07
CA ILE D 253 -9.33 -1.29 17.05
C ILE D 253 -10.39 -1.65 16.01
N VAL D 254 -11.64 -1.80 16.46
CA VAL D 254 -12.75 -2.08 15.55
C VAL D 254 -13.69 -0.89 15.54
N ILE D 255 -14.00 -0.41 14.34
CA ILE D 255 -14.82 0.77 14.14
C ILE D 255 -16.06 0.38 13.37
N ALA D 256 -17.24 0.60 13.95
CA ALA D 256 -18.50 0.44 13.24
C ALA D 256 -19.14 1.81 12.97
N THR D 257 -19.80 1.95 11.82
CA THR D 257 -20.60 3.15 11.55
C THR D 257 -21.85 2.81 10.72
N ASP D 258 -22.95 3.52 10.96
CA ASP D 258 -24.11 3.40 10.07
C ASP D 258 -24.03 4.35 8.86
N ALA D 259 -22.95 5.10 8.73
CA ALA D 259 -22.77 5.97 7.57
C ALA D 259 -22.60 5.07 6.35
N PRO D 260 -23.27 5.41 5.22
CA PRO D 260 -23.16 4.59 4.00
C PRO D 260 -21.87 4.88 3.22
N LEU D 261 -20.75 4.36 3.73
CA LEU D 261 -19.45 4.63 3.15
C LEU D 261 -19.00 3.48 2.22
N MET D 262 -18.31 3.84 1.13
CA MET D 262 -17.65 2.88 0.24
C MET D 262 -16.36 2.36 0.88
N PRO D 263 -15.82 1.23 0.38
CA PRO D 263 -14.63 0.64 1.01
C PRO D 263 -13.44 1.61 1.12
N HIS D 264 -13.13 2.38 0.09
CA HIS D 264 -11.97 3.25 0.16
C HIS D 264 -12.20 4.35 1.21
N GLN D 265 -13.47 4.66 1.49
CA GLN D 265 -13.81 5.68 2.47
C GLN D 265 -13.62 5.12 3.88
N LEU D 266 -13.86 3.82 4.04
CA LEU D 266 -13.71 3.16 5.33
C LEU D 266 -12.23 2.99 5.67
N GLU D 267 -11.38 2.89 4.65
CA GLU D 267 -9.93 2.93 4.90
C GLU D 267 -9.54 4.26 5.52
N ARG D 268 -10.13 5.34 5.02
CA ARG D 268 -9.92 6.67 5.58
C ARG D 268 -10.34 6.71 7.04
N MET D 269 -11.52 6.18 7.35
CA MET D 269 -11.97 6.09 8.74
C MET D 269 -10.95 5.34 9.60
N ALA D 270 -10.50 4.18 9.12
CA ALA D 270 -9.53 3.39 9.89
C ALA D 270 -8.23 4.15 10.16
N ARG D 271 -7.79 4.96 9.19
CA ARG D 271 -6.53 5.69 9.34
C ARG D 271 -6.64 6.81 10.39
N ARG D 272 -7.86 7.14 10.80
CA ARG D 272 -8.04 8.15 11.86
C ARG D 272 -7.76 7.57 13.26
N ALA D 273 -7.82 6.24 13.39
CA ALA D 273 -7.61 5.61 14.70
C ALA D 273 -6.27 6.03 15.30
N ALA D 274 -5.23 6.05 14.48
CA ALA D 274 -3.88 6.43 14.95
C ALA D 274 -3.87 7.78 15.66
N LEU D 275 -4.68 8.72 15.19
CA LEU D 275 -4.71 10.05 15.78
C LEU D 275 -5.31 10.00 17.19
N GLY D 276 -6.34 9.19 17.39
CA GLY D 276 -6.90 8.98 18.72
C GLY D 276 -5.90 8.29 19.65
N VAL D 277 -5.22 7.27 19.13
CA VAL D 277 -4.17 6.61 19.90
C VAL D 277 -3.10 7.61 20.32
N GLY D 278 -2.68 8.45 19.37
CA GLY D 278 -1.64 9.44 19.63
C GLY D 278 -2.00 10.38 20.77
N ARG D 279 -3.27 10.77 20.85
CA ARG D 279 -3.74 11.63 21.94
C ARG D 279 -3.37 11.10 23.31
N ASN D 280 -3.40 9.77 23.45
CA ASN D 280 -3.17 9.14 24.73
C ASN D 280 -1.71 8.77 25.03
N GLY D 281 -0.80 9.17 24.14
CA GLY D 281 0.61 9.19 24.51
C GLY D 281 1.54 8.09 24.01
N SER D 282 1.02 6.94 23.59
CA SER D 282 1.90 5.84 23.19
C SER D 282 2.58 6.11 21.85
N THR D 283 3.66 5.38 21.57
CA THR D 283 4.50 5.67 20.41
C THR D 283 4.70 4.44 19.51
N ALA D 284 3.89 3.41 19.74
CA ALA D 284 3.89 2.16 18.94
C ALA D 284 5.21 1.41 18.98
N GLY D 285 5.34 0.51 19.95
CA GLY D 285 6.57 -0.24 20.12
C GLY D 285 6.87 -1.11 18.91
N ALA D 286 8.14 -1.45 18.76
CA ALA D 286 8.62 -2.25 17.62
C ALA D 286 7.86 -3.56 17.39
N LEU D 287 7.46 -4.24 18.47
CA LEU D 287 6.71 -5.49 18.34
C LEU D 287 5.24 -5.35 18.76
N SER D 288 4.77 -4.11 18.83
CA SER D 288 3.37 -3.86 19.18
C SER D 288 2.51 -3.87 17.91
N GLY D 289 1.72 -4.95 17.75
CA GLY D 289 0.82 -5.09 16.60
C GLY D 289 -0.40 -4.20 16.79
N GLU D 290 -0.41 -3.05 16.11
CA GLU D 290 -1.50 -2.09 16.27
C GLU D 290 -2.23 -1.88 14.94
N PHE D 291 -3.51 -2.27 14.92
CA PHE D 291 -4.29 -2.38 13.68
C PHE D 291 -5.66 -1.75 13.89
N ALA D 292 -6.25 -1.21 12.82
CA ALA D 292 -7.65 -0.77 12.85
C ALA D 292 -8.46 -1.33 11.68
N LEU D 293 -9.74 -1.66 11.93
CA LEU D 293 -10.65 -2.14 10.90
C LEU D 293 -11.98 -1.40 11.04
N ALA D 294 -12.45 -0.79 9.96
CA ALA D 294 -13.72 -0.05 9.93
C ALA D 294 -14.72 -0.72 9.00
N PHE D 295 -15.99 -0.77 9.41
CA PHE D 295 -17.04 -1.30 8.56
C PHE D 295 -18.34 -0.48 8.64
N SER D 296 -19.15 -0.58 7.58
CA SER D 296 -20.43 0.12 7.50
C SER D 296 -21.57 -0.88 7.62
N THR D 297 -22.54 -0.56 8.47
CA THR D 297 -23.71 -1.43 8.65
C THR D 297 -24.86 -1.05 7.71
N SER D 298 -24.68 0.02 6.94
CA SER D 298 -25.73 0.42 5.99
C SER D 298 -25.35 0.14 4.54
N HIS D 299 -24.05 0.08 4.25
CA HIS D 299 -23.58 -0.39 2.94
C HIS D 299 -23.33 -1.88 3.06
N VAL D 300 -24.31 -2.68 2.68
CA VAL D 300 -24.26 -4.13 2.89
C VAL D 300 -24.34 -4.86 1.55
N ILE D 301 -23.73 -6.03 1.48
CA ILE D 301 -23.69 -6.77 0.23
C ILE D 301 -24.30 -8.14 0.41
N PRO D 302 -25.57 -8.30 -0.02
CA PRO D 302 -26.22 -9.60 0.08
C PRO D 302 -25.40 -10.63 -0.66
N LEU D 303 -25.24 -11.81 -0.07
CA LEU D 303 -24.43 -12.85 -0.67
C LEU D 303 -24.94 -13.16 -2.08
N GLY D 304 -24.05 -13.05 -3.06
CA GLY D 304 -24.40 -13.31 -4.45
C GLY D 304 -25.40 -12.32 -5.04
N GLY D 305 -25.58 -11.18 -4.38
CA GLY D 305 -26.59 -10.23 -4.83
C GLY D 305 -26.06 -8.85 -5.17
N LYS D 306 -26.98 -7.90 -5.32
CA LYS D 306 -26.59 -6.52 -5.65
C LYS D 306 -26.28 -5.75 -4.36
N PRO D 307 -25.10 -5.10 -4.30
CA PRO D 307 -24.78 -4.30 -3.12
C PRO D 307 -25.87 -3.26 -2.83
N ARG D 308 -26.11 -3.02 -1.55
CA ARG D 308 -27.12 -2.09 -1.10
C ARG D 308 -26.44 -0.88 -0.51
N LEU D 309 -26.55 0.25 -1.20
CA LEU D 309 -25.95 1.51 -0.77
C LEU D 309 -27.06 2.56 -0.78
N PRO D 310 -27.63 2.87 0.40
CA PRO D 310 -28.85 3.66 0.53
C PRO D 310 -28.67 5.12 0.18
N ALA D 311 -27.44 5.61 0.34
CA ALA D 311 -27.10 6.99 -0.01
C ALA D 311 -25.62 6.98 -0.30
N ILE D 312 -25.11 8.08 -0.83
CA ILE D 312 -23.70 8.10 -1.23
C ILE D 312 -23.07 9.43 -0.82
N ILE D 313 -21.82 9.36 -0.35
CA ILE D 313 -21.15 10.53 0.20
C ILE D 313 -19.91 10.90 -0.63
N ASN D 314 -19.73 12.19 -0.89
CA ASN D 314 -18.58 12.70 -1.63
C ASN D 314 -17.38 12.81 -0.69
N ASP D 315 -16.26 12.22 -1.07
CA ASP D 315 -15.03 12.30 -0.26
C ASP D 315 -14.52 13.72 0.04
N THR D 316 -14.87 14.66 -0.83
CA THR D 316 -14.43 16.05 -0.66
C THR D 316 -15.46 16.89 0.09
N ASP D 317 -16.54 16.27 0.54
CA ASP D 317 -17.56 16.95 1.35
C ASP D 317 -17.05 17.03 2.80
N SER D 318 -16.32 18.10 3.09
CA SER D 318 -15.67 18.26 4.39
C SER D 318 -16.66 18.24 5.57
N GLU D 319 -17.82 18.86 5.41
CA GLU D 319 -18.78 18.91 6.51
C GLU D 319 -19.15 17.49 6.99
N THR D 320 -19.46 16.61 6.05
CA THR D 320 -19.81 15.24 6.41
C THR D 320 -18.61 14.39 6.83
N MET D 321 -17.55 14.39 6.02
CA MET D 321 -16.41 13.52 6.31
C MET D 321 -15.67 13.90 7.60
N ASN D 322 -15.48 15.20 7.82
CA ASN D 322 -14.78 15.65 9.03
C ASN D 322 -15.54 15.26 10.30
N ALA D 323 -16.86 15.32 10.24
CA ALA D 323 -17.68 14.93 11.38
C ALA D 323 -17.43 13.47 11.74
N LEU D 324 -17.39 12.63 10.70
CA LEU D 324 -17.14 11.21 10.86
C LEU D 324 -15.72 10.93 11.36
N PHE D 325 -14.74 11.64 10.81
CA PHE D 325 -13.35 11.46 11.19
C PHE D 325 -13.13 11.84 12.66
N ARG D 326 -13.70 12.97 13.06
CA ARG D 326 -13.55 13.43 14.43
C ARG D 326 -14.21 12.43 15.39
N GLY D 327 -15.34 11.87 14.96
CA GLY D 327 -15.98 10.77 15.68
C GLY D 327 -15.04 9.59 15.95
N VAL D 328 -14.35 9.12 14.92
CA VAL D 328 -13.38 8.05 15.11
C VAL D 328 -12.31 8.44 16.13
N VAL D 329 -11.73 9.63 15.97
CA VAL D 329 -10.64 10.06 16.85
C VAL D 329 -11.09 10.08 18.32
N GLN D 330 -12.22 10.74 18.57
CA GLN D 330 -12.73 10.89 19.93
C GLN D 330 -13.17 9.57 20.57
N ALA D 331 -13.88 8.72 19.82
CA ALA D 331 -14.34 7.43 20.36
C ALA D 331 -13.17 6.48 20.64
N THR D 332 -12.14 6.55 19.81
CA THR D 332 -10.92 5.76 20.04
C THR D 332 -10.24 6.21 21.33
N GLU D 333 -10.04 7.52 21.46
CA GLU D 333 -9.45 8.11 22.67
C GLU D 333 -10.19 7.64 23.93
N GLU D 334 -11.51 7.76 23.92
CA GLU D 334 -12.31 7.38 25.10
C GLU D 334 -12.37 5.87 25.33
N ALA D 335 -12.42 5.08 24.26
CA ALA D 335 -12.47 3.64 24.40
C ALA D 335 -11.22 3.14 25.13
N LEU D 336 -10.08 3.74 24.83
CA LEU D 336 -8.83 3.37 25.49
C LEU D 336 -8.87 3.64 26.99
N VAL D 337 -9.39 4.80 27.37
CA VAL D 337 -9.48 5.14 28.79
C VAL D 337 -10.56 4.30 29.50
N ASN D 338 -11.71 4.10 28.85
CA ASN D 338 -12.74 3.18 29.38
C ASN D 338 -12.19 1.78 29.68
N GLN D 339 -11.31 1.29 28.81
CA GLN D 339 -10.66 0.00 29.05
C GLN D 339 -9.94 0.00 30.39
N LEU D 340 -9.03 0.96 30.58
CA LEU D 340 -8.23 1.04 31.80
C LEU D 340 -9.10 1.04 33.06
N VAL D 341 -10.17 1.83 33.03
CA VAL D 341 -11.03 1.99 34.20
C VAL D 341 -11.84 0.73 34.50
N ALA D 342 -12.21 -0.01 33.46
CA ALA D 342 -12.99 -1.26 33.62
C ALA D 342 -12.15 -2.45 34.09
N SER D 343 -10.85 -2.43 33.78
CA SER D 343 -9.96 -3.54 34.14
C SER D 343 -9.48 -3.51 35.58
N GLU D 344 -9.71 -4.62 36.28
CA GLU D 344 -9.31 -4.75 37.68
C GLU D 344 -7.97 -5.45 37.84
N THR D 345 -7.34 -5.23 38.99
CA THR D 345 -6.12 -5.93 39.36
C THR D 345 -6.29 -7.44 39.19
N MET D 346 -5.27 -8.07 38.59
CA MET D 346 -5.30 -9.50 38.32
C MET D 346 -3.97 -10.18 38.64
N THR D 347 -4.03 -11.34 39.29
CA THR D 347 -2.87 -12.20 39.46
C THR D 347 -3.04 -13.41 38.53
N GLY D 348 -2.00 -13.74 37.77
CA GLY D 348 -2.12 -14.81 36.80
C GLY D 348 -0.97 -15.81 36.85
N ALA D 349 -0.60 -16.31 35.68
CA ALA D 349 0.47 -17.31 35.56
C ALA D 349 1.76 -16.88 36.28
N ASN D 350 2.36 -17.83 37.01
CA ASN D 350 3.60 -17.58 37.76
C ASN D 350 3.45 -16.50 38.83
N ASN D 351 2.20 -16.27 39.25
CA ASN D 351 1.86 -15.26 40.24
C ASN D 351 2.19 -13.83 39.81
N ALA D 352 2.34 -13.62 38.50
CA ALA D 352 2.49 -12.27 37.97
C ALA D 352 1.26 -11.44 38.36
N LYS D 353 1.49 -10.23 38.87
CA LYS D 353 0.40 -9.38 39.31
C LYS D 353 0.41 -8.03 38.58
N VAL D 354 -0.73 -7.68 37.99
CA VAL D 354 -0.86 -6.41 37.27
C VAL D 354 -2.04 -5.62 37.83
N TYR D 355 -1.79 -4.36 38.19
CA TYR D 355 -2.81 -3.53 38.81
C TYR D 355 -3.70 -2.78 37.81
N GLY D 356 -5.00 -2.73 38.12
CA GLY D 356 -5.89 -1.85 37.39
C GLY D 356 -5.53 -0.44 37.81
N ILE D 357 -5.61 0.52 36.89
CA ILE D 357 -5.32 1.90 37.26
C ILE D 357 -6.22 2.29 38.44
N PRO D 358 -5.62 2.79 39.53
CA PRO D 358 -6.36 3.08 40.76
C PRO D 358 -7.46 4.13 40.59
N HIS D 359 -8.71 3.76 40.87
CA HIS D 359 -9.84 4.67 40.68
C HIS D 359 -9.79 5.90 41.58
N ASP D 360 -9.41 5.68 42.84
CA ASP D 360 -9.40 6.77 43.81
C ASP D 360 -8.38 7.86 43.43
N GLN D 361 -7.19 7.45 43.03
CA GLN D 361 -6.17 8.41 42.59
C GLN D 361 -6.55 9.08 41.28
N LEU D 362 -7.07 8.31 40.32
CA LEU D 362 -7.52 8.89 39.06
C LEU D 362 -8.56 10.00 39.24
N ALA D 363 -9.59 9.72 40.04
CA ALA D 363 -10.65 10.70 40.25
C ALA D 363 -10.13 11.93 40.98
N ARG D 364 -9.20 11.72 41.90
CA ARG D 364 -8.57 12.82 42.63
C ARG D 364 -7.76 13.71 41.69
N ILE D 365 -7.01 13.09 40.78
CA ILE D 365 -6.22 13.86 39.83
C ILE D 365 -7.09 14.65 38.86
N MET D 366 -8.16 14.02 38.36
CA MET D 366 -9.07 14.68 37.42
C MET D 366 -9.78 15.86 38.08
N LYS D 367 -10.21 15.69 39.33
CA LYS D 367 -10.83 16.77 40.07
C LYS D 367 -9.88 17.96 40.23
N ALA D 368 -8.62 17.68 40.52
CA ALA D 368 -7.62 18.73 40.66
C ALA D 368 -7.30 19.44 39.33
N ARG D 369 -7.28 18.68 38.23
CA ARG D 369 -6.96 19.25 36.92
CA ARG D 369 -6.95 19.25 36.93
C ARG D 369 -8.17 19.94 36.29
N PHE D 370 -9.35 19.41 36.55
CA PHE D 370 -10.58 19.94 35.96
C PHE D 370 -11.61 20.29 37.04
N PRO D 371 -11.32 21.33 37.83
CA PRO D 371 -12.16 21.74 38.98
C PRO D 371 -13.61 21.99 38.57
#